data_4AL4
#
_entry.id   4AL4
#
_cell.length_a   62.356
_cell.length_b   82.696
_cell.length_c   129.672
_cell.angle_alpha   90.00
_cell.angle_beta   96.49
_cell.angle_gamma   90.00
#
_symmetry.space_group_name_H-M   'P 1 21 1'
#
loop_
_entity.id
_entity.type
_entity.pdbx_description
1 polymer 'L-LACTATE DEHYDROGENASE A CHAIN'
2 non-polymer GLYCEROL
3 non-polymer '2-[[4-[2-[[3-[(2-methyl-1,3-benzothiazol-6-yl)amino]-3-oxidanylidene-propyl]carbamoylamino]ethoxy]phenyl]methyl]propanedioic acid'
4 water water
#
_entity_poly.entity_id   1
_entity_poly.type   'polypeptide(L)'
_entity_poly.pdbx_seq_one_letter_code
;AALKDQLIVNLLKEEQVPQNKITVVGVGAVGMACAISILMKDLADELALVDVIEDKLKGEMMDLQHGSLFLKTPKIVSSK
DYSVTANSKLVIITAGARQQEGESRLNLVQRNVNIFKFIIPNVVKYSPQCKLLIVSNPVDILTYVAWKISGFPKNRVIGS
GCNLDSARFRYLMGERLGVHPLSCHGWVLGEHGDSSVPVWSGVNVAGVSLKSLNPQLGTDADKEQWKDVHKQVVDSAYEV
IKLKGYTSWAIGLSVADLAESIMKNLRRVHPISTMIKGLYGIKEDVFLSVPCILGQNGISDVVKVTLTPDEEARLKKSAD
TLWGIQKELQF
;
_entity_poly.pdbx_strand_id   A,B,C,D
#
# COMPACT_ATOMS: atom_id res chain seq x y z
N ALA A 2 33.09 -6.73 -21.18
CA ALA A 2 31.63 -6.51 -21.21
C ALA A 2 31.23 -5.28 -20.42
N LEU A 3 30.21 -4.58 -20.92
CA LEU A 3 29.68 -3.38 -20.31
C LEU A 3 29.30 -3.65 -18.85
N LYS A 4 28.55 -4.75 -18.61
CA LYS A 4 28.09 -5.18 -17.28
C LYS A 4 29.26 -5.31 -16.30
N ASP A 5 30.40 -5.87 -16.77
CA ASP A 5 31.61 -6.04 -15.96
C ASP A 5 32.41 -4.75 -15.76
N GLN A 6 32.29 -3.76 -16.67
CA GLN A 6 32.96 -2.46 -16.53
C GLN A 6 32.13 -1.62 -15.53
N LEU A 7 30.84 -1.94 -15.42
CA LEU A 7 29.91 -1.21 -14.58
C LEU A 7 29.74 -1.80 -13.15
N ILE A 8 29.57 -3.12 -13.07
CA ILE A 8 29.29 -3.84 -11.85
C ILE A 8 30.33 -4.87 -11.49
N VAL A 9 30.77 -4.86 -10.22
CA VAL A 9 31.67 -5.89 -9.69
C VAL A 9 30.76 -6.92 -9.02
N ASN A 10 30.81 -8.15 -9.52
CA ASN A 10 30.02 -9.24 -8.96
C ASN A 10 30.79 -9.79 -7.76
N LEU A 11 30.10 -9.91 -6.61
CA LEU A 11 30.69 -10.39 -5.36
C LEU A 11 30.02 -11.68 -4.88
N LEU A 12 28.93 -12.07 -5.53
CA LEU A 12 28.14 -13.24 -5.21
C LEU A 12 27.41 -13.68 -6.47
N LYS A 13 27.77 -14.86 -6.99
CA LYS A 13 27.17 -15.40 -8.22
C LYS A 13 25.98 -16.32 -7.91
N GLU A 14 25.77 -16.63 -6.61
CA GLU A 14 24.73 -17.51 -6.08
C GLU A 14 23.32 -17.26 -6.63
N GLU A 15 22.64 -18.35 -7.04
CA GLU A 15 21.27 -18.33 -7.56
C GLU A 15 20.38 -18.99 -6.50
N GLN A 16 19.82 -18.16 -5.58
CA GLN A 16 18.98 -18.61 -4.47
C GLN A 16 17.49 -18.79 -4.79
N VAL A 17 16.86 -19.69 -4.03
CA VAL A 17 15.47 -20.08 -4.15
C VAL A 17 14.56 -18.88 -3.77
N PRO A 18 13.42 -18.65 -4.48
CA PRO A 18 12.50 -17.60 -4.04
C PRO A 18 11.88 -18.03 -2.70
N GLN A 19 11.61 -17.07 -1.82
CA GLN A 19 11.11 -17.34 -0.48
C GLN A 19 9.62 -17.21 -0.32
N ASN A 20 8.97 -16.48 -1.23
CA ASN A 20 7.54 -16.19 -1.19
C ASN A 20 6.98 -16.36 -2.60
N LYS A 21 7.17 -17.55 -3.15
CA LYS A 21 6.69 -17.84 -4.52
C LYS A 21 5.22 -18.27 -4.59
N ILE A 22 4.49 -17.76 -5.62
CA ILE A 22 3.09 -18.11 -5.91
C ILE A 22 2.98 -18.48 -7.39
N THR A 23 2.35 -19.60 -7.62
CA THR A 23 2.06 -20.12 -8.94
C THR A 23 0.55 -19.95 -9.19
N VAL A 24 0.19 -19.55 -10.43
CA VAL A 24 -1.19 -19.51 -10.92
C VAL A 24 -1.25 -20.48 -12.10
N VAL A 25 -2.07 -21.53 -11.95
CA VAL A 25 -2.27 -22.49 -13.03
C VAL A 25 -3.56 -22.02 -13.72
N GLY A 26 -3.44 -21.70 -14.99
CA GLY A 26 -4.55 -21.20 -15.80
C GLY A 26 -4.42 -19.70 -16.01
N VAL A 27 -4.24 -19.30 -17.28
CA VAL A 27 -4.11 -17.89 -17.69
C VAL A 27 -5.37 -17.35 -18.45
N GLY A 28 -6.51 -17.96 -18.13
CA GLY A 28 -7.79 -17.44 -18.57
C GLY A 28 -8.02 -16.12 -17.84
N ALA A 29 -9.17 -15.45 -18.11
CA ALA A 29 -9.49 -14.17 -17.48
C ALA A 29 -9.42 -14.27 -15.95
N VAL A 30 -9.88 -15.41 -15.35
CA VAL A 30 -9.84 -15.61 -13.89
C VAL A 30 -8.39 -15.67 -13.38
N GLY A 31 -7.59 -16.55 -13.97
CA GLY A 31 -6.20 -16.66 -13.57
C GLY A 31 -5.41 -15.37 -13.68
N MET A 32 -5.68 -14.58 -14.74
CA MET A 32 -4.97 -13.30 -14.97
C MET A 32 -5.39 -12.21 -13.98
N ALA A 33 -6.68 -12.23 -13.55
CA ALA A 33 -7.21 -11.33 -12.54
C ALA A 33 -6.59 -11.70 -11.20
N CYS A 34 -6.45 -13.00 -10.88
CA CYS A 34 -5.79 -13.46 -9.65
C CYS A 34 -4.32 -12.95 -9.70
N ALA A 35 -3.59 -13.15 -10.86
CA ALA A 35 -2.20 -12.74 -11.06
C ALA A 35 -1.98 -11.24 -10.89
N ILE A 36 -2.83 -10.42 -11.61
CA ILE A 36 -2.73 -8.97 -11.48
C ILE A 36 -2.95 -8.55 -10.03
N SER A 37 -4.01 -9.07 -9.35
CA SER A 37 -4.33 -8.67 -7.95
C SER A 37 -3.19 -9.03 -6.98
N ILE A 38 -2.59 -10.24 -7.15
CA ILE A 38 -1.49 -10.69 -6.30
C ILE A 38 -0.27 -9.78 -6.47
N LEU A 39 -0.01 -9.39 -7.75
CA LEU A 39 1.06 -8.48 -8.04
C LEU A 39 0.81 -7.09 -7.44
N MET A 40 -0.44 -6.58 -7.50
N MET A 40 -0.43 -6.58 -7.52
CA MET A 40 -0.77 -5.25 -6.97
CA MET A 40 -0.73 -5.25 -6.97
C MET A 40 -0.91 -5.27 -5.43
C MET A 40 -0.62 -5.27 -5.44
N LYS A 41 -0.76 -6.47 -4.84
CA LYS A 41 -0.76 -6.63 -3.36
C LYS A 41 0.61 -6.95 -2.79
N ASP A 42 1.65 -7.02 -3.67
CA ASP A 42 3.06 -7.27 -3.25
C ASP A 42 3.18 -8.54 -2.40
N LEU A 43 2.43 -9.59 -2.78
CA LEU A 43 2.40 -10.81 -1.96
C LEU A 43 3.51 -11.79 -2.22
N ALA A 44 4.17 -11.72 -3.39
CA ALA A 44 5.15 -12.69 -3.82
C ALA A 44 6.46 -12.07 -4.33
N ASP A 45 7.58 -12.82 -4.22
CA ASP A 45 8.89 -12.40 -4.78
C ASP A 45 9.08 -13.02 -6.17
N GLU A 46 8.25 -14.05 -6.48
CA GLU A 46 8.27 -14.70 -7.78
C GLU A 46 6.87 -15.20 -8.08
N LEU A 47 6.39 -14.89 -9.28
CA LEU A 47 5.08 -15.35 -9.74
C LEU A 47 5.33 -16.27 -10.93
N ALA A 48 4.71 -17.47 -10.93
CA ALA A 48 4.82 -18.42 -12.03
C ALA A 48 3.44 -18.65 -12.60
N LEU A 49 3.37 -18.69 -13.93
CA LEU A 49 2.15 -18.94 -14.67
C LEU A 49 2.26 -20.24 -15.48
N VAL A 50 1.20 -21.05 -15.46
CA VAL A 50 1.16 -22.32 -16.19
C VAL A 50 -0.14 -22.43 -16.97
N ASP A 51 -0.06 -22.84 -18.20
CA ASP A 51 -1.24 -23.14 -19.00
C ASP A 51 -0.85 -24.12 -20.10
N VAL A 52 -1.79 -24.53 -20.93
CA VAL A 52 -1.55 -25.45 -22.02
C VAL A 52 -1.44 -24.75 -23.38
N ILE A 53 -1.84 -23.48 -23.50
CA ILE A 53 -1.80 -22.76 -24.79
C ILE A 53 -0.54 -21.90 -24.74
N GLU A 54 0.51 -22.32 -25.47
CA GLU A 54 1.84 -21.67 -25.44
C GLU A 54 1.94 -20.20 -25.79
N ASP A 55 1.38 -19.75 -26.95
CA ASP A 55 1.50 -18.31 -27.32
C ASP A 55 0.81 -17.40 -26.27
N LYS A 56 -0.42 -17.76 -25.89
CA LYS A 56 -1.23 -17.08 -24.90
C LYS A 56 -0.46 -16.94 -23.61
N LEU A 57 0.12 -18.06 -23.12
CA LEU A 57 0.86 -18.11 -21.86
C LEU A 57 2.05 -17.13 -21.86
N LYS A 58 2.84 -17.18 -22.93
CA LYS A 58 4.04 -16.35 -23.12
C LYS A 58 3.67 -14.88 -23.22
N GLY A 59 2.61 -14.59 -23.99
CA GLY A 59 2.10 -13.23 -24.19
C GLY A 59 1.65 -12.62 -22.88
N GLU A 60 0.91 -13.40 -22.05
CA GLU A 60 0.45 -12.90 -20.73
C GLU A 60 1.63 -12.56 -19.82
N MET A 61 2.63 -13.45 -19.78
CA MET A 61 3.87 -13.31 -19.02
C MET A 61 4.63 -12.05 -19.45
N MET A 62 4.79 -11.87 -20.78
CA MET A 62 5.50 -10.71 -21.32
C MET A 62 4.78 -9.44 -20.98
N ASP A 63 3.42 -9.44 -21.08
CA ASP A 63 2.65 -8.24 -20.75
C ASP A 63 2.84 -7.85 -19.28
N LEU A 64 2.88 -8.84 -18.39
CA LEU A 64 3.07 -8.58 -16.94
C LEU A 64 4.50 -8.09 -16.71
N GLN A 65 5.47 -8.77 -17.35
CA GLN A 65 6.91 -8.42 -17.30
C GLN A 65 7.16 -6.95 -17.66
N HIS A 66 6.54 -6.49 -18.72
CA HIS A 66 6.65 -5.10 -19.17
C HIS A 66 6.18 -4.02 -18.18
N GLY A 67 5.37 -4.41 -17.20
CA GLY A 67 4.96 -3.48 -16.15
C GLY A 67 5.80 -3.57 -14.88
N SER A 68 6.96 -4.32 -14.92
CA SER A 68 7.86 -4.54 -13.78
C SER A 68 8.27 -3.27 -13.07
N LEU A 69 8.58 -2.16 -13.84
CA LEU A 69 8.93 -0.86 -13.25
C LEU A 69 7.90 -0.41 -12.18
N PHE A 70 6.62 -0.74 -12.41
CA PHE A 70 5.49 -0.35 -11.56
C PHE A 70 5.17 -1.37 -10.49
N LEU A 71 5.93 -2.47 -10.41
CA LEU A 71 5.67 -3.55 -9.46
C LEU A 71 6.82 -3.80 -8.47
N LYS A 72 6.60 -4.77 -7.56
CA LYS A 72 7.61 -5.14 -6.55
C LYS A 72 7.75 -6.66 -6.52
N THR A 73 7.53 -7.31 -7.68
CA THR A 73 7.64 -8.76 -7.89
C THR A 73 8.72 -8.91 -8.93
N PRO A 74 9.99 -9.10 -8.46
CA PRO A 74 11.13 -9.07 -9.38
C PRO A 74 11.30 -10.19 -10.39
N LYS A 75 10.50 -11.26 -10.33
CA LYS A 75 10.62 -12.39 -11.26
C LYS A 75 9.22 -12.95 -11.59
N ILE A 76 8.84 -12.94 -12.87
CA ILE A 76 7.56 -13.40 -13.36
C ILE A 76 7.96 -14.36 -14.46
N VAL A 77 7.60 -15.65 -14.28
CA VAL A 77 7.97 -16.73 -15.22
C VAL A 77 6.72 -17.50 -15.69
N SER A 78 6.87 -18.26 -16.79
CA SER A 78 5.76 -19.05 -17.34
C SER A 78 6.30 -20.23 -18.12
N SER A 79 5.51 -21.30 -18.17
CA SER A 79 5.82 -22.54 -18.90
C SER A 79 4.64 -23.50 -18.79
N LYS A 80 4.47 -24.36 -19.83
CA LYS A 80 3.55 -25.51 -19.84
C LYS A 80 4.16 -26.58 -18.89
N ASP A 81 5.51 -26.52 -18.68
CA ASP A 81 6.27 -27.46 -17.86
C ASP A 81 6.14 -27.10 -16.39
N TYR A 82 5.70 -28.08 -15.58
CA TYR A 82 5.54 -27.82 -14.14
C TYR A 82 6.80 -27.56 -13.35
N SER A 83 8.00 -27.77 -13.97
CA SER A 83 9.27 -27.47 -13.31
C SER A 83 9.34 -25.97 -12.96
N VAL A 84 8.69 -25.12 -13.77
CA VAL A 84 8.61 -23.68 -13.54
C VAL A 84 7.94 -23.32 -12.18
N THR A 85 7.18 -24.25 -11.59
CA THR A 85 6.42 -24.04 -10.35
C THR A 85 7.18 -24.51 -9.13
N ALA A 86 8.41 -25.07 -9.30
CA ALA A 86 9.17 -25.58 -8.18
C ALA A 86 9.31 -24.53 -7.03
N ASN A 87 9.14 -25.02 -5.78
CA ASN A 87 9.25 -24.31 -4.50
C ASN A 87 8.21 -23.23 -4.33
N SER A 88 6.98 -23.43 -4.86
CA SER A 88 5.96 -22.42 -4.60
C SER A 88 5.43 -22.63 -3.18
N LYS A 89 5.12 -21.54 -2.49
CA LYS A 89 4.50 -21.60 -1.17
C LYS A 89 3.01 -21.85 -1.39
N LEU A 90 2.47 -21.27 -2.48
CA LEU A 90 1.05 -21.32 -2.76
C LEU A 90 0.83 -21.54 -4.22
N VAL A 91 -0.02 -22.52 -4.55
CA VAL A 91 -0.34 -22.84 -5.95
C VAL A 91 -1.83 -22.67 -6.09
N ILE A 92 -2.25 -21.75 -6.97
CA ILE A 92 -3.65 -21.41 -7.18
C ILE A 92 -4.14 -22.09 -8.47
N ILE A 93 -5.17 -22.96 -8.37
CA ILE A 93 -5.64 -23.69 -9.57
C ILE A 93 -6.84 -22.98 -10.19
N THR A 94 -6.65 -22.41 -11.38
CA THR A 94 -7.77 -21.73 -12.05
C THR A 94 -8.06 -22.38 -13.42
N ALA A 95 -7.58 -23.62 -13.63
CA ALA A 95 -7.80 -24.30 -14.90
C ALA A 95 -9.14 -25.02 -14.95
N GLY A 96 -9.68 -25.19 -16.14
CA GLY A 96 -10.90 -25.95 -16.30
C GLY A 96 -11.98 -25.32 -17.15
N ALA A 97 -13.00 -26.12 -17.40
CA ALA A 97 -14.22 -25.70 -18.10
C ALA A 97 -15.02 -24.70 -17.22
N ARG A 98 -15.64 -23.68 -17.85
CA ARG A 98 -16.53 -22.73 -17.17
C ARG A 98 -17.98 -22.97 -17.60
N GLN A 99 -18.95 -22.57 -16.74
CA GLN A 99 -20.34 -22.78 -17.07
C GLN A 99 -20.82 -21.77 -18.06
N GLN A 100 -21.78 -22.22 -18.87
CA GLN A 100 -22.44 -21.35 -19.80
C GLN A 100 -23.46 -20.54 -18.98
N GLU A 101 -24.00 -19.46 -19.58
N GLU A 101 -24.02 -19.52 -19.61
CA GLU A 101 -24.98 -18.51 -19.00
CA GLU A 101 -25.08 -18.72 -19.01
C GLU A 101 -26.02 -19.09 -18.02
C GLU A 101 -26.30 -19.70 -18.95
N GLY A 102 -26.74 -20.13 -18.45
N GLY A 102 -26.80 -19.93 -17.73
CA GLY A 102 -27.79 -20.78 -17.65
CA GLY A 102 -27.93 -20.83 -17.51
C GLY A 102 -27.50 -22.23 -17.29
C GLY A 102 -27.52 -22.27 -17.23
N GLU A 103 -26.22 -22.52 -16.98
CA GLU A 103 -25.72 -23.86 -16.63
C GLU A 103 -25.20 -23.87 -15.19
N SER A 104 -25.52 -24.93 -14.45
CA SER A 104 -25.02 -25.06 -13.08
C SER A 104 -23.50 -25.28 -13.09
N ARG A 105 -22.77 -24.80 -12.03
CA ARG A 105 -21.31 -25.06 -11.86
C ARG A 105 -21.17 -26.57 -11.61
N LEU A 106 -22.22 -27.18 -10.98
CA LEU A 106 -22.23 -28.61 -10.69
C LEU A 106 -22.13 -29.44 -11.91
N ASN A 107 -22.44 -28.86 -13.07
CA ASN A 107 -22.45 -29.53 -14.36
C ASN A 107 -21.07 -29.55 -15.01
N LEU A 108 -20.06 -28.94 -14.38
CA LEU A 108 -18.66 -28.93 -14.88
C LEU A 108 -17.81 -30.06 -14.28
N VAL A 109 -18.36 -30.73 -13.25
CA VAL A 109 -17.70 -31.71 -12.39
C VAL A 109 -16.73 -32.70 -13.09
N GLN A 110 -17.24 -33.53 -13.98
CA GLN A 110 -16.47 -34.52 -14.70
C GLN A 110 -15.35 -33.93 -15.56
N ARG A 111 -15.64 -32.85 -16.34
CA ARG A 111 -14.65 -32.19 -17.18
C ARG A 111 -13.43 -31.71 -16.32
N ASN A 112 -13.72 -31.04 -15.21
CA ASN A 112 -12.71 -30.50 -14.32
C ASN A 112 -11.97 -31.55 -13.47
N VAL A 113 -12.65 -32.67 -13.10
CA VAL A 113 -12.05 -33.82 -12.39
C VAL A 113 -10.97 -34.42 -13.34
N ASN A 114 -11.30 -34.57 -14.63
CA ASN A 114 -10.37 -35.11 -15.65
C ASN A 114 -9.08 -34.28 -15.75
N ILE A 115 -9.22 -32.96 -15.82
CA ILE A 115 -8.14 -31.97 -15.89
C ILE A 115 -7.31 -32.03 -14.56
N PHE A 116 -7.99 -32.17 -13.41
CA PHE A 116 -7.33 -32.21 -12.10
C PHE A 116 -6.47 -33.45 -11.94
N LYS A 117 -6.86 -34.55 -12.62
CA LYS A 117 -6.09 -35.81 -12.63
C LYS A 117 -4.70 -35.60 -13.23
N PHE A 118 -4.54 -34.61 -14.15
CA PHE A 118 -3.23 -34.28 -14.76
C PHE A 118 -2.51 -33.18 -14.00
N ILE A 119 -3.19 -32.07 -13.75
CA ILE A 119 -2.63 -30.92 -13.06
C ILE A 119 -2.08 -31.25 -11.68
N ILE A 120 -2.95 -31.74 -10.76
CA ILE A 120 -2.55 -31.96 -9.34
C ILE A 120 -1.23 -32.75 -9.11
N PRO A 121 -1.03 -33.96 -9.72
CA PRO A 121 0.26 -34.67 -9.51
C PRO A 121 1.45 -33.83 -9.98
N ASN A 122 1.29 -33.05 -11.06
CA ASN A 122 2.39 -32.21 -11.53
C ASN A 122 2.76 -31.08 -10.54
N VAL A 123 1.75 -30.48 -9.87
CA VAL A 123 1.94 -29.41 -8.87
C VAL A 123 2.68 -29.99 -7.67
N VAL A 124 2.20 -31.15 -7.19
CA VAL A 124 2.68 -31.86 -6.00
C VAL A 124 4.14 -32.30 -6.14
N LYS A 125 4.50 -32.78 -7.33
CA LYS A 125 5.85 -33.22 -7.67
C LYS A 125 6.88 -32.09 -7.47
N TYR A 126 6.56 -30.89 -7.93
CA TYR A 126 7.47 -29.74 -7.82
C TYR A 126 7.35 -28.89 -6.55
N SER A 127 6.20 -28.91 -5.85
CA SER A 127 6.06 -28.18 -4.58
C SER A 127 5.29 -29.05 -3.58
N PRO A 128 5.96 -30.13 -3.06
CA PRO A 128 5.26 -31.06 -2.17
C PRO A 128 4.81 -30.51 -0.83
N GLN A 129 5.27 -29.32 -0.49
CA GLN A 129 4.96 -28.65 0.77
C GLN A 129 4.12 -27.40 0.54
N CYS A 130 3.64 -27.19 -0.68
CA CYS A 130 2.83 -25.99 -0.92
C CYS A 130 1.42 -26.11 -0.26
N LYS A 131 0.71 -24.99 -0.23
CA LYS A 131 -0.72 -24.89 0.06
C LYS A 131 -1.40 -24.82 -1.33
N LEU A 132 -2.40 -25.66 -1.53
CA LEU A 132 -3.16 -25.68 -2.77
C LEU A 132 -4.41 -24.87 -2.55
N LEU A 133 -4.62 -23.82 -3.36
CA LEU A 133 -5.84 -22.99 -3.34
C LEU A 133 -6.63 -23.30 -4.61
N ILE A 134 -7.79 -23.95 -4.45
CA ILE A 134 -8.68 -24.35 -5.57
C ILE A 134 -9.72 -23.25 -5.87
N VAL A 135 -9.76 -22.78 -7.13
CA VAL A 135 -10.73 -21.77 -7.57
C VAL A 135 -11.72 -22.35 -8.60
N SER A 136 -11.23 -23.22 -9.51
CA SER A 136 -12.04 -23.87 -10.56
C SER A 136 -13.33 -24.48 -10.00
N ASN A 137 -14.40 -24.41 -10.81
CA ASN A 137 -15.72 -24.89 -10.41
C ASN A 137 -16.07 -26.33 -10.82
N PRO A 138 -16.91 -27.08 -10.03
CA PRO A 138 -17.51 -26.73 -8.72
C PRO A 138 -16.46 -26.78 -7.60
N VAL A 139 -16.02 -25.60 -7.12
CA VAL A 139 -14.96 -25.41 -6.12
C VAL A 139 -14.93 -26.41 -4.94
N ASP A 140 -16.10 -26.64 -4.29
CA ASP A 140 -16.23 -27.51 -3.11
C ASP A 140 -15.87 -28.95 -3.44
N ILE A 141 -16.34 -29.42 -4.58
CA ILE A 141 -16.07 -30.78 -5.02
C ILE A 141 -14.62 -30.91 -5.50
N LEU A 142 -14.15 -29.90 -6.28
CA LEU A 142 -12.76 -29.89 -6.78
C LEU A 142 -11.70 -29.80 -5.67
N THR A 143 -12.05 -29.20 -4.49
CA THR A 143 -11.16 -29.12 -3.31
C THR A 143 -11.02 -30.54 -2.75
N TYR A 144 -12.15 -31.27 -2.66
CA TYR A 144 -12.17 -32.65 -2.19
C TYR A 144 -11.31 -33.52 -3.15
N VAL A 145 -11.51 -33.33 -4.43
CA VAL A 145 -10.82 -34.06 -5.48
C VAL A 145 -9.32 -33.79 -5.41
N ALA A 146 -8.91 -32.50 -5.33
CA ALA A 146 -7.49 -32.11 -5.20
C ALA A 146 -6.85 -32.69 -3.94
N TRP A 147 -7.61 -32.75 -2.83
CA TRP A 147 -7.14 -33.30 -1.55
C TRP A 147 -6.89 -34.80 -1.72
N LYS A 148 -7.84 -35.53 -2.38
CA LYS A 148 -7.72 -36.96 -2.68
C LYS A 148 -6.53 -37.26 -3.58
N ILE A 149 -6.37 -36.51 -4.69
CA ILE A 149 -5.26 -36.69 -5.63
C ILE A 149 -3.89 -36.35 -5.01
N SER A 150 -3.72 -35.14 -4.44
CA SER A 150 -2.47 -34.65 -3.85
C SER A 150 -1.87 -35.53 -2.77
N GLY A 151 -2.74 -36.08 -1.91
CA GLY A 151 -2.33 -36.85 -0.74
C GLY A 151 -1.93 -35.92 0.39
N PHE A 152 -2.17 -34.61 0.22
CA PHE A 152 -1.83 -33.56 1.21
C PHE A 152 -2.70 -33.62 2.45
N PRO A 153 -2.25 -33.15 3.65
CA PRO A 153 -3.20 -33.08 4.78
C PRO A 153 -4.26 -32.00 4.44
N LYS A 154 -5.50 -32.17 4.95
CA LYS A 154 -6.64 -31.29 4.65
C LYS A 154 -6.43 -29.77 4.85
N ASN A 155 -5.57 -29.38 5.84
CA ASN A 155 -5.24 -27.96 6.15
C ASN A 155 -4.63 -27.24 4.94
N ARG A 156 -3.92 -27.98 4.09
CA ARG A 156 -3.23 -27.42 2.93
C ARG A 156 -3.97 -27.46 1.57
N VAL A 157 -5.25 -27.85 1.59
CA VAL A 157 -6.11 -27.93 0.39
C VAL A 157 -7.31 -27.06 0.71
N ILE A 158 -7.28 -25.84 0.17
CA ILE A 158 -8.28 -24.80 0.39
C ILE A 158 -9.07 -24.50 -0.89
N GLY A 159 -10.37 -24.24 -0.72
CA GLY A 159 -11.20 -23.89 -1.87
C GLY A 159 -11.67 -22.47 -1.61
N SER A 160 -11.60 -21.58 -2.65
CA SER A 160 -12.04 -20.18 -2.58
C SER A 160 -13.49 -20.06 -2.08
N GLY A 161 -14.26 -21.12 -2.30
CA GLY A 161 -15.61 -21.27 -1.80
C GLY A 161 -16.45 -20.01 -1.78
N CYS A 162 -17.00 -19.69 -0.59
CA CYS A 162 -17.90 -18.56 -0.37
C CYS A 162 -17.27 -17.26 0.00
N ASN A 163 -15.91 -17.15 -0.11
CA ASN A 163 -15.25 -15.88 0.20
C ASN A 163 -15.90 -14.79 -0.69
N LEU A 164 -16.08 -15.09 -1.99
CA LEU A 164 -16.71 -14.16 -2.92
C LEU A 164 -18.21 -13.94 -2.60
N ASP A 165 -18.98 -15.03 -2.38
CA ASP A 165 -20.42 -14.89 -2.07
C ASP A 165 -20.61 -13.96 -0.90
N SER A 166 -19.76 -14.13 0.15
CA SER A 166 -19.80 -13.27 1.33
C SER A 166 -19.44 -11.80 0.99
N ALA A 167 -18.39 -11.57 0.17
CA ALA A 167 -18.03 -10.22 -0.27
C ALA A 167 -19.21 -9.58 -1.02
N ARG A 168 -19.88 -10.33 -1.96
CA ARG A 168 -21.04 -9.82 -2.70
C ARG A 168 -22.19 -9.47 -1.74
N PHE A 169 -22.49 -10.36 -0.79
CA PHE A 169 -23.52 -10.14 0.24
C PHE A 169 -23.26 -8.84 1.03
N ARG A 170 -22.00 -8.61 1.48
CA ARG A 170 -21.63 -7.40 2.23
C ARG A 170 -21.70 -6.14 1.35
N TYR A 171 -21.36 -6.28 0.05
CA TYR A 171 -21.51 -5.18 -0.90
C TYR A 171 -23.00 -4.77 -1.00
N LEU A 172 -23.89 -5.74 -1.25
CA LEU A 172 -25.32 -5.47 -1.39
C LEU A 172 -25.92 -4.91 -0.08
N MET A 173 -25.52 -5.49 1.07
CA MET A 173 -25.99 -5.08 2.40
C MET A 173 -25.58 -3.63 2.62
N GLY A 174 -24.31 -3.31 2.30
CA GLY A 174 -23.73 -1.98 2.42
C GLY A 174 -24.44 -0.97 1.53
N GLU A 175 -24.76 -1.37 0.28
N GLU A 175 -24.77 -1.39 0.28
CA GLU A 175 -25.48 -0.49 -0.63
CA GLU A 175 -25.49 -0.54 -0.67
C GLU A 175 -26.90 -0.18 -0.08
C GLU A 175 -26.91 -0.20 -0.11
N ARG A 176 -27.57 -1.18 0.53
CA ARG A 176 -28.90 -0.98 1.14
C ARG A 176 -28.79 -0.08 2.41
N LEU A 177 -27.72 -0.25 3.24
CA LEU A 177 -27.54 0.48 4.51
C LEU A 177 -26.78 1.81 4.46
N GLY A 178 -26.09 2.08 3.33
CA GLY A 178 -25.30 3.30 3.13
C GLY A 178 -24.06 3.28 3.99
N VAL A 179 -23.48 2.08 4.13
CA VAL A 179 -22.32 1.82 4.97
C VAL A 179 -21.30 1.07 4.09
N HIS A 180 -19.99 1.31 4.30
CA HIS A 180 -18.97 0.59 3.55
C HIS A 180 -19.09 -0.96 3.81
N PRO A 181 -18.90 -1.88 2.80
CA PRO A 181 -18.98 -3.32 3.12
C PRO A 181 -18.06 -3.80 4.26
N LEU A 182 -16.88 -3.14 4.51
CA LEU A 182 -15.99 -3.49 5.64
C LEU A 182 -16.73 -3.45 7.01
N SER A 183 -17.79 -2.63 7.11
CA SER A 183 -18.55 -2.41 8.34
C SER A 183 -19.94 -3.10 8.37
N CYS A 184 -20.24 -3.88 7.30
CA CYS A 184 -21.48 -4.67 7.16
C CYS A 184 -21.06 -6.13 7.26
N HIS A 185 -21.51 -6.82 8.28
CA HIS A 185 -21.13 -8.22 8.49
C HIS A 185 -22.23 -9.18 8.18
N GLY A 186 -21.87 -10.19 7.39
CA GLY A 186 -22.84 -11.19 6.95
C GLY A 186 -22.11 -12.37 6.36
N TRP A 187 -22.58 -13.60 6.66
CA TRP A 187 -21.91 -14.79 6.16
C TRP A 187 -22.76 -15.61 5.22
N VAL A 188 -22.15 -16.00 4.11
CA VAL A 188 -22.83 -16.88 3.14
C VAL A 188 -22.03 -18.18 3.20
N LEU A 189 -22.68 -19.29 3.59
CA LEU A 189 -21.92 -20.56 3.75
C LEU A 189 -22.41 -21.69 2.82
N GLY A 190 -21.83 -22.88 2.93
CA GLY A 190 -22.22 -24.05 2.13
C GLY A 190 -21.60 -24.07 0.74
N GLU A 191 -22.37 -24.52 -0.26
CA GLU A 191 -21.89 -24.54 -1.64
C GLU A 191 -21.68 -23.13 -2.20
N HIS A 192 -20.54 -22.89 -2.90
CA HIS A 192 -20.34 -21.67 -3.71
C HIS A 192 -21.22 -22.04 -4.96
N GLY A 193 -22.53 -21.79 -4.88
CA GLY A 193 -23.51 -22.17 -5.90
C GLY A 193 -24.92 -21.84 -5.44
N ASP A 194 -25.94 -22.37 -6.18
CA ASP A 194 -27.34 -22.08 -5.89
C ASP A 194 -27.80 -22.50 -4.51
N SER A 195 -27.09 -23.46 -3.83
CA SER A 195 -27.54 -23.94 -2.50
C SER A 195 -26.82 -23.27 -1.32
N SER A 196 -26.13 -22.11 -1.56
CA SER A 196 -25.48 -21.35 -0.49
C SER A 196 -26.47 -20.95 0.59
N VAL A 197 -25.95 -20.70 1.79
CA VAL A 197 -26.76 -20.41 2.95
C VAL A 197 -26.44 -19.03 3.58
N PRO A 198 -27.37 -18.04 3.52
CA PRO A 198 -27.15 -16.78 4.25
C PRO A 198 -27.47 -17.03 5.74
N VAL A 199 -26.55 -16.66 6.60
CA VAL A 199 -26.71 -16.85 8.04
C VAL A 199 -27.25 -15.52 8.61
N TRP A 200 -28.57 -15.34 8.47
CA TRP A 200 -29.30 -14.14 8.90
C TRP A 200 -29.13 -13.87 10.38
N SER A 201 -28.93 -14.94 11.19
CA SER A 201 -28.73 -14.86 12.63
C SER A 201 -27.48 -14.04 12.95
N GLY A 202 -26.46 -14.12 12.08
CA GLY A 202 -25.22 -13.38 12.29
C GLY A 202 -25.05 -12.07 11.53
N VAL A 203 -26.09 -11.61 10.81
CA VAL A 203 -26.02 -10.38 10.01
C VAL A 203 -26.07 -9.12 10.92
N ASN A 204 -25.01 -8.29 10.87
CA ASN A 204 -24.91 -7.14 11.77
C ASN A 204 -24.05 -5.96 11.30
N VAL A 205 -24.32 -4.80 11.92
CA VAL A 205 -23.57 -3.54 11.83
C VAL A 205 -23.23 -3.10 13.26
N ALA A 206 -21.92 -2.98 13.55
CA ALA A 206 -21.36 -2.61 14.85
C ALA A 206 -21.85 -3.54 15.97
N GLY A 207 -22.04 -4.83 15.62
CA GLY A 207 -22.51 -5.79 16.60
C GLY A 207 -24.01 -5.76 16.86
N VAL A 208 -24.75 -4.99 16.06
CA VAL A 208 -26.20 -4.90 16.17
C VAL A 208 -26.84 -5.90 15.20
N SER A 209 -27.50 -6.93 15.76
CA SER A 209 -28.17 -7.97 14.97
C SER A 209 -29.36 -7.40 14.15
N LEU A 210 -29.27 -7.50 12.82
CA LEU A 210 -30.38 -7.06 11.96
C LEU A 210 -31.62 -7.92 12.25
N LYS A 211 -31.43 -9.23 12.54
CA LYS A 211 -32.50 -10.15 12.92
C LYS A 211 -33.20 -9.77 14.26
N SER A 212 -32.48 -9.14 15.20
CA SER A 212 -33.10 -8.69 16.45
C SER A 212 -34.00 -7.46 16.17
N LEU A 213 -33.74 -6.72 15.07
CA LEU A 213 -34.55 -5.58 14.67
C LEU A 213 -35.68 -6.00 13.74
N ASN A 214 -35.48 -7.10 13.02
CA ASN A 214 -36.43 -7.65 12.06
C ASN A 214 -36.46 -9.16 12.23
N PRO A 215 -37.30 -9.68 13.16
CA PRO A 215 -37.32 -11.15 13.41
C PRO A 215 -37.63 -12.01 12.18
N GLN A 216 -38.27 -11.43 11.17
CA GLN A 216 -38.60 -12.16 9.96
C GLN A 216 -37.54 -11.97 8.87
N LEU A 217 -36.37 -11.38 9.21
CA LEU A 217 -35.26 -11.14 8.25
C LEU A 217 -34.87 -12.40 7.48
N GLY A 218 -34.85 -12.30 6.14
CA GLY A 218 -34.47 -13.41 5.27
C GLY A 218 -35.52 -14.47 4.99
N THR A 219 -36.67 -14.41 5.69
CA THR A 219 -37.78 -15.36 5.47
C THR A 219 -38.69 -14.80 4.38
N ASP A 220 -39.62 -15.63 3.86
CA ASP A 220 -40.61 -15.22 2.86
C ASP A 220 -41.55 -14.15 3.44
N ALA A 221 -41.81 -14.23 4.75
CA ALA A 221 -42.62 -13.25 5.49
C ALA A 221 -41.91 -11.88 5.81
N ASP A 222 -40.63 -11.65 5.37
CA ASP A 222 -39.93 -10.37 5.61
C ASP A 222 -40.44 -9.25 4.72
N LYS A 223 -40.97 -8.17 5.37
CA LYS A 223 -41.52 -6.97 4.76
C LYS A 223 -40.57 -6.31 3.75
N GLU A 224 -39.26 -6.25 4.10
CA GLU A 224 -38.20 -5.67 3.27
C GLU A 224 -37.54 -6.66 2.27
N GLN A 225 -38.04 -7.92 2.28
CA GLN A 225 -37.57 -9.01 1.42
C GLN A 225 -36.04 -9.09 1.29
N TRP A 226 -35.33 -9.12 2.46
CA TRP A 226 -33.86 -9.22 2.49
C TRP A 226 -33.36 -10.52 1.88
N LYS A 227 -34.22 -11.58 1.82
CA LYS A 227 -33.91 -12.84 1.13
C LYS A 227 -33.48 -12.54 -0.34
N ASP A 228 -33.97 -11.43 -0.91
CA ASP A 228 -33.63 -11.05 -2.28
C ASP A 228 -32.16 -10.67 -2.39
N VAL A 229 -31.56 -10.15 -1.29
CA VAL A 229 -30.13 -9.86 -1.28
C VAL A 229 -29.36 -11.15 -1.54
N HIS A 230 -29.74 -12.25 -0.84
CA HIS A 230 -29.09 -13.54 -1.04
C HIS A 230 -29.40 -14.10 -2.46
N LYS A 231 -30.61 -13.84 -2.98
CA LYS A 231 -30.94 -14.28 -4.32
C LYS A 231 -30.04 -13.56 -5.31
N GLN A 232 -29.78 -12.25 -5.07
CA GLN A 232 -28.85 -11.50 -5.90
C GLN A 232 -27.40 -12.06 -5.78
N VAL A 233 -27.00 -12.54 -4.57
CA VAL A 233 -25.67 -13.16 -4.39
C VAL A 233 -25.64 -14.46 -5.29
N VAL A 234 -26.66 -15.34 -5.16
CA VAL A 234 -26.78 -16.60 -5.91
C VAL A 234 -26.67 -16.33 -7.44
N ASP A 235 -27.46 -15.38 -7.95
CA ASP A 235 -27.56 -15.05 -9.38
C ASP A 235 -26.38 -14.24 -9.92
N SER A 236 -25.53 -13.73 -9.02
CA SER A 236 -24.40 -12.84 -9.36
C SER A 236 -23.64 -13.25 -10.59
N ALA A 237 -23.01 -14.45 -10.54
CA ALA A 237 -22.23 -14.99 -11.66
C ALA A 237 -23.03 -15.06 -12.93
N TYR A 238 -24.26 -15.60 -12.88
N TYR A 238 -24.28 -15.63 -12.90
CA TYR A 238 -25.14 -15.75 -14.04
CA TYR A 238 -25.15 -15.73 -14.08
C TYR A 238 -25.54 -14.38 -14.66
C TYR A 238 -25.38 -14.33 -14.67
N GLU A 239 -25.76 -13.35 -13.81
CA GLU A 239 -26.08 -11.97 -14.18
C GLU A 239 -24.89 -11.32 -14.96
N VAL A 240 -23.68 -11.45 -14.40
CA VAL A 240 -22.43 -10.93 -14.94
C VAL A 240 -22.05 -11.70 -16.23
N ILE A 241 -22.12 -13.05 -16.22
CA ILE A 241 -21.84 -13.84 -17.45
C ILE A 241 -22.74 -13.38 -18.61
N LYS A 242 -24.03 -13.13 -18.29
CA LYS A 242 -25.02 -12.67 -19.25
C LYS A 242 -24.64 -11.30 -19.87
N LEU A 243 -24.14 -10.38 -19.07
CA LEU A 243 -23.77 -9.04 -19.51
C LEU A 243 -22.39 -8.96 -20.15
N LYS A 244 -21.36 -9.48 -19.48
CA LYS A 244 -20.01 -9.40 -20.01
C LYS A 244 -19.43 -10.68 -20.61
N GLY A 245 -20.10 -11.82 -20.42
CA GLY A 245 -19.63 -13.09 -21.00
C GLY A 245 -18.94 -14.02 -20.03
N TYR A 246 -18.43 -13.46 -18.90
CA TYR A 246 -17.75 -14.23 -17.86
C TYR A 246 -17.59 -13.30 -16.63
N THR A 247 -16.98 -13.81 -15.57
CA THR A 247 -16.63 -12.96 -14.42
C THR A 247 -15.12 -13.09 -14.20
N SER A 248 -14.47 -12.06 -13.61
CA SER A 248 -13.04 -12.12 -13.38
C SER A 248 -12.54 -11.25 -12.20
N TRP A 249 -12.87 -9.94 -12.18
CA TRP A 249 -12.38 -8.99 -11.20
C TRP A 249 -12.72 -9.35 -9.76
N ALA A 250 -13.98 -9.59 -9.47
CA ALA A 250 -14.41 -9.93 -8.11
C ALA A 250 -13.73 -11.21 -7.61
N ILE A 251 -13.74 -12.29 -8.43
CA ILE A 251 -13.02 -13.50 -8.03
C ILE A 251 -11.49 -13.29 -7.84
N GLY A 252 -10.82 -12.53 -8.72
CA GLY A 252 -9.39 -12.21 -8.66
C GLY A 252 -9.04 -11.49 -7.35
N LEU A 253 -9.88 -10.51 -6.95
CA LEU A 253 -9.71 -9.81 -5.65
C LEU A 253 -10.00 -10.77 -4.47
N SER A 254 -11.02 -11.62 -4.61
CA SER A 254 -11.39 -12.60 -3.58
C SER A 254 -10.23 -13.58 -3.37
N VAL A 255 -9.61 -14.06 -4.46
CA VAL A 255 -8.46 -14.96 -4.39
C VAL A 255 -7.21 -14.27 -3.79
N ALA A 256 -6.94 -13.02 -4.20
CA ALA A 256 -5.82 -12.25 -3.68
C ALA A 256 -5.97 -12.07 -2.14
N ASP A 257 -7.22 -11.90 -1.67
CA ASP A 257 -7.60 -11.76 -0.25
C ASP A 257 -7.21 -13.02 0.54
N LEU A 258 -7.54 -14.20 0.01
CA LEU A 258 -7.16 -15.47 0.59
C LEU A 258 -5.63 -15.67 0.54
N ALA A 259 -5.00 -15.32 -0.62
CA ALA A 259 -3.54 -15.44 -0.81
C ALA A 259 -2.80 -14.60 0.25
N GLU A 260 -3.34 -13.43 0.59
CA GLU A 260 -2.76 -12.54 1.58
C GLU A 260 -2.78 -13.15 2.98
N SER A 261 -3.92 -13.77 3.38
CA SER A 261 -4.05 -14.40 4.70
C SER A 261 -3.05 -15.56 4.83
N ILE A 262 -2.88 -16.32 3.74
CA ILE A 262 -1.92 -17.41 3.64
C ILE A 262 -0.47 -16.89 3.73
N MET A 263 -0.06 -16.06 2.78
CA MET A 263 1.30 -15.53 2.62
C MET A 263 1.77 -14.72 3.80
N LYS A 264 0.84 -13.98 4.43
CA LYS A 264 1.12 -13.13 5.61
C LYS A 264 0.75 -13.75 6.97
N ASN A 265 0.28 -15.04 7.00
CA ASN A 265 -0.07 -15.75 8.26
C ASN A 265 -1.02 -14.92 9.14
N LEU A 266 -2.00 -14.29 8.50
CA LEU A 266 -2.92 -13.38 9.19
C LEU A 266 -3.83 -14.05 10.18
N ARG A 267 -4.31 -15.29 9.89
CA ARG A 267 -5.24 -16.01 10.78
C ARG A 267 -6.56 -15.21 10.88
N ARG A 268 -6.97 -14.68 9.73
CA ARG A 268 -8.24 -14.00 9.58
C ARG A 268 -9.27 -15.12 9.36
N VAL A 269 -10.54 -14.80 9.52
CA VAL A 269 -11.59 -15.79 9.35
C VAL A 269 -12.25 -15.58 7.97
N HIS A 270 -12.27 -16.63 7.13
CA HIS A 270 -12.86 -16.54 5.79
C HIS A 270 -13.81 -17.72 5.59
N PRO A 271 -14.95 -17.48 4.87
CA PRO A 271 -15.87 -18.59 4.56
C PRO A 271 -15.31 -19.30 3.34
N ILE A 272 -14.59 -20.41 3.57
CA ILE A 272 -13.90 -21.16 2.51
C ILE A 272 -14.12 -22.66 2.61
N SER A 273 -13.98 -23.38 1.47
CA SER A 273 -14.21 -24.83 1.34
C SER A 273 -13.19 -25.66 2.12
N THR A 274 -13.73 -26.45 3.05
CA THR A 274 -12.97 -27.36 3.90
C THR A 274 -13.86 -28.57 4.23
N MET A 275 -13.25 -29.66 4.72
CA MET A 275 -14.04 -30.80 5.14
C MET A 275 -14.91 -30.47 6.36
N ILE A 276 -16.21 -30.79 6.25
CA ILE A 276 -17.17 -30.51 7.32
C ILE A 276 -17.73 -31.75 8.02
N LYS A 277 -17.14 -32.94 7.76
CA LYS A 277 -17.54 -34.22 8.41
C LYS A 277 -17.47 -34.05 9.93
N GLY A 278 -18.57 -34.38 10.60
CA GLY A 278 -18.71 -34.26 12.05
C GLY A 278 -19.48 -33.05 12.52
N LEU A 279 -19.62 -32.02 11.63
CA LEU A 279 -20.36 -30.80 11.96
C LEU A 279 -21.75 -30.79 11.37
N TYR A 280 -22.73 -30.28 12.14
CA TYR A 280 -24.16 -30.16 11.81
C TYR A 280 -24.76 -31.50 11.35
N GLY A 281 -24.35 -32.56 12.05
CA GLY A 281 -24.77 -33.94 11.79
C GLY A 281 -24.36 -34.51 10.45
N ILE A 282 -23.30 -33.92 9.81
CA ILE A 282 -22.79 -34.37 8.50
C ILE A 282 -21.73 -35.48 8.66
N LYS A 283 -22.04 -36.68 8.13
CA LYS A 283 -21.20 -37.86 8.25
C LYS A 283 -20.21 -38.10 7.11
N GLU A 284 -20.54 -37.64 5.88
CA GLU A 284 -19.64 -37.84 4.74
C GLU A 284 -18.49 -36.85 4.59
N ASP A 285 -17.52 -37.17 3.68
CA ASP A 285 -16.33 -36.37 3.36
C ASP A 285 -16.67 -35.16 2.44
N VAL A 286 -17.72 -34.43 2.80
CA VAL A 286 -18.18 -33.25 2.08
C VAL A 286 -17.25 -32.07 2.43
N PHE A 287 -16.93 -31.27 1.44
CA PHE A 287 -16.17 -30.03 1.56
C PHE A 287 -17.16 -28.93 1.20
N LEU A 288 -17.21 -27.87 2.00
CA LEU A 288 -18.08 -26.73 1.70
C LEU A 288 -17.65 -25.56 2.58
N SER A 289 -18.17 -24.36 2.33
CA SER A 289 -17.72 -23.20 3.09
C SER A 289 -18.26 -23.04 4.51
N VAL A 290 -17.32 -22.83 5.44
CA VAL A 290 -17.61 -22.52 6.83
C VAL A 290 -16.53 -21.53 7.20
N PRO A 291 -16.75 -20.66 8.23
CA PRO A 291 -15.69 -19.72 8.63
C PRO A 291 -14.46 -20.46 9.18
N CYS A 292 -13.32 -20.29 8.48
CA CYS A 292 -12.03 -20.91 8.79
C CYS A 292 -10.99 -19.86 9.10
N ILE A 293 -10.12 -20.19 10.03
CA ILE A 293 -8.95 -19.39 10.39
C ILE A 293 -7.87 -19.78 9.36
N LEU A 294 -7.39 -18.78 8.63
CA LEU A 294 -6.48 -18.99 7.49
C LEU A 294 -5.12 -18.35 7.64
N GLY A 295 -4.05 -19.14 7.55
CA GLY A 295 -2.69 -18.60 7.74
C GLY A 295 -1.63 -19.35 6.96
N GLN A 296 -0.38 -19.33 7.51
CA GLN A 296 0.76 -19.97 6.85
C GLN A 296 0.62 -21.47 6.64
N ASN A 297 -0.10 -22.17 7.55
CA ASN A 297 -0.31 -23.61 7.37
C ASN A 297 -1.68 -23.97 6.72
N GLY A 298 -2.30 -22.99 6.09
CA GLY A 298 -3.62 -23.15 5.49
C GLY A 298 -4.68 -23.07 6.58
N ILE A 299 -5.65 -24.00 6.55
CA ILE A 299 -6.77 -24.07 7.52
C ILE A 299 -6.35 -24.78 8.80
N SER A 300 -6.20 -24.02 9.86
CA SER A 300 -5.76 -24.59 11.12
C SER A 300 -6.91 -24.86 12.06
N ASP A 301 -8.01 -24.12 11.87
CA ASP A 301 -9.17 -24.14 12.75
C ASP A 301 -10.42 -23.76 11.99
N VAL A 302 -11.58 -24.15 12.53
CA VAL A 302 -12.90 -23.82 11.99
C VAL A 302 -13.76 -23.19 13.09
N VAL A 303 -14.46 -22.09 12.79
CA VAL A 303 -15.38 -21.44 13.73
C VAL A 303 -16.72 -22.26 13.65
N LYS A 304 -17.27 -22.65 14.81
CA LYS A 304 -18.53 -23.38 14.96
C LYS A 304 -19.66 -22.39 15.03
N VAL A 305 -20.29 -22.16 13.88
CA VAL A 305 -21.38 -21.19 13.75
C VAL A 305 -22.65 -21.79 14.32
N THR A 306 -23.32 -21.05 15.19
CA THR A 306 -24.57 -21.48 15.79
C THR A 306 -25.63 -21.27 14.71
N LEU A 307 -26.20 -22.36 14.26
CA LEU A 307 -27.22 -22.28 13.21
C LEU A 307 -28.61 -22.51 13.80
N THR A 308 -29.60 -21.75 13.31
CA THR A 308 -31.04 -21.92 13.62
C THR A 308 -31.52 -23.24 12.97
N PRO A 309 -32.65 -23.87 13.42
CA PRO A 309 -33.11 -25.10 12.74
C PRO A 309 -33.24 -24.90 11.23
N ASP A 310 -33.78 -23.74 10.79
CA ASP A 310 -33.95 -23.37 9.37
C ASP A 310 -32.60 -23.27 8.62
N GLU A 311 -31.59 -22.50 9.20
CA GLU A 311 -30.24 -22.34 8.63
C GLU A 311 -29.53 -23.70 8.58
N GLU A 312 -29.63 -24.51 9.67
CA GLU A 312 -29.03 -25.85 9.76
C GLU A 312 -29.56 -26.73 8.63
N ALA A 313 -30.90 -26.79 8.49
CA ALA A 313 -31.61 -27.56 7.45
C ALA A 313 -31.09 -27.17 6.07
N ARG A 314 -30.98 -25.85 5.81
CA ARG A 314 -30.45 -25.32 4.54
C ARG A 314 -29.03 -25.78 4.28
N LEU A 315 -28.13 -25.70 5.29
CA LEU A 315 -26.75 -26.17 5.16
C LEU A 315 -26.68 -27.69 4.90
N LYS A 316 -27.56 -28.46 5.59
CA LYS A 316 -27.65 -29.92 5.45
C LYS A 316 -28.04 -30.29 4.02
N LYS A 317 -28.94 -29.49 3.40
CA LYS A 317 -29.43 -29.65 2.03
C LYS A 317 -28.32 -29.37 1.01
N SER A 318 -27.49 -28.33 1.28
CA SER A 318 -26.32 -27.91 0.49
C SER A 318 -25.31 -29.06 0.57
N ALA A 319 -25.01 -29.56 1.80
CA ALA A 319 -24.16 -30.72 2.06
C ALA A 319 -24.69 -31.93 1.29
N ASP A 320 -26.04 -32.14 1.32
CA ASP A 320 -26.73 -33.22 0.65
C ASP A 320 -26.56 -33.15 -0.86
N THR A 321 -26.81 -31.97 -1.48
CA THR A 321 -26.64 -31.74 -2.94
C THR A 321 -25.20 -32.09 -3.40
N LEU A 322 -24.18 -31.65 -2.60
CA LEU A 322 -22.75 -31.88 -2.89
C LEU A 322 -22.34 -33.35 -2.83
N TRP A 323 -22.73 -34.06 -1.77
CA TRP A 323 -22.41 -35.49 -1.64
C TRP A 323 -23.07 -36.34 -2.75
N GLY A 324 -24.28 -35.96 -3.17
CA GLY A 324 -25.02 -36.63 -4.24
C GLY A 324 -24.18 -36.72 -5.50
N ILE A 325 -23.48 -35.61 -5.84
CA ILE A 325 -22.55 -35.52 -6.99
C ILE A 325 -21.24 -36.23 -6.61
N GLN A 326 -20.66 -35.88 -5.43
CA GLN A 326 -19.40 -36.42 -4.93
C GLN A 326 -19.28 -37.95 -4.87
N LYS A 327 -20.29 -38.63 -4.29
CA LYS A 327 -20.36 -40.09 -4.13
C LYS A 327 -20.19 -40.85 -5.45
N GLU A 328 -20.79 -40.32 -6.54
CA GLU A 328 -20.75 -40.90 -7.89
C GLU A 328 -19.35 -40.89 -8.53
N LEU A 329 -18.50 -39.88 -8.20
CA LEU A 329 -17.15 -39.70 -8.74
C LEU A 329 -16.21 -40.91 -8.59
N GLN A 330 -15.36 -41.09 -9.60
CA GLN A 330 -14.32 -42.12 -9.68
C GLN A 330 -13.11 -41.50 -10.38
N PHE A 331 -11.93 -41.54 -9.72
CA PHE A 331 -10.69 -40.96 -10.25
C PHE A 331 -9.45 -41.66 -9.69
N ALA B 2 -38.83 1.14 8.50
CA ALA B 2 -37.71 0.57 7.76
C ALA B 2 -36.55 0.15 8.69
N LEU B 3 -35.82 -0.92 8.27
CA LEU B 3 -34.67 -1.51 8.97
C LEU B 3 -33.52 -0.52 9.12
N LYS B 4 -33.20 0.22 8.03
CA LYS B 4 -32.13 1.22 7.95
C LYS B 4 -32.30 2.34 8.98
N ASP B 5 -33.56 2.80 9.19
CA ASP B 5 -33.88 3.88 10.12
C ASP B 5 -33.95 3.35 11.54
N GLN B 6 -34.29 2.04 11.71
CA GLN B 6 -34.33 1.36 13.01
C GLN B 6 -32.90 1.11 13.50
N LEU B 7 -31.96 0.95 12.55
CA LEU B 7 -30.53 0.69 12.81
C LEU B 7 -29.71 1.99 12.87
N ILE B 8 -29.93 2.90 11.90
CA ILE B 8 -29.15 4.13 11.76
C ILE B 8 -30.01 5.38 11.81
N VAL B 9 -29.57 6.38 12.59
CA VAL B 9 -30.19 7.70 12.67
C VAL B 9 -29.41 8.59 11.71
N ASN B 10 -30.08 9.18 10.72
CA ASN B 10 -29.38 10.11 9.83
C ASN B 10 -29.30 11.44 10.57
N LEU B 11 -28.14 12.09 10.50
CA LEU B 11 -27.93 13.36 11.20
C LEU B 11 -27.55 14.45 10.25
N LEU B 12 -27.21 14.06 9.01
CA LEU B 12 -26.75 14.96 7.98
C LEU B 12 -27.26 14.49 6.61
N LYS B 13 -28.13 15.29 5.98
CA LYS B 13 -28.68 14.95 4.66
C LYS B 13 -27.74 15.40 3.52
N GLU B 14 -27.02 16.52 3.75
CA GLU B 14 -26.07 17.17 2.82
C GLU B 14 -25.37 16.25 1.82
N GLU B 15 -25.92 16.23 0.59
CA GLU B 15 -25.38 15.48 -0.55
C GLU B 15 -24.08 16.18 -1.02
N GLN B 16 -23.03 15.40 -1.33
CA GLN B 16 -21.77 16.02 -1.73
C GLN B 16 -21.12 15.53 -3.01
N VAL B 17 -20.34 16.44 -3.61
CA VAL B 17 -19.54 16.27 -4.82
C VAL B 17 -18.31 15.36 -4.50
N PRO B 18 -17.94 14.40 -5.39
CA PRO B 18 -16.74 13.59 -5.09
C PRO B 18 -15.48 14.48 -5.21
N GLN B 19 -14.48 14.21 -4.38
CA GLN B 19 -13.26 15.01 -4.31
C GLN B 19 -12.11 14.52 -5.20
N ASN B 20 -12.09 13.21 -5.50
CA ASN B 20 -10.98 12.58 -6.22
C ASN B 20 -11.51 11.59 -7.25
N LYS B 21 -12.43 12.04 -8.07
CA LYS B 21 -13.07 11.19 -9.06
C LYS B 21 -12.25 11.01 -10.33
N ILE B 22 -12.22 9.77 -10.80
CA ILE B 22 -11.59 9.38 -12.05
C ILE B 22 -12.67 8.70 -12.93
N THR B 23 -12.62 9.02 -14.23
CA THR B 23 -13.42 8.41 -15.28
C THR B 23 -12.54 7.66 -16.27
N VAL B 24 -12.94 6.43 -16.59
CA VAL B 24 -12.30 5.67 -17.65
C VAL B 24 -13.32 5.56 -18.81
N VAL B 25 -12.99 6.13 -19.98
CA VAL B 25 -13.83 6.00 -21.21
C VAL B 25 -13.27 4.80 -22.02
N GLY B 26 -14.11 3.77 -22.16
CA GLY B 26 -13.80 2.53 -22.84
C GLY B 26 -13.54 1.41 -21.86
N VAL B 27 -14.34 0.32 -21.98
CA VAL B 27 -14.25 -0.88 -21.11
C VAL B 27 -13.70 -2.09 -21.85
N GLY B 28 -12.88 -1.84 -22.87
CA GLY B 28 -12.14 -2.92 -23.51
C GLY B 28 -11.06 -3.36 -22.53
N ALA B 29 -10.21 -4.29 -22.98
CA ALA B 29 -9.11 -4.81 -22.16
C ALA B 29 -8.20 -3.71 -21.53
N VAL B 30 -7.81 -2.68 -22.34
CA VAL B 30 -6.96 -1.56 -21.86
C VAL B 30 -7.71 -0.74 -20.81
N GLY B 31 -8.93 -0.32 -21.15
CA GLY B 31 -9.76 0.42 -20.20
C GLY B 31 -9.91 -0.27 -18.85
N MET B 32 -10.20 -1.59 -18.86
CA MET B 32 -10.38 -2.35 -17.61
C MET B 32 -9.08 -2.60 -16.81
N ALA B 33 -7.95 -2.75 -17.52
CA ALA B 33 -6.61 -2.87 -16.91
C ALA B 33 -6.30 -1.53 -16.19
N CYS B 34 -6.66 -0.37 -16.83
CA CYS B 34 -6.47 0.95 -16.19
C CYS B 34 -7.31 1.01 -14.93
N ALA B 35 -8.61 0.63 -15.03
CA ALA B 35 -9.59 0.66 -13.95
C ALA B 35 -9.14 -0.14 -12.73
N ILE B 36 -8.79 -1.43 -12.95
CA ILE B 36 -8.35 -2.29 -11.84
C ILE B 36 -7.04 -1.80 -11.20
N SER B 37 -6.08 -1.33 -12.03
CA SER B 37 -4.81 -0.75 -11.57
C SER B 37 -5.08 0.47 -10.70
N ILE B 38 -5.93 1.39 -11.17
CA ILE B 38 -6.30 2.59 -10.40
C ILE B 38 -6.97 2.21 -9.09
N LEU B 39 -7.91 1.24 -9.14
CA LEU B 39 -8.60 0.82 -7.91
C LEU B 39 -7.62 0.19 -6.91
N MET B 40 -6.65 -0.60 -7.41
N MET B 40 -6.65 -0.60 -7.41
CA MET B 40 -5.72 -1.27 -6.51
CA MET B 40 -5.67 -1.28 -6.56
C MET B 40 -4.66 -0.33 -5.93
C MET B 40 -4.70 -0.30 -5.90
N LYS B 41 -4.50 0.88 -6.52
CA LYS B 41 -3.57 1.92 -6.01
C LYS B 41 -4.30 2.95 -5.12
N ASP B 42 -5.63 2.77 -4.91
CA ASP B 42 -6.43 3.64 -4.01
C ASP B 42 -6.35 5.09 -4.45
N LEU B 43 -6.47 5.35 -5.75
CA LEU B 43 -6.28 6.72 -6.25
C LEU B 43 -7.53 7.55 -6.25
N ALA B 44 -8.71 6.89 -6.27
CA ALA B 44 -9.99 7.57 -6.42
C ALA B 44 -11.02 7.29 -5.35
N ASP B 45 -11.92 8.27 -5.08
CA ASP B 45 -13.03 8.08 -4.14
C ASP B 45 -14.26 7.64 -4.93
N GLU B 46 -14.19 7.83 -6.26
CA GLU B 46 -15.25 7.42 -7.16
C GLU B 46 -14.65 7.11 -8.50
N LEU B 47 -15.07 5.97 -9.11
CA LEU B 47 -14.64 5.56 -10.46
C LEU B 47 -15.90 5.44 -11.33
N ALA B 48 -15.89 6.11 -12.51
CA ALA B 48 -17.00 6.05 -13.48
C ALA B 48 -16.50 5.40 -14.75
N LEU B 49 -17.33 4.56 -15.34
CA LEU B 49 -16.98 3.89 -16.59
C LEU B 49 -17.99 4.26 -17.69
N VAL B 50 -17.52 4.60 -18.90
CA VAL B 50 -18.38 4.93 -20.04
C VAL B 50 -17.99 4.09 -21.26
N ASP B 51 -19.02 3.59 -21.97
CA ASP B 51 -18.84 2.90 -23.25
C ASP B 51 -20.15 3.00 -24.06
N VAL B 52 -20.17 2.39 -25.23
CA VAL B 52 -21.32 2.37 -26.10
C VAL B 52 -22.02 0.98 -26.06
N ILE B 53 -21.36 -0.07 -25.53
CA ILE B 53 -21.92 -1.41 -25.46
C ILE B 53 -22.44 -1.55 -24.04
N GLU B 54 -23.75 -1.30 -23.87
CA GLU B 54 -24.45 -1.26 -22.58
C GLU B 54 -24.30 -2.47 -21.66
N ASP B 55 -24.51 -3.68 -22.20
CA ASP B 55 -24.38 -4.93 -21.44
C ASP B 55 -22.97 -5.12 -20.93
N LYS B 56 -21.95 -4.99 -21.83
CA LYS B 56 -20.54 -5.13 -21.47
C LYS B 56 -20.19 -4.15 -20.36
N LEU B 57 -20.60 -2.87 -20.52
CA LEU B 57 -20.41 -1.78 -19.60
C LEU B 57 -20.95 -2.12 -18.21
N LYS B 58 -22.24 -2.48 -18.14
CA LYS B 58 -22.91 -2.84 -16.91
C LYS B 58 -22.24 -4.08 -16.26
N GLY B 59 -21.86 -5.07 -17.07
CA GLY B 59 -21.24 -6.31 -16.56
C GLY B 59 -19.88 -6.02 -15.96
N GLU B 60 -19.10 -5.14 -16.61
CA GLU B 60 -17.78 -4.72 -16.09
C GLU B 60 -17.88 -3.97 -14.77
N MET B 61 -18.78 -2.97 -14.71
CA MET B 61 -19.03 -2.20 -13.50
C MET B 61 -19.47 -3.15 -12.35
N MET B 62 -20.37 -4.12 -12.65
CA MET B 62 -20.91 -5.03 -11.64
C MET B 62 -19.80 -5.87 -11.05
N ASP B 63 -18.94 -6.38 -11.94
CA ASP B 63 -17.83 -7.24 -11.55
C ASP B 63 -16.90 -6.47 -10.60
N LEU B 64 -16.58 -5.20 -10.92
CA LEU B 64 -15.74 -4.39 -10.00
C LEU B 64 -16.45 -4.18 -8.67
N GLN B 65 -17.76 -3.83 -8.73
CA GLN B 65 -18.58 -3.56 -7.54
C GLN B 65 -18.54 -4.73 -6.55
N HIS B 66 -18.58 -5.97 -7.09
CA HIS B 66 -18.52 -7.19 -6.28
C HIS B 66 -17.19 -7.36 -5.51
N GLY B 67 -16.15 -6.65 -5.95
CA GLY B 67 -14.87 -6.60 -5.26
C GLY B 67 -14.68 -5.48 -4.25
N SER B 68 -15.71 -4.63 -4.03
CA SER B 68 -15.71 -3.45 -3.14
C SER B 68 -15.20 -3.75 -1.74
N LEU B 69 -15.58 -4.93 -1.16
CA LEU B 69 -15.06 -5.30 0.19
C LEU B 69 -13.53 -5.25 0.26
N PHE B 70 -12.88 -5.56 -0.87
CA PHE B 70 -11.42 -5.69 -0.97
C PHE B 70 -10.76 -4.45 -1.53
N LEU B 71 -11.53 -3.36 -1.68
CA LEU B 71 -11.02 -2.10 -2.18
C LEU B 71 -11.27 -0.93 -1.22
N LYS B 72 -10.88 0.29 -1.61
CA LYS B 72 -11.09 1.52 -0.82
C LYS B 72 -11.62 2.66 -1.75
N THR B 73 -12.50 2.30 -2.70
CA THR B 73 -13.17 3.20 -3.66
C THR B 73 -14.66 2.92 -3.46
N PRO B 74 -15.27 3.75 -2.61
CA PRO B 74 -16.65 3.50 -2.18
C PRO B 74 -17.74 3.66 -3.25
N LYS B 75 -17.41 4.23 -4.43
CA LYS B 75 -18.44 4.40 -5.43
C LYS B 75 -17.89 4.08 -6.84
N ILE B 76 -18.50 3.07 -7.44
CA ILE B 76 -18.19 2.63 -8.81
C ILE B 76 -19.48 2.70 -9.60
N VAL B 77 -19.48 3.54 -10.66
CA VAL B 77 -20.67 3.77 -11.46
C VAL B 77 -20.37 3.67 -12.94
N SER B 78 -21.43 3.46 -13.74
CA SER B 78 -21.23 3.41 -15.17
C SER B 78 -22.48 3.88 -15.91
N SER B 79 -22.28 4.38 -17.13
CA SER B 79 -23.33 4.79 -18.06
C SER B 79 -22.80 5.13 -19.47
N LYS B 80 -23.65 4.92 -20.47
CA LYS B 80 -23.38 5.33 -21.85
C LYS B 80 -23.50 6.90 -21.89
N ASP B 81 -24.23 7.45 -20.90
CA ASP B 81 -24.46 8.86 -20.70
C ASP B 81 -23.31 9.48 -19.94
N TYR B 82 -22.76 10.54 -20.50
CA TYR B 82 -21.63 11.27 -19.93
C TYR B 82 -21.92 12.01 -18.63
N SER B 83 -23.21 12.16 -18.25
CA SER B 83 -23.56 12.81 -16.96
C SER B 83 -22.97 11.98 -15.82
N VAL B 84 -22.82 10.64 -15.99
CA VAL B 84 -22.19 9.79 -14.97
C VAL B 84 -20.73 10.18 -14.63
N THR B 85 -20.07 10.94 -15.51
CA THR B 85 -18.66 11.36 -15.38
C THR B 85 -18.47 12.70 -14.68
N ALA B 86 -19.59 13.37 -14.33
CA ALA B 86 -19.57 14.69 -13.71
C ALA B 86 -18.64 14.79 -12.51
N ASN B 87 -17.93 15.93 -12.41
CA ASN B 87 -17.00 16.25 -11.32
C ASN B 87 -15.76 15.35 -11.27
N SER B 88 -15.30 14.91 -12.42
CA SER B 88 -14.08 14.11 -12.46
C SER B 88 -12.85 15.05 -12.38
N LYS B 89 -11.79 14.60 -11.68
CA LYS B 89 -10.50 15.31 -11.65
C LYS B 89 -9.62 14.79 -12.80
N LEU B 90 -9.91 13.54 -13.24
CA LEU B 90 -9.14 12.90 -14.29
C LEU B 90 -10.08 12.04 -15.20
N VAL B 91 -9.94 12.23 -16.50
CA VAL B 91 -10.68 11.52 -17.54
C VAL B 91 -9.68 10.79 -18.45
N ILE B 92 -9.74 9.46 -18.42
CA ILE B 92 -8.80 8.61 -19.14
C ILE B 92 -9.54 8.08 -20.38
N ILE B 93 -9.00 8.39 -21.57
CA ILE B 93 -9.64 8.03 -22.84
C ILE B 93 -8.99 6.81 -23.45
N THR B 94 -9.70 5.64 -23.45
CA THR B 94 -9.16 4.40 -24.01
C THR B 94 -10.12 3.83 -25.09
N ALA B 95 -10.97 4.70 -25.70
CA ALA B 95 -11.91 4.28 -26.73
C ALA B 95 -11.26 4.26 -28.10
N GLY B 96 -11.81 3.46 -28.97
CA GLY B 96 -11.34 3.47 -30.36
C GLY B 96 -10.83 2.17 -30.93
N ALA B 97 -10.56 2.23 -32.25
CA ALA B 97 -10.00 1.14 -33.00
C ALA B 97 -8.57 0.86 -32.53
N ARG B 98 -8.20 -0.42 -32.60
CA ARG B 98 -6.87 -0.92 -32.25
C ARG B 98 -6.25 -1.49 -33.55
N GLN B 99 -4.90 -1.50 -33.63
CA GLN B 99 -4.24 -2.01 -34.81
C GLN B 99 -4.26 -3.53 -34.90
N GLN B 100 -4.39 -4.05 -36.12
CA GLN B 100 -4.21 -5.47 -36.37
C GLN B 100 -2.67 -5.68 -36.42
N GLU B 101 -2.20 -6.94 -36.40
CA GLU B 101 -0.80 -7.32 -36.57
C GLU B 101 -0.37 -6.81 -37.95
N GLY B 102 0.78 -6.16 -38.04
CA GLY B 102 1.22 -5.63 -39.33
C GLY B 102 0.52 -4.36 -39.78
N GLU B 103 -0.23 -3.70 -38.86
CA GLU B 103 -0.90 -2.42 -39.10
C GLU B 103 -0.29 -1.39 -38.18
N SER B 104 0.00 -0.20 -38.75
CA SER B 104 0.55 0.91 -37.97
C SER B 104 -0.50 1.50 -37.04
N ARG B 105 -0.09 1.99 -35.89
CA ARG B 105 -0.99 2.75 -34.99
C ARG B 105 -1.43 4.03 -35.75
N LEU B 106 -0.55 4.56 -36.64
CA LEU B 106 -0.86 5.73 -37.45
C LEU B 106 -2.03 5.49 -38.42
N ASN B 107 -2.32 4.24 -38.76
CA ASN B 107 -3.45 3.88 -39.64
C ASN B 107 -4.82 4.00 -38.93
N LEU B 108 -4.82 4.14 -37.58
CA LEU B 108 -6.03 4.28 -36.75
C LEU B 108 -6.57 5.71 -36.76
N VAL B 109 -5.79 6.66 -37.34
CA VAL B 109 -6.05 8.09 -37.25
C VAL B 109 -7.48 8.58 -37.61
N GLN B 110 -7.95 8.37 -38.85
CA GLN B 110 -9.29 8.83 -39.23
C GLN B 110 -10.43 8.22 -38.40
N ARG B 111 -10.35 6.93 -38.08
CA ARG B 111 -11.36 6.22 -37.30
C ARG B 111 -11.46 6.77 -35.86
N ASN B 112 -10.31 6.98 -35.24
CA ASN B 112 -10.25 7.45 -33.87
C ASN B 112 -10.53 8.96 -33.71
N VAL B 113 -10.17 9.78 -34.75
CA VAL B 113 -10.53 11.21 -34.77
C VAL B 113 -12.09 11.34 -34.82
N ASN B 114 -12.74 10.50 -35.63
CA ASN B 114 -14.22 10.49 -35.70
C ASN B 114 -14.85 10.16 -34.31
N ILE B 115 -14.31 9.16 -33.59
CA ILE B 115 -14.79 8.78 -32.27
C ILE B 115 -14.55 9.93 -31.29
N PHE B 116 -13.36 10.57 -31.40
CA PHE B 116 -12.97 11.66 -30.52
C PHE B 116 -13.84 12.89 -30.67
N LYS B 117 -14.33 13.12 -31.89
CA LYS B 117 -15.21 14.25 -32.17
C LYS B 117 -16.50 14.18 -31.35
N PHE B 118 -16.98 12.96 -31.07
CA PHE B 118 -18.12 12.76 -30.22
C PHE B 118 -17.71 12.72 -28.70
N ILE B 119 -16.69 11.91 -28.31
CA ILE B 119 -16.36 11.76 -26.90
C ILE B 119 -15.89 13.03 -26.20
N ILE B 120 -14.83 13.66 -26.77
CA ILE B 120 -14.20 14.83 -26.16
C ILE B 120 -15.16 15.92 -25.65
N PRO B 121 -16.02 16.49 -26.52
CA PRO B 121 -16.97 17.53 -26.04
C PRO B 121 -17.91 17.02 -24.95
N ASN B 122 -18.38 15.75 -25.09
CA ASN B 122 -19.27 15.20 -24.05
C ASN B 122 -18.60 15.05 -22.66
N VAL B 123 -17.30 14.70 -22.69
CA VAL B 123 -16.46 14.51 -21.52
C VAL B 123 -16.16 15.85 -20.79
N VAL B 124 -15.67 16.85 -21.55
CA VAL B 124 -15.25 18.14 -20.94
C VAL B 124 -16.37 18.94 -20.27
N LYS B 125 -17.57 18.82 -20.85
CA LYS B 125 -18.85 19.42 -20.47
C LYS B 125 -19.21 19.26 -18.96
N TYR B 126 -19.00 18.06 -18.42
CA TYR B 126 -19.38 17.70 -17.05
C TYR B 126 -18.29 17.81 -15.97
N SER B 127 -17.02 17.98 -16.37
CA SER B 127 -15.87 18.02 -15.50
C SER B 127 -14.99 19.26 -15.76
N PRO B 128 -15.40 20.44 -15.27
CA PRO B 128 -14.57 21.64 -15.48
C PRO B 128 -13.13 21.56 -14.94
N GLN B 129 -12.91 20.71 -13.94
CA GLN B 129 -11.59 20.59 -13.30
C GLN B 129 -10.79 19.43 -13.79
N CYS B 130 -11.22 18.73 -14.88
CA CYS B 130 -10.47 17.55 -15.24
C CYS B 130 -9.19 17.82 -16.01
N LYS B 131 -8.33 16.80 -16.03
CA LYS B 131 -7.19 16.69 -16.92
C LYS B 131 -7.65 15.59 -17.85
N LEU B 132 -7.24 15.70 -19.09
CA LEU B 132 -7.55 14.69 -20.11
C LEU B 132 -6.32 13.80 -20.28
N LEU B 133 -6.46 12.50 -20.02
CA LEU B 133 -5.35 11.57 -20.20
C LEU B 133 -5.72 10.66 -21.37
N ILE B 134 -5.03 10.85 -22.49
CA ILE B 134 -5.28 10.13 -23.75
C ILE B 134 -4.40 8.90 -23.81
N VAL B 135 -5.01 7.72 -24.01
CA VAL B 135 -4.29 6.45 -24.10
C VAL B 135 -4.41 5.87 -25.51
N SER B 136 -5.60 6.02 -26.13
CA SER B 136 -5.96 5.52 -27.46
C SER B 136 -4.90 5.87 -28.54
N ASN B 137 -4.69 4.97 -29.49
CA ASN B 137 -3.69 5.19 -30.53
C ASN B 137 -4.22 5.77 -31.85
N PRO B 138 -3.36 6.51 -32.62
CA PRO B 138 -1.98 6.97 -32.28
C PRO B 138 -2.02 8.05 -31.21
N VAL B 139 -1.49 7.75 -30.03
CA VAL B 139 -1.60 8.59 -28.83
C VAL B 139 -1.16 10.05 -28.97
N ASP B 140 0.00 10.27 -29.64
CA ASP B 140 0.59 11.58 -29.89
C ASP B 140 -0.35 12.40 -30.72
N ILE B 141 -0.75 11.87 -31.88
CA ILE B 141 -1.71 12.56 -32.74
C ILE B 141 -3.04 12.75 -31.99
N LEU B 142 -3.51 11.69 -31.30
CA LEU B 142 -4.77 11.82 -30.59
C LEU B 142 -4.70 12.77 -29.38
N THR B 143 -3.48 13.07 -28.81
CA THR B 143 -3.41 14.04 -27.72
C THR B 143 -3.60 15.46 -28.34
N TYR B 144 -2.99 15.66 -29.52
CA TYR B 144 -3.09 16.91 -30.28
C TYR B 144 -4.56 17.14 -30.66
N VAL B 145 -5.23 16.09 -31.13
CA VAL B 145 -6.64 16.08 -31.53
C VAL B 145 -7.54 16.41 -30.33
N ALA B 146 -7.38 15.72 -29.20
CA ALA B 146 -8.14 15.98 -27.98
C ALA B 146 -7.94 17.46 -27.51
N TRP B 147 -6.71 17.99 -27.66
CA TRP B 147 -6.37 19.36 -27.33
C TRP B 147 -7.14 20.34 -28.24
N LYS B 148 -7.10 20.10 -29.56
CA LYS B 148 -7.85 20.93 -30.49
C LYS B 148 -9.36 20.81 -30.31
N ILE B 149 -9.88 19.62 -30.03
CA ILE B 149 -11.36 19.50 -29.89
C ILE B 149 -11.86 20.11 -28.56
N SER B 150 -11.20 19.78 -27.45
CA SER B 150 -11.60 20.26 -26.12
C SER B 150 -11.45 21.75 -25.95
N GLY B 151 -10.47 22.34 -26.64
CA GLY B 151 -10.16 23.75 -26.42
C GLY B 151 -9.53 23.97 -25.05
N PHE B 152 -8.98 22.88 -24.44
CA PHE B 152 -8.33 22.98 -23.12
C PHE B 152 -6.93 23.62 -23.22
N PRO B 153 -6.38 24.17 -22.09
CA PRO B 153 -4.99 24.61 -22.14
C PRO B 153 -4.10 23.36 -22.30
N LYS B 154 -2.94 23.49 -22.94
CA LYS B 154 -2.05 22.35 -23.18
C LYS B 154 -1.60 21.58 -21.91
N ASN B 155 -1.48 22.25 -20.77
CA ASN B 155 -1.09 21.55 -19.53
C ASN B 155 -2.12 20.50 -19.15
N ARG B 156 -3.40 20.69 -19.51
CA ARG B 156 -4.47 19.75 -19.11
C ARG B 156 -4.69 18.56 -20.03
N VAL B 157 -3.97 18.51 -21.15
CA VAL B 157 -4.17 17.47 -22.15
C VAL B 157 -2.89 16.70 -22.35
N ILE B 158 -2.89 15.48 -21.83
CA ILE B 158 -1.69 14.63 -21.75
C ILE B 158 -1.90 13.31 -22.50
N GLY B 159 -0.87 12.86 -23.24
CA GLY B 159 -0.91 11.55 -23.88
C GLY B 159 -0.09 10.57 -23.05
N SER B 160 -0.53 9.31 -22.88
CA SER B 160 0.24 8.28 -22.11
C SER B 160 1.67 8.14 -22.72
N GLY B 161 1.75 8.41 -24.04
CA GLY B 161 2.97 8.46 -24.85
C GLY B 161 4.00 7.39 -24.57
N CYS B 162 5.25 7.79 -24.24
CA CYS B 162 6.37 6.87 -24.04
C CYS B 162 6.64 6.41 -22.60
N ASN B 163 5.67 6.62 -21.66
CA ASN B 163 5.84 6.14 -20.29
C ASN B 163 5.99 4.58 -20.37
N LEU B 164 5.17 3.91 -21.23
CA LEU B 164 5.27 2.46 -21.35
C LEU B 164 6.57 2.05 -22.08
N ASP B 165 6.93 2.75 -23.16
CA ASP B 165 8.14 2.45 -23.95
C ASP B 165 9.36 2.54 -23.05
N SER B 166 9.41 3.57 -22.20
CA SER B 166 10.53 3.76 -21.25
C SER B 166 10.51 2.70 -20.15
N ALA B 167 9.30 2.31 -19.67
CA ALA B 167 9.17 1.21 -18.71
C ALA B 167 9.69 -0.11 -19.31
N ARG B 168 9.36 -0.36 -20.60
CA ARG B 168 9.86 -1.54 -21.29
C ARG B 168 11.36 -1.46 -21.44
N PHE B 169 11.88 -0.27 -21.83
CA PHE B 169 13.31 -0.04 -22.00
C PHE B 169 14.06 -0.34 -20.69
N ARG B 170 13.53 0.16 -19.57
CA ARG B 170 14.16 -0.06 -18.25
C ARG B 170 14.05 -1.53 -17.75
N TYR B 171 12.93 -2.23 -18.03
CA TYR B 171 12.76 -3.67 -17.76
C TYR B 171 13.91 -4.45 -18.50
N LEU B 172 13.99 -4.23 -19.82
CA LEU B 172 14.97 -4.92 -20.67
C LEU B 172 16.42 -4.65 -20.26
N MET B 173 16.72 -3.37 -19.92
CA MET B 173 18.04 -2.96 -19.47
C MET B 173 18.31 -3.65 -18.09
N GLY B 174 17.29 -3.68 -17.23
CA GLY B 174 17.35 -4.35 -15.93
C GLY B 174 17.72 -5.81 -16.07
N GLU B 175 17.06 -6.49 -17.02
N GLU B 175 17.05 -6.50 -17.00
CA GLU B 175 17.29 -7.90 -17.34
CA GLU B 175 17.27 -7.91 -17.31
C GLU B 175 18.72 -8.18 -17.81
C GLU B 175 18.73 -8.15 -17.74
N ARG B 176 19.31 -7.26 -18.58
CA ARG B 176 20.70 -7.43 -19.06
C ARG B 176 21.69 -7.15 -17.96
N LEU B 177 21.36 -6.25 -17.01
CA LEU B 177 22.33 -5.86 -15.99
C LEU B 177 22.19 -6.53 -14.65
N GLY B 178 21.09 -7.27 -14.45
CA GLY B 178 20.76 -7.94 -13.20
C GLY B 178 20.40 -6.93 -12.13
N VAL B 179 19.69 -5.84 -12.53
CA VAL B 179 19.32 -4.76 -11.62
C VAL B 179 17.83 -4.51 -11.76
N HIS B 180 17.12 -4.14 -10.66
CA HIS B 180 15.68 -3.82 -10.77
C HIS B 180 15.43 -2.64 -11.75
N PRO B 181 14.32 -2.65 -12.53
CA PRO B 181 14.03 -1.49 -13.42
C PRO B 181 14.00 -0.11 -12.75
N LEU B 182 13.60 -0.05 -11.46
CA LEU B 182 13.60 1.18 -10.67
C LEU B 182 14.96 1.86 -10.62
N SER B 183 16.07 1.07 -10.62
CA SER B 183 17.46 1.53 -10.56
C SER B 183 18.19 1.65 -11.91
N CYS B 184 17.52 1.30 -13.02
CA CYS B 184 18.01 1.38 -14.40
C CYS B 184 17.35 2.58 -15.05
N HIS B 185 18.14 3.61 -15.39
CA HIS B 185 17.53 4.83 -15.95
C HIS B 185 17.82 4.96 -17.43
N GLY B 186 16.80 5.30 -18.20
CA GLY B 186 16.87 5.36 -19.67
C GLY B 186 15.57 5.89 -20.23
N TRP B 187 15.68 6.78 -21.22
CA TRP B 187 14.54 7.46 -21.80
C TRP B 187 14.32 7.15 -23.26
N VAL B 188 13.08 6.73 -23.60
CA VAL B 188 12.62 6.49 -24.98
C VAL B 188 11.61 7.64 -25.22
N LEU B 189 11.95 8.57 -26.13
CA LEU B 189 11.14 9.77 -26.41
C LEU B 189 10.53 9.79 -27.84
N GLY B 190 9.72 10.79 -28.14
CA GLY B 190 9.11 10.87 -29.47
C GLY B 190 7.79 10.14 -29.58
N GLU B 191 7.58 9.48 -30.70
CA GLU B 191 6.35 8.76 -30.95
C GLU B 191 6.25 7.49 -30.12
N HIS B 192 5.04 7.20 -29.56
CA HIS B 192 4.76 5.91 -28.97
C HIS B 192 4.41 5.09 -30.22
N GLY B 193 5.46 4.60 -30.82
CA GLY B 193 5.46 3.88 -32.08
C GLY B 193 6.83 3.67 -32.70
N ASP B 194 6.83 3.36 -33.99
N ASP B 194 6.82 3.39 -34.00
CA ASP B 194 8.00 3.02 -34.78
CA ASP B 194 7.98 3.07 -34.83
C ASP B 194 9.13 4.06 -34.84
C ASP B 194 9.12 4.07 -34.84
N SER B 195 8.81 5.38 -34.72
CA SER B 195 9.83 6.45 -34.76
C SER B 195 10.42 6.88 -33.37
N SER B 196 10.12 6.13 -32.32
CA SER B 196 10.63 6.44 -30.98
C SER B 196 12.17 6.52 -30.96
N VAL B 197 12.66 7.27 -30.02
CA VAL B 197 14.08 7.59 -29.92
C VAL B 197 14.69 7.17 -28.56
N PRO B 198 15.65 6.21 -28.57
CA PRO B 198 16.33 5.82 -27.32
C PRO B 198 17.44 6.85 -27.03
N VAL B 199 17.38 7.51 -25.87
CA VAL B 199 18.39 8.53 -25.53
C VAL B 199 19.56 7.85 -24.82
N TRP B 200 20.46 7.25 -25.63
CA TRP B 200 21.65 6.56 -25.14
C TRP B 200 22.53 7.43 -24.24
N SER B 201 22.59 8.74 -24.51
CA SER B 201 23.40 9.69 -23.75
C SER B 201 22.98 9.78 -22.28
N GLY B 202 21.72 9.45 -21.97
CA GLY B 202 21.23 9.50 -20.60
C GLY B 202 21.03 8.16 -19.93
N VAL B 203 21.41 7.04 -20.60
CA VAL B 203 21.23 5.69 -20.04
C VAL B 203 22.24 5.46 -18.91
N ASN B 204 21.75 5.21 -17.69
CA ASN B 204 22.67 5.07 -16.57
C ASN B 204 22.20 4.20 -15.45
N VAL B 205 23.16 3.79 -14.62
CA VAL B 205 22.88 3.11 -13.35
C VAL B 205 23.67 3.93 -12.28
N ALA B 206 22.96 4.50 -11.24
CA ALA B 206 23.55 5.26 -10.12
C ALA B 206 24.35 6.47 -10.63
N GLY B 207 23.87 7.13 -11.69
CA GLY B 207 24.56 8.25 -12.32
C GLY B 207 25.75 7.92 -13.22
N VAL B 208 26.04 6.62 -13.43
CA VAL B 208 27.16 6.21 -14.27
C VAL B 208 26.61 6.04 -15.69
N SER B 209 27.08 6.88 -16.62
CA SER B 209 26.72 6.80 -18.03
C SER B 209 27.28 5.52 -18.65
N LEU B 210 26.38 4.69 -19.22
CA LEU B 210 26.77 3.46 -19.92
C LEU B 210 27.53 3.84 -21.17
N LYS B 211 27.14 4.98 -21.83
CA LYS B 211 27.80 5.48 -23.05
C LYS B 211 29.21 6.02 -22.74
N SER B 212 29.43 6.55 -21.53
CA SER B 212 30.78 6.97 -21.14
C SER B 212 31.68 5.71 -21.03
N LEU B 213 31.11 4.55 -20.65
CA LEU B 213 31.86 3.29 -20.52
C LEU B 213 32.12 2.63 -21.87
N ASN B 214 31.09 2.60 -22.74
CA ASN B 214 31.14 2.02 -24.08
C ASN B 214 30.63 3.13 -25.03
N PRO B 215 31.54 3.98 -25.58
CA PRO B 215 31.09 5.09 -26.43
C PRO B 215 30.29 4.69 -27.68
N GLN B 216 30.40 3.42 -28.09
CA GLN B 216 29.69 2.88 -29.26
C GLN B 216 28.29 2.34 -28.89
N LEU B 217 27.85 2.53 -27.61
CA LEU B 217 26.53 2.11 -27.10
C LEU B 217 25.36 2.55 -28.02
N GLY B 218 24.55 1.56 -28.43
CA GLY B 218 23.38 1.78 -29.27
C GLY B 218 23.64 1.97 -30.74
N THR B 219 24.94 1.97 -31.18
CA THR B 219 25.33 2.08 -32.61
C THR B 219 25.43 0.70 -33.26
N ASP B 220 25.70 0.65 -34.59
CA ASP B 220 25.88 -0.64 -35.24
C ASP B 220 27.26 -1.27 -34.89
N ALA B 221 28.20 -0.41 -34.40
CA ALA B 221 29.55 -0.76 -33.95
C ALA B 221 29.53 -1.42 -32.55
N ASP B 222 28.41 -1.28 -31.81
CA ASP B 222 28.23 -1.83 -30.47
C ASP B 222 28.38 -3.36 -30.44
N LYS B 223 29.44 -3.82 -29.76
CA LYS B 223 29.79 -5.24 -29.59
C LYS B 223 28.66 -6.01 -28.88
N GLU B 224 27.91 -5.31 -28.00
CA GLU B 224 26.80 -5.92 -27.28
C GLU B 224 25.42 -5.61 -27.88
N GLN B 225 25.40 -4.96 -29.07
CA GLN B 225 24.21 -4.56 -29.83
C GLN B 225 23.08 -4.05 -28.93
N TRP B 226 23.33 -2.97 -28.13
CA TRP B 226 22.33 -2.36 -27.24
C TRP B 226 21.18 -1.77 -28.02
N LYS B 227 21.37 -1.45 -29.32
CA LYS B 227 20.31 -0.99 -30.21
C LYS B 227 19.14 -2.03 -30.26
N ASP B 228 19.44 -3.35 -30.11
N ASP B 228 19.46 -3.35 -30.15
CA ASP B 228 18.44 -4.42 -30.09
CA ASP B 228 18.48 -4.43 -30.14
C ASP B 228 17.43 -4.21 -28.96
C ASP B 228 17.48 -4.27 -28.96
N VAL B 229 17.87 -3.59 -27.85
CA VAL B 229 16.98 -3.31 -26.71
C VAL B 229 15.90 -2.31 -27.17
N HIS B 230 16.31 -1.23 -27.88
CA HIS B 230 15.35 -0.28 -28.41
C HIS B 230 14.46 -0.94 -29.49
N LYS B 231 15.08 -1.78 -30.35
CA LYS B 231 14.36 -2.57 -31.35
C LYS B 231 13.22 -3.39 -30.64
N GLN B 232 13.57 -4.05 -29.49
CA GLN B 232 12.64 -4.83 -28.67
C GLN B 232 11.52 -3.96 -28.09
N VAL B 233 11.84 -2.72 -27.73
CA VAL B 233 10.86 -1.77 -27.24
C VAL B 233 9.85 -1.40 -28.39
N VAL B 234 10.36 -1.10 -29.60
CA VAL B 234 9.49 -0.76 -30.75
C VAL B 234 8.55 -1.94 -31.04
N ASP B 235 9.12 -3.16 -31.01
CA ASP B 235 8.42 -4.38 -31.44
C ASP B 235 7.53 -5.02 -30.37
N SER B 236 7.62 -4.53 -29.12
N SER B 236 7.63 -4.55 -29.11
CA SER B 236 6.88 -5.04 -27.98
CA SER B 236 6.89 -5.07 -27.96
C SER B 236 5.38 -5.24 -28.21
C SER B 236 5.38 -5.25 -28.18
N ALA B 237 4.66 -4.17 -28.59
CA ALA B 237 3.20 -4.26 -28.83
C ALA B 237 2.89 -5.36 -29.85
N TYR B 238 3.63 -5.41 -30.96
N TYR B 238 3.66 -5.42 -30.97
CA TYR B 238 3.43 -6.41 -31.99
CA TYR B 238 3.55 -6.43 -32.04
C TYR B 238 3.77 -7.87 -31.58
C TYR B 238 3.73 -7.85 -31.50
N GLU B 239 4.84 -8.08 -30.77
CA GLU B 239 5.20 -9.41 -30.24
C GLU B 239 4.10 -9.94 -29.29
N VAL B 240 3.62 -9.11 -28.35
CA VAL B 240 2.54 -9.45 -27.42
C VAL B 240 1.20 -9.64 -28.15
N ILE B 241 0.89 -8.74 -29.11
CA ILE B 241 -0.33 -8.86 -29.93
C ILE B 241 -0.29 -10.23 -30.65
N LYS B 242 0.86 -10.57 -31.29
CA LYS B 242 1.03 -11.86 -31.98
C LYS B 242 0.74 -13.03 -31.03
N LEU B 243 1.18 -12.90 -29.74
CA LEU B 243 1.03 -13.95 -28.74
C LEU B 243 -0.37 -14.06 -28.09
N LYS B 244 -0.87 -12.98 -27.52
CA LYS B 244 -2.15 -13.03 -26.80
C LYS B 244 -3.33 -12.30 -27.48
N GLY B 245 -3.06 -11.63 -28.60
CA GLY B 245 -4.08 -10.91 -29.37
C GLY B 245 -4.25 -9.42 -29.14
N TYR B 246 -3.62 -8.91 -28.07
CA TYR B 246 -3.70 -7.52 -27.67
C TYR B 246 -2.77 -7.33 -26.46
N THR B 247 -2.67 -6.12 -25.99
CA THR B 247 -1.89 -5.89 -24.78
C THR B 247 -2.78 -5.12 -23.83
N SER B 248 -2.55 -5.29 -22.52
CA SER B 248 -3.41 -4.63 -21.56
C SER B 248 -2.76 -4.34 -20.21
N TRP B 249 -2.00 -5.30 -19.64
CA TRP B 249 -1.45 -5.08 -18.29
C TRP B 249 -0.40 -4.01 -18.17
N ALA B 250 0.63 -4.00 -19.03
CA ALA B 250 1.71 -3.02 -18.93
C ALA B 250 1.20 -1.60 -19.16
N ILE B 251 0.28 -1.45 -20.15
CA ILE B 251 -0.32 -0.15 -20.42
C ILE B 251 -1.22 0.33 -19.26
N GLY B 252 -2.04 -0.57 -18.70
CA GLY B 252 -2.89 -0.28 -17.55
C GLY B 252 -2.07 0.20 -16.36
N LEU B 253 -0.88 -0.42 -16.13
CA LEU B 253 0.02 -0.02 -15.03
C LEU B 253 0.72 1.29 -15.35
N SER B 254 1.09 1.52 -16.64
CA SER B 254 1.72 2.76 -17.11
C SER B 254 0.72 3.96 -16.89
N VAL B 255 -0.53 3.76 -17.30
CA VAL B 255 -1.61 4.75 -17.16
C VAL B 255 -1.88 5.04 -15.65
N ALA B 256 -1.89 3.99 -14.80
CA ALA B 256 -2.14 4.14 -13.36
C ALA B 256 -0.96 4.91 -12.72
N ASP B 257 0.28 4.66 -13.19
CA ASP B 257 1.51 5.37 -12.76
C ASP B 257 1.32 6.89 -13.00
N LEU B 258 0.82 7.27 -14.20
CA LEU B 258 0.54 8.67 -14.56
C LEU B 258 -0.63 9.27 -13.74
N ALA B 259 -1.70 8.46 -13.52
CA ALA B 259 -2.85 8.90 -12.70
C ALA B 259 -2.40 9.17 -11.27
N GLU B 260 -1.47 8.34 -10.73
CA GLU B 260 -0.93 8.53 -9.39
C GLU B 260 -0.22 9.93 -9.27
N SER B 261 0.64 10.29 -10.24
CA SER B 261 1.34 11.58 -10.25
C SER B 261 0.39 12.77 -10.32
N ILE B 262 -0.65 12.64 -11.15
CA ILE B 262 -1.68 13.66 -11.29
C ILE B 262 -2.52 13.82 -10.00
N MET B 263 -3.16 12.70 -9.52
CA MET B 263 -4.04 12.64 -8.32
C MET B 263 -3.31 13.06 -7.03
N LYS B 264 -2.06 12.60 -6.86
CA LYS B 264 -1.26 12.91 -5.67
C LYS B 264 -0.33 14.15 -5.81
N ASN B 265 -0.41 14.88 -6.99
CA ASN B 265 0.41 16.09 -7.28
C ASN B 265 1.88 15.83 -6.98
N LEU B 266 2.37 14.69 -7.50
CA LEU B 266 3.73 14.26 -7.18
C LEU B 266 4.84 15.10 -7.79
N ARG B 267 4.61 15.61 -9.01
CA ARG B 267 5.58 16.38 -9.78
C ARG B 267 6.80 15.52 -10.11
N ARG B 268 6.53 14.25 -10.43
CA ARG B 268 7.50 13.26 -10.88
C ARG B 268 7.66 13.50 -12.41
N VAL B 269 8.79 13.11 -12.97
CA VAL B 269 9.09 13.33 -14.38
C VAL B 269 8.71 12.09 -15.19
N HIS B 270 7.90 12.29 -16.23
CA HIS B 270 7.45 11.18 -17.09
C HIS B 270 7.63 11.53 -18.57
N PRO B 271 8.00 10.54 -19.43
CA PRO B 271 8.09 10.82 -20.88
C PRO B 271 6.65 10.65 -21.43
N ILE B 272 5.93 11.77 -21.55
CA ILE B 272 4.54 11.76 -21.97
C ILE B 272 4.33 12.74 -23.12
N SER B 273 3.27 12.53 -23.91
CA SER B 273 2.91 13.33 -25.07
C SER B 273 2.48 14.73 -24.66
N THR B 274 3.13 15.72 -25.23
CA THR B 274 2.84 17.12 -25.03
C THR B 274 3.28 17.92 -26.25
N MET B 275 2.86 19.18 -26.32
CA MET B 275 3.28 20.06 -27.38
C MET B 275 4.74 20.50 -27.22
N ILE B 276 5.53 20.24 -28.25
CA ILE B 276 6.96 20.51 -28.27
C ILE B 276 7.42 21.67 -29.14
N LYS B 277 6.47 22.41 -29.77
CA LYS B 277 6.78 23.58 -30.62
C LYS B 277 7.72 24.53 -29.86
N GLY B 278 8.85 24.85 -30.49
CA GLY B 278 9.87 25.72 -29.90
C GLY B 278 11.11 24.95 -29.45
N LEU B 279 10.96 23.65 -29.14
CA LEU B 279 12.04 22.76 -28.71
C LEU B 279 12.67 22.01 -29.90
N TYR B 280 14.01 21.89 -29.91
CA TYR B 280 14.80 21.18 -30.93
C TYR B 280 14.56 21.65 -32.38
N GLY B 281 14.33 22.96 -32.53
CA GLY B 281 14.04 23.57 -33.83
C GLY B 281 12.71 23.13 -34.43
N ILE B 282 11.77 22.63 -33.58
CA ILE B 282 10.44 22.20 -34.03
C ILE B 282 9.54 23.43 -33.97
N LYS B 283 9.11 23.90 -35.16
CA LYS B 283 8.31 25.11 -35.30
C LYS B 283 6.82 24.88 -35.47
N GLU B 284 6.39 23.60 -35.55
CA GLU B 284 4.98 23.24 -35.73
C GLU B 284 4.34 22.71 -34.43
N ASP B 285 2.97 22.68 -34.35
CA ASP B 285 2.17 22.17 -33.19
C ASP B 285 2.18 20.61 -33.06
N VAL B 286 3.38 20.05 -33.04
CA VAL B 286 3.60 18.62 -32.90
C VAL B 286 3.54 18.24 -31.41
N PHE B 287 2.77 17.17 -31.12
CA PHE B 287 2.71 16.56 -29.79
C PHE B 287 3.53 15.26 -29.87
N LEU B 288 4.39 15.04 -28.88
CA LEU B 288 5.18 13.81 -28.79
C LEU B 288 5.80 13.75 -27.39
N SER B 289 6.35 12.60 -26.99
CA SER B 289 6.93 12.47 -25.64
C SER B 289 8.31 13.08 -25.46
N VAL B 290 8.41 13.87 -24.39
CA VAL B 290 9.60 14.49 -23.82
C VAL B 290 9.39 14.36 -22.29
N PRO B 291 10.44 14.43 -21.45
CA PRO B 291 10.22 14.36 -20.00
C PRO B 291 9.43 15.60 -19.55
N CYS B 292 8.34 15.35 -18.84
CA CYS B 292 7.44 16.38 -18.31
C CYS B 292 7.30 16.19 -16.79
N ILE B 293 7.07 17.32 -16.10
CA ILE B 293 6.78 17.29 -14.67
C ILE B 293 5.28 17.20 -14.59
N LEU B 294 4.75 16.10 -14.01
CA LEU B 294 3.32 15.86 -13.96
C LEU B 294 2.80 15.97 -12.51
N GLY B 295 1.73 16.74 -12.33
CA GLY B 295 1.07 16.94 -11.05
C GLY B 295 -0.40 17.25 -11.16
N GLN B 296 -0.97 17.91 -10.13
CA GLN B 296 -2.42 18.21 -10.07
C GLN B 296 -3.00 19.05 -11.21
N ASN B 297 -2.18 19.85 -11.90
CA ASN B 297 -2.67 20.68 -13.01
C ASN B 297 -2.18 20.17 -14.33
N GLY B 298 -1.86 18.87 -14.36
CA GLY B 298 -1.35 18.23 -15.56
C GLY B 298 0.14 18.51 -15.71
N ILE B 299 0.60 18.77 -16.95
CA ILE B 299 2.01 19.10 -17.22
C ILE B 299 2.24 20.55 -16.92
N SER B 300 2.98 20.84 -15.88
CA SER B 300 3.26 22.23 -15.53
C SER B 300 4.61 22.67 -16.10
N ASP B 301 5.48 21.71 -16.44
CA ASP B 301 6.85 22.02 -16.89
C ASP B 301 7.40 20.96 -17.82
N VAL B 302 8.33 21.33 -18.72
CA VAL B 302 8.98 20.41 -19.63
C VAL B 302 10.48 20.41 -19.38
N VAL B 303 11.05 19.20 -19.25
CA VAL B 303 12.48 18.99 -19.06
C VAL B 303 13.14 19.08 -20.45
N LYS B 304 14.09 20.00 -20.54
CA LYS B 304 14.83 20.20 -21.78
C LYS B 304 16.01 19.23 -21.83
N VAL B 305 15.78 18.03 -22.37
CA VAL B 305 16.82 17.00 -22.51
C VAL B 305 17.92 17.47 -23.45
N THR B 306 19.15 17.28 -23.00
CA THR B 306 20.32 17.62 -23.81
C THR B 306 20.59 16.42 -24.73
N LEU B 307 20.23 16.58 -26.01
CA LEU B 307 20.43 15.53 -27.00
C LEU B 307 21.72 15.76 -27.78
N THR B 308 22.31 14.66 -28.25
CA THR B 308 23.46 14.73 -29.13
C THR B 308 22.85 15.09 -30.48
N PRO B 309 23.62 15.68 -31.43
CA PRO B 309 23.07 15.96 -32.76
C PRO B 309 22.34 14.75 -33.39
N ASP B 310 22.83 13.51 -33.13
CA ASP B 310 22.21 12.31 -33.69
C ASP B 310 20.87 12.03 -33.05
N GLU B 311 20.78 12.08 -31.70
CA GLU B 311 19.53 11.84 -30.97
C GLU B 311 18.53 12.93 -31.33
N GLU B 312 19.05 14.18 -31.50
CA GLU B 312 18.21 15.31 -31.89
C GLU B 312 17.66 15.17 -33.32
N ALA B 313 18.48 14.65 -34.25
CA ALA B 313 18.10 14.41 -35.65
C ALA B 313 16.92 13.39 -35.66
N ARG B 314 17.06 12.30 -34.88
CA ARG B 314 16.07 11.23 -34.75
C ARG B 314 14.76 11.75 -34.12
N LEU B 315 14.86 12.66 -33.12
CA LEU B 315 13.66 13.22 -32.45
C LEU B 315 12.87 14.11 -33.43
N LYS B 316 13.63 14.93 -34.20
CA LYS B 316 13.10 15.80 -35.27
C LYS B 316 12.47 14.93 -36.37
N LYS B 317 13.05 13.73 -36.64
CA LYS B 317 12.57 12.76 -37.62
C LYS B 317 11.25 12.19 -37.08
N SER B 318 11.17 11.95 -35.76
CA SER B 318 9.93 11.46 -35.17
C SER B 318 8.84 12.57 -35.28
N ALA B 319 9.22 13.85 -35.01
CA ALA B 319 8.31 14.98 -35.07
C ALA B 319 7.78 15.25 -36.50
N ASP B 320 8.65 15.08 -37.53
CA ASP B 320 8.28 15.25 -38.95
C ASP B 320 7.22 14.22 -39.37
N THR B 321 7.46 12.94 -38.98
CA THR B 321 6.57 11.82 -39.20
C THR B 321 5.21 12.20 -38.65
N LEU B 322 5.16 12.56 -37.34
CA LEU B 322 3.90 12.95 -36.66
C LEU B 322 3.24 14.20 -37.29
N TRP B 323 4.02 15.23 -37.64
CA TRP B 323 3.48 16.43 -38.30
C TRP B 323 2.79 16.08 -39.64
N GLY B 324 3.41 15.22 -40.44
CA GLY B 324 2.87 14.74 -41.72
C GLY B 324 1.49 14.12 -41.58
N ILE B 325 1.34 13.30 -40.52
CA ILE B 325 0.10 12.62 -40.12
C ILE B 325 -0.96 13.62 -39.64
N GLN B 326 -0.52 14.71 -38.99
CA GLN B 326 -1.37 15.78 -38.52
C GLN B 326 -1.95 16.54 -39.69
N LYS B 327 -1.16 16.66 -40.78
CA LYS B 327 -1.60 17.31 -42.01
C LYS B 327 -2.87 16.62 -42.62
N GLU B 328 -3.19 15.37 -42.20
CA GLU B 328 -4.36 14.59 -42.69
C GLU B 328 -5.64 14.90 -41.91
N LEU B 329 -5.50 15.57 -40.76
CA LEU B 329 -6.64 15.86 -39.86
C LEU B 329 -7.63 16.89 -40.41
N GLN B 330 -8.91 16.53 -40.39
CA GLN B 330 -10.05 17.37 -40.79
C GLN B 330 -10.98 17.51 -39.55
N PHE B 331 -11.10 18.74 -39.01
CA PHE B 331 -11.91 19.04 -37.84
C PHE B 331 -13.25 19.69 -38.18
C ALA C 1 -14.94 -24.74 28.10
N ALA C 2 -13.64 -24.33 28.01
CA ALA C 2 -13.20 -23.02 27.51
C ALA C 2 -14.05 -22.49 26.34
N LEU C 3 -14.33 -21.18 26.37
CA LEU C 3 -15.10 -20.43 25.38
C LEU C 3 -14.48 -20.59 23.97
N LYS C 4 -13.11 -20.56 23.90
CA LYS C 4 -12.29 -20.73 22.67
C LYS C 4 -12.62 -22.08 22.01
N ASP C 5 -12.73 -23.15 22.83
CA ASP C 5 -13.04 -24.49 22.32
C ASP C 5 -14.52 -24.68 21.93
N GLN C 6 -15.44 -23.85 22.49
CA GLN C 6 -16.88 -23.90 22.15
C GLN C 6 -17.11 -23.18 20.79
N LEU C 7 -16.30 -22.13 20.54
CA LEU C 7 -16.36 -21.29 19.37
C LEU C 7 -15.56 -21.86 18.24
N ILE C 8 -14.36 -22.40 18.54
CA ILE C 8 -13.40 -22.87 17.53
C ILE C 8 -13.02 -24.34 17.68
N VAL C 9 -13.06 -25.06 16.57
CA VAL C 9 -12.57 -26.44 16.57
C VAL C 9 -11.14 -26.41 15.99
N ASN C 10 -10.15 -26.80 16.80
CA ASN C 10 -8.75 -26.86 16.35
C ASN C 10 -8.56 -28.11 15.52
N LEU C 11 -7.96 -27.94 14.32
CA LEU C 11 -7.72 -29.03 13.37
C LEU C 11 -6.26 -29.39 13.23
N LEU C 12 -5.39 -28.46 13.62
CA LEU C 12 -3.95 -28.60 13.45
C LEU C 12 -3.21 -28.06 14.66
N LYS C 13 -2.28 -28.86 15.20
CA LYS C 13 -1.44 -28.46 16.33
C LYS C 13 -0.01 -28.35 15.81
N GLU C 14 0.18 -27.46 14.82
CA GLU C 14 1.47 -27.21 14.18
C GLU C 14 2.07 -25.91 14.73
N GLU C 15 3.15 -26.04 15.55
CA GLU C 15 3.90 -24.97 16.25
C GLU C 15 4.13 -23.68 15.46
N GLN C 16 4.47 -23.82 14.16
CA GLN C 16 4.74 -22.75 13.21
C GLN C 16 6.01 -21.92 13.53
N VAL C 17 6.85 -21.80 12.50
CA VAL C 17 8.09 -21.05 12.48
C VAL C 17 7.83 -19.86 11.53
N PRO C 18 8.23 -18.61 11.85
CA PRO C 18 7.91 -17.49 10.95
C PRO C 18 8.69 -17.59 9.65
N GLN C 19 8.12 -17.00 8.60
CA GLN C 19 8.67 -17.04 7.27
C GLN C 19 9.42 -15.76 6.92
N ASN C 20 8.94 -14.60 7.41
CA ASN C 20 9.48 -13.26 7.13
C ASN C 20 9.65 -12.44 8.40
N LYS C 21 10.38 -13.01 9.35
CA LYS C 21 10.61 -12.39 10.63
C LYS C 21 11.71 -11.30 10.56
N ILE C 22 11.45 -10.18 11.25
CA ILE C 22 12.41 -9.10 11.36
C ILE C 22 12.58 -8.80 12.84
N THR C 23 13.85 -8.56 13.24
CA THR C 23 14.21 -8.15 14.60
C THR C 23 14.82 -6.75 14.55
N VAL C 24 14.44 -5.92 15.52
CA VAL C 24 15.01 -4.61 15.72
C VAL C 24 15.60 -4.64 17.14
N VAL C 25 16.96 -4.55 17.23
CA VAL C 25 17.73 -4.51 18.48
C VAL C 25 17.87 -3.00 18.79
N GLY C 26 17.29 -2.62 19.91
CA GLY C 26 17.28 -1.24 20.40
C GLY C 26 15.91 -0.64 20.22
N VAL C 27 15.28 -0.20 21.33
CA VAL C 27 13.95 0.43 21.34
C VAL C 27 13.99 1.96 21.63
N GLY C 28 15.08 2.58 21.20
CA GLY C 28 15.26 4.03 21.25
C GLY C 28 14.45 4.64 20.12
N ALA C 29 14.40 5.97 20.05
CA ALA C 29 13.66 6.68 18.98
C ALA C 29 13.98 6.14 17.57
N VAL C 30 15.26 5.77 17.36
CA VAL C 30 15.67 5.26 16.05
C VAL C 30 15.09 3.88 15.79
N GLY C 31 15.25 2.96 16.76
CA GLY C 31 14.75 1.60 16.67
C GLY C 31 13.26 1.50 16.43
N MET C 32 12.49 2.35 17.17
CA MET C 32 11.03 2.45 17.11
C MET C 32 10.52 3.08 15.81
N ALA C 33 11.34 3.99 15.22
CA ALA C 33 10.98 4.60 13.93
C ALA C 33 11.25 3.60 12.82
N CYS C 34 12.24 2.70 13.04
CA CYS C 34 12.52 1.60 12.12
C CYS C 34 11.35 0.63 12.21
N ALA C 35 10.91 0.32 13.44
CA ALA C 35 9.78 -0.58 13.69
C ALA C 35 8.46 -0.10 13.09
N ILE C 36 8.03 1.13 13.39
CA ILE C 36 6.75 1.60 12.83
C ILE C 36 6.76 1.63 11.30
N SER C 37 7.87 2.06 10.69
CA SER C 37 8.00 2.13 9.23
C SER C 37 7.94 0.75 8.64
N ILE C 38 8.65 -0.21 9.26
CA ILE C 38 8.63 -1.60 8.78
C ILE C 38 7.22 -2.19 8.86
N LEU C 39 6.56 -1.96 9.99
CA LEU C 39 5.20 -2.39 10.24
C LEU C 39 4.23 -1.77 9.21
N MET C 40 4.40 -0.46 8.87
N MET C 40 4.39 -0.47 8.89
CA MET C 40 3.48 0.21 7.93
CA MET C 40 3.51 0.23 7.94
C MET C 40 3.72 -0.11 6.45
C MET C 40 3.67 -0.23 6.48
N LYS C 41 4.86 -0.78 6.14
CA LYS C 41 5.21 -1.27 4.81
C LYS C 41 4.93 -2.77 4.69
N ASP C 42 4.35 -3.38 5.76
CA ASP C 42 3.96 -4.80 5.80
C ASP C 42 5.09 -5.74 5.33
N LEU C 43 6.30 -5.53 5.83
CA LEU C 43 7.44 -6.32 5.39
C LEU C 43 7.64 -7.60 6.17
N ALA C 44 7.01 -7.71 7.34
CA ALA C 44 7.24 -8.85 8.21
C ALA C 44 5.94 -9.49 8.68
N ASP C 45 5.98 -10.80 8.95
CA ASP C 45 4.88 -11.55 9.55
C ASP C 45 5.12 -11.66 11.08
N GLU C 46 6.30 -11.30 11.50
CA GLU C 46 6.70 -11.31 12.89
C GLU C 46 7.74 -10.23 13.11
N LEU C 47 7.52 -9.47 14.15
CA LEU C 47 8.46 -8.45 14.57
C LEU C 47 8.92 -8.69 16.00
N ALA C 48 10.24 -8.76 16.20
CA ALA C 48 10.80 -8.94 17.53
C ALA C 48 11.62 -7.71 17.93
N LEU C 49 11.44 -7.25 19.18
CA LEU C 49 12.23 -6.12 19.68
C LEU C 49 13.13 -6.60 20.83
N VAL C 50 14.38 -6.07 20.90
CA VAL C 50 15.34 -6.40 21.95
C VAL C 50 15.97 -5.14 22.54
N ASP C 51 16.05 -5.10 23.87
CA ASP C 51 16.74 -4.05 24.58
C ASP C 51 17.18 -4.55 25.97
N VAL C 52 17.89 -3.70 26.70
CA VAL C 52 18.38 -4.01 28.05
C VAL C 52 17.53 -3.27 29.13
N ILE C 53 16.62 -2.36 28.70
CA ILE C 53 15.76 -1.64 29.65
C ILE C 53 14.40 -2.34 29.60
N GLU C 54 14.15 -3.20 30.60
CA GLU C 54 12.94 -4.03 30.70
C GLU C 54 11.62 -3.27 30.49
N ASP C 55 11.42 -2.17 31.23
CA ASP C 55 10.20 -1.36 31.21
C ASP C 55 9.99 -0.68 29.87
N LYS C 56 11.03 0.03 29.36
CA LYS C 56 10.94 0.71 28.07
C LYS C 56 10.56 -0.29 26.98
N LEU C 57 11.25 -1.44 26.98
CA LEU C 57 11.03 -2.53 26.06
C LEU C 57 9.58 -3.05 26.04
N LYS C 58 9.02 -3.36 27.22
CA LYS C 58 7.63 -3.86 27.34
C LYS C 58 6.61 -2.79 26.88
N GLY C 59 6.75 -1.55 27.38
CA GLY C 59 5.91 -0.42 27.02
C GLY C 59 5.84 -0.22 25.50
N GLU C 60 7.00 -0.14 24.82
CA GLU C 60 7.10 -0.01 23.36
C GLU C 60 6.42 -1.18 22.64
N MET C 61 6.73 -2.41 23.07
CA MET C 61 6.14 -3.61 22.53
C MET C 61 4.60 -3.54 22.62
N MET C 62 4.06 -3.20 23.81
CA MET C 62 2.63 -3.09 24.09
C MET C 62 1.95 -2.02 23.24
N ASP C 63 2.57 -0.83 23.15
CA ASP C 63 2.04 0.29 22.38
C ASP C 63 1.89 -0.14 20.86
N LEU C 64 2.89 -0.87 20.32
CA LEU C 64 2.78 -1.39 18.94
C LEU C 64 1.65 -2.41 18.82
N GLN C 65 1.57 -3.34 19.81
CA GLN C 65 0.55 -4.39 19.85
C GLN C 65 -0.87 -3.83 19.85
N HIS C 66 -1.09 -2.72 20.61
CA HIS C 66 -2.39 -2.09 20.66
C HIS C 66 -2.87 -1.52 19.32
N GLY C 67 -1.95 -1.27 18.38
CA GLY C 67 -2.26 -0.85 17.01
C GLY C 67 -2.43 -2.01 16.03
N SER C 68 -2.36 -3.29 16.52
CA SER C 68 -2.48 -4.53 15.71
C SER C 68 -3.64 -4.55 14.70
N LEU C 69 -4.82 -4.05 15.09
CA LEU C 69 -6.02 -4.01 14.21
C LEU C 69 -5.74 -3.23 12.90
N PHE C 70 -4.83 -2.23 12.97
CA PHE C 70 -4.49 -1.38 11.83
C PHE C 70 -3.28 -1.86 11.06
N LEU C 71 -2.75 -3.03 11.44
CA LEU C 71 -1.53 -3.56 10.84
C LEU C 71 -1.69 -4.95 10.18
N LYS C 72 -0.68 -5.38 9.41
CA LYS C 72 -0.70 -6.72 8.79
C LYS C 72 0.49 -7.55 9.28
N THR C 73 0.87 -7.35 10.55
CA THR C 73 1.96 -8.06 11.20
C THR C 73 1.33 -8.76 12.39
N PRO C 74 1.01 -10.06 12.22
CA PRO C 74 0.27 -10.75 13.28
C PRO C 74 0.99 -11.02 14.59
N LYS C 75 2.34 -10.83 14.65
CA LYS C 75 3.02 -11.17 15.88
C LYS C 75 4.11 -10.18 16.19
N ILE C 76 3.96 -9.55 17.36
CA ILE C 76 4.89 -8.57 17.90
C ILE C 76 5.31 -9.06 19.27
N VAL C 77 6.61 -9.27 19.45
CA VAL C 77 7.17 -9.84 20.69
C VAL C 77 8.42 -9.07 21.10
N SER C 78 8.79 -9.19 22.37
CA SER C 78 10.02 -8.59 22.89
C SER C 78 10.60 -9.41 24.05
N SER C 79 11.91 -9.21 24.28
CA SER C 79 12.67 -9.81 25.35
C SER C 79 14.05 -9.25 25.41
N LYS C 80 14.64 -9.32 26.61
CA LYS C 80 16.05 -9.00 26.81
C LYS C 80 16.84 -10.25 26.29
N ASP C 81 16.18 -11.43 26.25
CA ASP C 81 16.81 -12.68 25.79
C ASP C 81 16.78 -12.76 24.26
N TYR C 82 17.93 -13.09 23.67
CA TYR C 82 18.02 -13.23 22.22
C TYR C 82 17.28 -14.40 21.60
N SER C 83 16.72 -15.32 22.44
CA SER C 83 15.91 -16.44 21.95
C SER C 83 14.63 -15.92 21.26
N VAL C 84 14.15 -14.74 21.67
CA VAL C 84 12.99 -14.07 21.05
C VAL C 84 13.22 -13.74 19.56
N THR C 85 14.50 -13.60 19.15
CA THR C 85 14.87 -13.22 17.79
C THR C 85 15.10 -14.41 16.86
N ALA C 86 14.91 -15.64 17.34
CA ALA C 86 15.17 -16.86 16.55
C ALA C 86 14.53 -16.85 15.17
N ASN C 87 15.27 -17.33 14.15
CA ASN C 87 14.78 -17.46 12.78
C ASN C 87 14.46 -16.13 12.08
N SER C 88 15.17 -15.04 12.43
CA SER C 88 14.94 -13.79 11.72
C SER C 88 15.60 -13.88 10.33
N LYS C 89 15.03 -13.21 9.35
CA LYS C 89 15.58 -13.09 7.99
C LYS C 89 16.42 -11.83 7.97
N LEU C 90 16.01 -10.84 8.78
CA LEU C 90 16.67 -9.55 8.89
C LEU C 90 16.75 -9.09 10.35
N VAL C 91 17.97 -8.70 10.77
CA VAL C 91 18.22 -8.17 12.11
C VAL C 91 18.85 -6.78 11.97
N ILE C 92 18.11 -5.78 12.46
CA ILE C 92 18.46 -4.38 12.39
C ILE C 92 19.04 -3.94 13.78
N ILE C 93 20.31 -3.50 13.79
CA ILE C 93 21.01 -3.11 14.99
C ILE C 93 20.95 -1.61 15.16
N THR C 94 20.24 -1.15 16.22
CA THR C 94 20.13 0.29 16.53
C THR C 94 20.54 0.55 17.97
N ALA C 95 21.25 -0.39 18.60
CA ALA C 95 21.71 -0.22 19.97
C ALA C 95 23.02 0.56 20.00
N GLY C 96 23.20 1.32 21.06
CA GLY C 96 24.43 2.06 21.22
C GLY C 96 24.27 3.47 21.71
N ALA C 97 25.42 4.06 22.07
CA ALA C 97 25.51 5.47 22.45
C ALA C 97 25.30 6.29 21.14
N ARG C 98 24.69 7.47 21.29
CA ARG C 98 24.57 8.46 20.24
C ARG C 98 25.38 9.69 20.61
N GLN C 99 25.79 10.47 19.59
CA GLN C 99 26.66 11.63 19.78
C GLN C 99 25.90 12.84 20.27
N GLN C 100 26.57 13.68 21.08
CA GLN C 100 26.00 14.94 21.51
C GLN C 100 26.16 15.91 20.34
N GLU C 101 25.60 17.13 20.48
CA GLU C 101 25.80 18.24 19.57
C GLU C 101 27.31 18.56 19.72
N GLY C 102 28.01 18.73 18.60
CA GLY C 102 29.43 19.03 18.62
C GLY C 102 30.34 17.83 18.75
N GLU C 103 29.77 16.61 18.82
CA GLU C 103 30.55 15.37 18.95
C GLU C 103 30.40 14.55 17.66
N SER C 104 31.51 14.00 17.18
CA SER C 104 31.51 13.19 15.97
C SER C 104 30.88 11.81 16.23
N ARG C 105 30.27 11.19 15.20
CA ARG C 105 29.75 9.81 15.29
C ARG C 105 30.94 8.90 15.56
N LEU C 106 32.13 9.26 15.02
CA LEU C 106 33.40 8.55 15.21
C LEU C 106 33.83 8.43 16.68
N ASN C 107 33.41 9.40 17.52
CA ASN C 107 33.73 9.39 18.95
C ASN C 107 32.89 8.35 19.71
N LEU C 108 31.91 7.69 19.04
CA LEU C 108 31.09 6.67 19.70
C LEU C 108 31.72 5.29 19.55
N VAL C 109 32.83 5.17 18.79
CA VAL C 109 33.44 3.90 18.39
C VAL C 109 33.75 2.88 19.49
N GLN C 110 34.43 3.29 20.57
CA GLN C 110 34.77 2.36 21.64
C GLN C 110 33.57 1.91 22.43
N ARG C 111 32.63 2.82 22.74
CA ARG C 111 31.41 2.46 23.45
C ARG C 111 30.60 1.46 22.63
N ASN C 112 30.44 1.75 21.34
CA ASN C 112 29.63 0.93 20.47
C ASN C 112 30.27 -0.41 20.04
N VAL C 113 31.59 -0.48 19.85
CA VAL C 113 32.29 -1.74 19.58
C VAL C 113 32.05 -2.70 20.79
N ASN C 114 32.24 -2.20 22.04
N ASN C 114 32.23 -2.18 22.02
CA ASN C 114 32.05 -3.02 23.23
CA ASN C 114 32.04 -2.94 23.26
C ASN C 114 30.62 -3.56 23.38
C ASN C 114 30.64 -3.55 23.33
N ILE C 115 29.60 -2.75 23.01
CA ILE C 115 28.18 -3.17 23.02
C ILE C 115 27.97 -4.26 21.94
N PHE C 116 28.63 -4.08 20.77
CA PHE C 116 28.50 -5.01 19.62
C PHE C 116 29.16 -6.33 19.97
N LYS C 117 30.23 -6.32 20.80
CA LYS C 117 30.86 -7.58 21.24
C LYS C 117 29.88 -8.47 21.99
N PHE C 118 28.88 -7.86 22.64
CA PHE C 118 27.84 -8.60 23.32
C PHE C 118 26.70 -8.90 22.34
N ILE C 119 26.16 -7.85 21.67
CA ILE C 119 25.03 -8.08 20.74
C ILE C 119 25.26 -9.08 19.57
N ILE C 120 26.28 -8.84 18.74
CA ILE C 120 26.51 -9.59 17.51
C ILE C 120 26.55 -11.12 17.65
N PRO C 121 27.34 -11.70 18.58
CA PRO C 121 27.30 -13.16 18.78
C PRO C 121 25.91 -13.69 19.14
N ASN C 122 25.14 -12.96 19.97
CA ASN C 122 23.79 -13.36 20.38
C ASN C 122 22.78 -13.37 19.25
N VAL C 123 22.89 -12.40 18.34
CA VAL C 123 22.01 -12.32 17.18
C VAL C 123 22.30 -13.50 16.24
N VAL C 124 23.60 -13.70 15.96
CA VAL C 124 24.13 -14.70 15.06
C VAL C 124 23.81 -16.13 15.55
N LYS C 125 23.78 -16.31 16.88
CA LYS C 125 23.46 -17.56 17.55
C LYS C 125 22.03 -18.05 17.22
N TYR C 126 21.06 -17.11 17.18
CA TYR C 126 19.64 -17.42 16.95
C TYR C 126 19.13 -17.28 15.53
N SER C 127 19.81 -16.46 14.67
CA SER C 127 19.42 -16.26 13.26
C SER C 127 20.58 -16.50 12.32
N PRO C 128 21.00 -17.77 12.15
CA PRO C 128 22.14 -18.04 11.25
C PRO C 128 21.90 -17.70 9.76
N GLN C 129 20.64 -17.48 9.35
CA GLN C 129 20.33 -17.17 7.95
C GLN C 129 20.12 -15.69 7.74
N CYS C 130 20.14 -14.87 8.80
CA CYS C 130 19.83 -13.45 8.63
C CYS C 130 20.81 -12.61 7.81
N LYS C 131 20.33 -11.44 7.42
CA LYS C 131 21.16 -10.38 6.90
C LYS C 131 21.26 -9.46 8.15
N LEU C 132 22.47 -8.96 8.45
CA LEU C 132 22.63 -8.02 9.54
C LEU C 132 22.64 -6.64 8.92
N LEU C 133 21.72 -5.77 9.39
CA LEU C 133 21.65 -4.41 8.91
C LEU C 133 22.06 -3.52 10.08
N ILE C 134 23.28 -2.93 9.96
CA ILE C 134 23.86 -2.06 11.00
C ILE C 134 23.39 -0.62 10.81
N VAL C 135 22.82 -0.01 11.84
CA VAL C 135 22.36 1.38 11.74
C VAL C 135 23.20 2.25 12.70
N SER C 136 23.43 1.72 13.91
CA SER C 136 24.22 2.37 14.98
C SER C 136 25.54 2.99 14.41
N ASN C 137 25.98 4.09 15.03
CA ASN C 137 27.17 4.86 14.67
C ASN C 137 28.50 4.62 15.41
N PRO C 138 29.67 4.81 14.73
CA PRO C 138 29.84 5.16 13.30
C PRO C 138 29.52 3.92 12.45
N VAL C 139 28.45 4.01 11.64
CA VAL C 139 27.88 2.93 10.84
C VAL C 139 28.88 2.11 10.03
N ASP C 140 29.79 2.80 9.35
CA ASP C 140 30.78 2.19 8.45
C ASP C 140 31.79 1.29 9.20
N ILE C 141 32.30 1.76 10.33
CA ILE C 141 33.21 0.99 11.19
C ILE C 141 32.44 -0.13 11.89
N LEU C 142 31.23 0.17 12.43
CA LEU C 142 30.43 -0.87 13.09
C LEU C 142 30.00 -2.00 12.14
N THR C 143 29.86 -1.70 10.84
CA THR C 143 29.53 -2.75 9.88
C THR C 143 30.69 -3.74 9.75
N TYR C 144 31.91 -3.19 9.71
CA TYR C 144 33.14 -3.94 9.61
C TYR C 144 33.29 -4.75 10.90
N VAL C 145 33.07 -4.08 12.08
CA VAL C 145 33.12 -4.73 13.39
C VAL C 145 32.13 -5.90 13.44
N ALA C 146 30.87 -5.65 13.09
CA ALA C 146 29.81 -6.69 13.02
C ALA C 146 30.23 -7.81 12.07
N TRP C 147 30.80 -7.50 10.89
CA TRP C 147 31.28 -8.52 9.95
C TRP C 147 32.41 -9.36 10.59
N LYS C 148 33.43 -8.69 11.19
CA LYS C 148 34.51 -9.45 11.77
C LYS C 148 34.05 -10.36 12.96
N ILE C 149 33.09 -9.90 13.78
CA ILE C 149 32.57 -10.67 14.94
C ILE C 149 31.68 -11.84 14.51
N SER C 150 30.71 -11.56 13.65
CA SER C 150 29.67 -12.47 13.19
C SER C 150 30.12 -13.76 12.56
N GLY C 151 31.18 -13.71 11.74
CA GLY C 151 31.64 -14.85 10.96
C GLY C 151 30.78 -14.96 9.71
N PHE C 152 29.88 -13.97 9.52
CA PHE C 152 29.00 -13.93 8.34
C PHE C 152 29.78 -13.55 7.05
N PRO C 153 29.36 -14.00 5.85
CA PRO C 153 30.03 -13.51 4.63
C PRO C 153 29.70 -12.01 4.52
N LYS C 154 30.60 -11.25 3.88
CA LYS C 154 30.47 -9.81 3.74
C LYS C 154 29.18 -9.36 3.07
N ASN C 155 28.60 -10.20 2.16
CA ASN C 155 27.33 -9.82 1.50
C ASN C 155 26.17 -9.66 2.49
N ARG C 156 26.26 -10.31 3.66
CA ARG C 156 25.18 -10.32 4.64
C ARG C 156 25.34 -9.39 5.80
N VAL C 157 26.36 -8.51 5.71
CA VAL C 157 26.62 -7.50 6.72
C VAL C 157 26.63 -6.13 6.05
N ILE C 158 25.53 -5.45 6.19
CA ILE C 158 25.24 -4.17 5.52
C ILE C 158 25.09 -3.04 6.49
N GLY C 159 25.64 -1.90 6.14
CA GLY C 159 25.47 -0.68 6.93
C GLY C 159 24.42 0.21 6.26
N SER C 160 23.57 0.89 7.04
CA SER C 160 22.55 1.83 6.53
C SER C 160 23.23 2.94 5.69
N GLY C 161 24.48 3.25 6.08
CA GLY C 161 25.38 4.17 5.42
C GLY C 161 24.80 5.47 4.89
N CYS C 162 25.04 5.73 3.60
CA CYS C 162 24.65 6.95 2.91
C CYS C 162 23.29 6.93 2.23
N ASN C 163 22.44 5.94 2.55
CA ASN C 163 21.10 5.85 1.94
C ASN C 163 20.32 7.10 2.44
N LEU C 164 20.53 7.48 3.72
CA LEU C 164 19.92 8.68 4.31
C LEU C 164 20.49 9.98 3.70
N ASP C 165 21.84 10.08 3.65
CA ASP C 165 22.58 11.24 3.12
C ASP C 165 22.11 11.50 1.68
N SER C 166 22.00 10.42 0.91
CA SER C 166 21.47 10.52 -0.46
C SER C 166 19.98 10.91 -0.48
N ALA C 167 19.13 10.37 0.42
CA ALA C 167 17.72 10.81 0.43
C ALA C 167 17.61 12.33 0.75
N ARG C 168 18.47 12.81 1.70
CA ARG C 168 18.56 14.22 2.08
C ARG C 168 19.00 15.07 0.85
N PHE C 169 20.04 14.62 0.14
CA PHE C 169 20.58 15.32 -1.02
C PHE C 169 19.46 15.50 -2.08
N ARG C 170 18.74 14.41 -2.38
CA ARG C 170 17.64 14.38 -3.35
C ARG C 170 16.47 15.27 -2.97
N TYR C 171 16.07 15.27 -1.66
CA TYR C 171 15.03 16.17 -1.16
C TYR C 171 15.42 17.65 -1.41
N LEU C 172 16.68 18.04 -1.07
CA LEU C 172 17.14 19.42 -1.22
C LEU C 172 17.23 19.80 -2.66
N MET C 173 17.76 18.89 -3.49
CA MET C 173 17.84 19.08 -4.94
C MET C 173 16.40 19.29 -5.51
N GLY C 174 15.46 18.45 -5.04
CA GLY C 174 14.06 18.49 -5.46
C GLY C 174 13.39 19.80 -5.10
N GLU C 175 13.65 20.26 -3.88
CA GLU C 175 13.17 21.53 -3.36
C GLU C 175 13.67 22.69 -4.24
N ARG C 176 14.95 22.64 -4.67
CA ARG C 176 15.57 23.68 -5.49
C ARG C 176 14.99 23.70 -6.90
N LEU C 177 14.70 22.51 -7.45
CA LEU C 177 14.18 22.31 -8.83
C LEU C 177 12.65 22.30 -9.11
N GLY C 178 11.86 22.12 -8.05
CA GLY C 178 10.41 21.99 -8.14
C GLY C 178 10.04 20.64 -8.73
N VAL C 179 10.84 19.59 -8.44
CA VAL C 179 10.63 18.21 -8.93
C VAL C 179 10.62 17.31 -7.68
N HIS C 180 9.87 16.20 -7.73
CA HIS C 180 9.84 15.20 -6.66
C HIS C 180 11.25 14.61 -6.46
N PRO C 181 11.70 14.34 -5.22
CA PRO C 181 13.02 13.70 -5.05
C PRO C 181 13.18 12.37 -5.82
N LEU C 182 12.07 11.63 -6.04
CA LEU C 182 12.11 10.38 -6.83
C LEU C 182 12.67 10.60 -8.26
N SER C 183 12.53 11.82 -8.81
CA SER C 183 12.98 12.17 -10.14
C SER C 183 14.28 12.99 -10.13
N CYS C 184 14.81 13.28 -8.93
CA CYS C 184 16.07 14.01 -8.77
C CYS C 184 17.13 13.01 -8.39
N HIS C 185 18.06 12.76 -9.29
CA HIS C 185 19.11 11.76 -9.02
C HIS C 185 20.42 12.39 -8.59
N GLY C 186 21.00 11.85 -7.55
CA GLY C 186 22.25 12.35 -7.00
C GLY C 186 22.72 11.42 -5.93
N TRP C 187 24.06 11.24 -5.84
CA TRP C 187 24.68 10.27 -4.96
C TRP C 187 25.71 10.88 -3.98
N VAL C 188 25.53 10.56 -2.68
CA VAL C 188 26.44 10.97 -1.60
C VAL C 188 27.07 9.66 -1.13
N LEU C 189 28.37 9.52 -1.35
CA LEU C 189 29.10 8.30 -1.02
C LEU C 189 30.10 8.52 0.13
N GLY C 190 30.83 7.47 0.48
CA GLY C 190 31.83 7.50 1.54
C GLY C 190 31.22 7.28 2.91
N GLU C 191 31.81 7.96 3.91
CA GLU C 191 31.37 7.86 5.29
C GLU C 191 29.96 8.46 5.49
N HIS C 192 29.10 7.76 6.28
CA HIS C 192 27.84 8.35 6.74
C HIS C 192 28.35 9.31 7.86
N GLY C 193 28.79 10.48 7.44
CA GLY C 193 29.42 11.42 8.34
C GLY C 193 29.97 12.63 7.64
N ASP C 194 30.89 13.36 8.34
CA ASP C 194 31.49 14.61 7.89
C ASP C 194 32.30 14.52 6.61
N SER C 195 32.86 13.34 6.32
CA SER C 195 33.73 13.14 5.15
C SER C 195 33.01 12.54 3.92
N SER C 196 31.66 12.56 3.91
CA SER C 196 30.87 12.05 2.78
C SER C 196 31.18 12.84 1.49
N VAL C 197 30.96 12.20 0.35
CA VAL C 197 31.34 12.77 -0.93
C VAL C 197 30.14 12.98 -1.89
N PRO C 198 29.82 14.26 -2.27
CA PRO C 198 28.75 14.45 -3.28
C PRO C 198 29.34 14.19 -4.67
N VAL C 199 28.72 13.27 -5.42
CA VAL C 199 29.16 12.89 -6.77
C VAL C 199 28.43 13.82 -7.76
N TRP C 200 28.93 15.06 -7.86
CA TRP C 200 28.34 16.09 -8.73
C TRP C 200 28.22 15.63 -10.17
N SER C 201 29.26 14.93 -10.66
CA SER C 201 29.31 14.40 -12.00
C SER C 201 28.09 13.46 -12.31
N GLY C 202 27.45 12.92 -11.27
CA GLY C 202 26.33 12.00 -11.47
C GLY C 202 24.96 12.60 -11.29
N VAL C 203 24.88 13.84 -10.74
CA VAL C 203 23.64 14.58 -10.41
C VAL C 203 22.88 14.90 -11.70
N ASN C 204 21.61 14.46 -11.76
CA ASN C 204 20.81 14.59 -12.96
C ASN C 204 19.29 14.49 -12.77
N VAL C 205 18.58 15.08 -13.76
CA VAL C 205 17.14 14.99 -13.87
C VAL C 205 16.88 14.43 -15.27
N ALA C 206 16.17 13.28 -15.35
CA ALA C 206 15.84 12.63 -16.63
C ALA C 206 17.10 12.33 -17.48
N GLY C 207 18.22 12.05 -16.83
CA GLY C 207 19.46 11.78 -17.54
C GLY C 207 20.27 13.01 -17.93
N VAL C 208 19.76 14.21 -17.63
CA VAL C 208 20.42 15.48 -17.94
C VAL C 208 21.36 15.84 -16.81
N SER C 209 22.67 15.78 -17.07
CA SER C 209 23.70 16.13 -16.08
C SER C 209 23.60 17.60 -15.61
N LEU C 210 23.42 17.85 -14.30
CA LEU C 210 23.35 19.22 -13.81
C LEU C 210 24.69 19.93 -14.02
N LYS C 211 25.81 19.15 -13.89
CA LYS C 211 27.17 19.65 -14.09
C LYS C 211 27.44 20.03 -15.55
N SER C 212 26.72 19.42 -16.53
CA SER C 212 26.89 19.84 -17.90
C SER C 212 26.30 21.23 -18.09
N LEU C 213 25.11 21.49 -17.51
CA LEU C 213 24.47 22.81 -17.60
C LEU C 213 25.20 23.89 -16.81
N ASN C 214 25.76 23.55 -15.65
CA ASN C 214 26.50 24.49 -14.79
C ASN C 214 27.83 23.81 -14.42
N PRO C 215 28.92 24.02 -15.20
CA PRO C 215 30.21 23.34 -14.89
C PRO C 215 30.76 23.63 -13.51
N GLN C 216 30.42 24.81 -12.96
CA GLN C 216 30.86 25.24 -11.62
C GLN C 216 30.12 24.49 -10.48
N LEU C 217 29.14 23.61 -10.82
CA LEU C 217 28.35 22.87 -9.83
C LEU C 217 29.14 22.18 -8.70
N GLY C 218 28.83 22.55 -7.46
CA GLY C 218 29.44 21.99 -6.26
C GLY C 218 30.74 22.63 -5.81
N THR C 219 31.21 23.63 -6.58
CA THR C 219 32.45 24.36 -6.28
C THR C 219 32.13 25.72 -5.64
N ASP C 220 33.15 26.40 -5.07
CA ASP C 220 33.00 27.74 -4.48
C ASP C 220 32.65 28.79 -5.54
N ALA C 221 33.08 28.55 -6.80
CA ALA C 221 32.81 29.38 -7.97
C ALA C 221 31.31 29.40 -8.36
N ASP C 222 30.56 28.35 -7.99
CA ASP C 222 29.14 28.21 -8.31
C ASP C 222 28.29 29.39 -7.79
N LYS C 223 27.64 30.10 -8.73
CA LYS C 223 26.77 31.26 -8.49
C LYS C 223 25.56 30.89 -7.63
N GLU C 224 25.05 29.66 -7.80
CA GLU C 224 23.90 29.17 -7.05
C GLU C 224 24.25 28.43 -5.77
N GLN C 225 25.55 28.27 -5.49
CA GLN C 225 26.10 27.67 -4.28
C GLN C 225 25.47 26.29 -3.93
N TRP C 226 25.51 25.36 -4.92
CA TRP C 226 24.99 24.00 -4.81
C TRP C 226 25.84 23.20 -3.84
N LYS C 227 27.11 23.63 -3.60
CA LYS C 227 27.98 22.98 -2.61
C LYS C 227 27.27 23.05 -1.25
N ASP C 228 26.43 24.10 -1.06
CA ASP C 228 25.68 24.27 0.19
C ASP C 228 24.67 23.12 0.42
N VAL C 229 24.13 22.50 -0.67
CA VAL C 229 23.20 21.35 -0.58
C VAL C 229 23.92 20.22 0.17
N HIS C 230 25.19 19.93 -0.22
CA HIS C 230 26.03 18.92 0.41
C HIS C 230 26.37 19.30 1.84
N LYS C 231 26.66 20.59 2.09
CA LYS C 231 26.99 21.07 3.42
C LYS C 231 25.77 20.85 4.33
N GLN C 232 24.55 21.12 3.81
CA GLN C 232 23.30 20.87 4.54
C GLN C 232 23.09 19.39 4.81
N VAL C 233 23.50 18.51 3.86
CA VAL C 233 23.42 17.05 4.06
C VAL C 233 24.39 16.65 5.23
N VAL C 234 25.66 17.08 5.18
CA VAL C 234 26.64 16.80 6.25
C VAL C 234 26.12 17.36 7.61
N ASP C 235 25.57 18.60 7.60
CA ASP C 235 25.11 19.24 8.85
C ASP C 235 23.78 18.73 9.40
N SER C 236 22.97 18.05 8.55
CA SER C 236 21.62 17.54 8.84
C SER C 236 21.39 17.02 10.23
N ALA C 237 22.11 15.95 10.63
CA ALA C 237 21.97 15.35 11.95
C ALA C 237 22.20 16.36 13.04
N TYR C 238 23.26 17.17 12.91
CA TYR C 238 23.58 18.18 13.91
C TYR C 238 22.54 19.29 14.02
N GLU C 239 22.04 19.75 12.86
CA GLU C 239 20.99 20.77 12.73
C GLU C 239 19.70 20.27 13.44
N VAL C 240 19.27 19.03 13.10
CA VAL C 240 18.08 18.36 13.65
C VAL C 240 18.25 18.05 15.17
N ILE C 241 19.44 17.59 15.59
CA ILE C 241 19.74 17.34 17.02
C ILE C 241 19.62 18.63 17.81
N LYS C 242 20.13 19.74 17.27
CA LYS C 242 20.09 21.06 17.91
C LYS C 242 18.65 21.51 18.07
N LEU C 243 17.81 21.25 17.05
CA LEU C 243 16.42 21.68 17.08
C LEU C 243 15.49 20.78 17.89
N LYS C 244 15.55 19.44 17.65
CA LYS C 244 14.67 18.43 18.30
C LYS C 244 15.28 17.51 19.36
N GLY C 245 16.61 17.46 19.46
CA GLY C 245 17.34 16.66 20.47
C GLY C 245 17.95 15.38 19.96
N TYR C 246 17.48 14.91 18.80
CA TYR C 246 17.91 13.67 18.18
C TYR C 246 17.25 13.60 16.79
N THR C 247 17.54 12.54 16.02
CA THR C 247 16.86 12.34 14.73
C THR C 247 16.21 10.94 14.76
N SER C 248 15.16 10.71 13.98
CA SER C 248 14.47 9.43 14.01
C SER C 248 13.64 9.14 12.77
N TRP C 249 12.79 10.07 12.31
CA TRP C 249 11.89 9.75 11.20
C TRP C 249 12.61 9.41 9.89
N ALA C 250 13.59 10.24 9.49
CA ALA C 250 14.29 10.03 8.22
C ALA C 250 15.14 8.76 8.22
N ILE C 251 15.85 8.51 9.31
CA ILE C 251 16.64 7.28 9.43
C ILE C 251 15.73 6.03 9.41
N GLY C 252 14.60 6.09 10.13
CA GLY C 252 13.61 5.00 10.20
C GLY C 252 13.10 4.66 8.81
N LEU C 253 12.77 5.71 8.01
CA LEU C 253 12.30 5.50 6.61
C LEU C 253 13.40 4.98 5.71
N SER C 254 14.66 5.47 5.93
CA SER C 254 15.83 5.03 5.16
C SER C 254 16.05 3.53 5.39
N VAL C 255 15.96 3.13 6.67
CA VAL C 255 16.16 1.74 7.07
C VAL C 255 15.06 0.85 6.51
N ALA C 256 13.81 1.33 6.54
CA ALA C 256 12.67 0.57 6.00
C ALA C 256 12.80 0.40 4.47
N ASP C 257 13.44 1.38 3.79
CA ASP C 257 13.73 1.35 2.36
C ASP C 257 14.69 0.15 2.07
N LEU C 258 15.77 0.00 2.88
CA LEU C 258 16.74 -1.12 2.81
C LEU C 258 16.07 -2.44 3.14
N ALA C 259 15.26 -2.48 4.23
CA ALA C 259 14.46 -3.66 4.61
C ALA C 259 13.57 -4.13 3.43
N GLU C 260 12.93 -3.20 2.70
CA GLU C 260 12.07 -3.59 1.57
C GLU C 260 12.87 -4.23 0.41
N SER C 261 14.06 -3.64 0.03
CA SER C 261 14.89 -4.23 -1.04
C SER C 261 15.38 -5.63 -0.62
N ILE C 262 15.81 -5.81 0.66
CA ILE C 262 16.23 -7.11 1.19
C ILE C 262 15.10 -8.14 1.27
N MET C 263 14.02 -7.85 2.04
CA MET C 263 12.90 -8.76 2.24
C MET C 263 12.24 -9.15 0.92
N LYS C 264 12.16 -8.18 -0.02
CA LYS C 264 11.49 -8.43 -1.30
C LYS C 264 12.42 -8.78 -2.48
N ASN C 265 13.73 -8.95 -2.22
CA ASN C 265 14.75 -9.36 -3.23
C ASN C 265 14.70 -8.44 -4.48
N LEU C 266 14.47 -7.16 -4.24
CA LEU C 266 14.29 -6.19 -5.31
C LEU C 266 15.50 -5.98 -6.22
N ARG C 267 16.71 -6.07 -5.66
CA ARG C 267 17.96 -5.84 -6.42
C ARG C 267 18.01 -4.37 -6.86
N ARG C 268 17.57 -3.47 -5.96
CA ARG C 268 17.66 -2.04 -6.21
C ARG C 268 19.07 -1.58 -5.87
N VAL C 269 19.48 -0.43 -6.36
CA VAL C 269 20.81 0.10 -6.06
C VAL C 269 20.72 1.11 -4.94
N HIS C 270 21.45 0.89 -3.82
CA HIS C 270 21.43 1.82 -2.69
C HIS C 270 22.84 2.19 -2.33
N PRO C 271 23.06 3.44 -1.83
CA PRO C 271 24.42 3.80 -1.38
C PRO C 271 24.61 3.37 0.09
N ILE C 272 25.04 2.10 0.31
CA ILE C 272 25.16 1.50 1.67
C ILE C 272 26.57 1.01 1.96
N SER C 273 26.89 0.81 3.27
CA SER C 273 28.20 0.41 3.74
C SER C 273 28.59 -1.00 3.40
N THR C 274 29.76 -1.15 2.76
CA THR C 274 30.30 -2.40 2.34
C THR C 274 31.81 -2.31 2.18
N MET C 275 32.48 -3.46 2.09
CA MET C 275 33.92 -3.44 1.94
C MET C 275 34.32 -2.86 0.59
N ILE C 276 35.21 -1.86 0.60
CA ILE C 276 35.69 -1.22 -0.64
C ILE C 276 37.08 -1.66 -1.10
N LYS C 277 37.79 -2.49 -0.29
CA LYS C 277 39.14 -3.00 -0.63
C LYS C 277 39.16 -3.56 -2.06
N GLY C 278 40.08 -2.99 -2.85
CA GLY C 278 40.29 -3.36 -4.25
C GLY C 278 39.71 -2.37 -5.25
N LEU C 279 39.03 -1.32 -4.76
CA LEU C 279 38.45 -0.28 -5.60
C LEU C 279 39.07 1.05 -5.18
N TYR C 280 39.24 1.97 -6.15
CA TYR C 280 39.81 3.32 -5.96
C TYR C 280 41.21 3.32 -5.29
N GLY C 281 41.94 2.23 -5.46
CA GLY C 281 43.28 2.05 -4.90
C GLY C 281 43.33 1.86 -3.39
N ILE C 282 42.17 1.56 -2.74
CA ILE C 282 42.12 1.33 -1.28
C ILE C 282 42.64 -0.08 -1.03
N LYS C 283 43.67 -0.19 -0.17
CA LYS C 283 44.34 -1.45 0.15
C LYS C 283 43.88 -2.12 1.47
N GLU C 284 43.20 -1.36 2.37
CA GLU C 284 42.73 -1.89 3.65
C GLU C 284 41.25 -2.30 3.66
N ASP C 285 40.86 -3.14 4.65
CA ASP C 285 39.48 -3.66 4.88
C ASP C 285 38.51 -2.53 5.33
N VAL C 286 38.51 -1.42 4.58
CA VAL C 286 37.67 -0.25 4.83
C VAL C 286 36.26 -0.56 4.31
N PHE C 287 35.27 -0.18 5.14
CA PHE C 287 33.86 -0.27 4.81
C PHE C 287 33.34 1.16 4.70
N LEU C 288 32.72 1.49 3.56
CA LEU C 288 32.08 2.80 3.32
C LEU C 288 30.96 2.70 2.27
N SER C 289 30.18 3.77 2.08
CA SER C 289 29.10 3.68 1.10
C SER C 289 29.51 3.89 -0.36
N VAL C 290 29.09 2.93 -1.19
CA VAL C 290 29.19 2.85 -2.64
C VAL C 290 27.83 2.28 -3.13
N PRO C 291 27.40 2.54 -4.40
CA PRO C 291 26.10 2.01 -4.84
C PRO C 291 26.16 0.49 -4.93
N CYS C 292 25.29 -0.19 -4.18
CA CYS C 292 25.22 -1.64 -4.09
C CYS C 292 23.90 -2.16 -4.56
N ILE C 293 23.94 -3.34 -5.19
CA ILE C 293 22.71 -4.03 -5.56
C ILE C 293 22.31 -4.77 -4.26
N LEU C 294 21.08 -4.52 -3.79
CA LEU C 294 20.57 -5.09 -2.54
C LEU C 294 19.42 -6.04 -2.74
N GLY C 295 19.58 -7.26 -2.25
CA GLY C 295 18.53 -8.25 -2.40
C GLY C 295 18.41 -9.17 -1.22
N GLN C 296 17.80 -10.35 -1.48
CA GLN C 296 17.60 -11.38 -0.45
C GLN C 296 18.88 -11.99 0.15
N ASN C 297 20.02 -11.92 -0.56
CA ASN C 297 21.30 -12.40 -0.04
C ASN C 297 22.19 -11.21 0.40
N GLY C 298 21.55 -10.05 0.59
CA GLY C 298 22.22 -8.81 0.98
C GLY C 298 22.84 -8.14 -0.23
N ILE C 299 24.11 -7.71 -0.10
CA ILE C 299 24.83 -7.04 -1.19
C ILE C 299 25.49 -8.09 -2.10
N SER C 300 24.96 -8.26 -3.30
CA SER C 300 25.46 -9.25 -4.29
C SER C 300 26.49 -8.65 -5.29
N ASP C 301 26.44 -7.32 -5.48
CA ASP C 301 27.22 -6.58 -6.48
C ASP C 301 27.43 -5.13 -6.07
N VAL C 302 28.54 -4.54 -6.54
CA VAL C 302 28.83 -3.13 -6.32
C VAL C 302 28.88 -2.44 -7.67
N VAL C 303 28.30 -1.23 -7.75
CA VAL C 303 28.39 -0.45 -9.00
C VAL C 303 29.70 0.39 -8.92
N LYS C 304 30.54 0.32 -9.96
CA LYS C 304 31.80 1.06 -10.01
C LYS C 304 31.55 2.44 -10.58
N VAL C 305 31.45 3.41 -9.70
CA VAL C 305 31.20 4.78 -10.14
C VAL C 305 32.46 5.43 -10.70
N THR C 306 32.32 6.05 -11.87
CA THR C 306 33.37 6.81 -12.53
C THR C 306 33.38 8.16 -11.84
N LEU C 307 34.38 8.36 -11.04
CA LEU C 307 34.48 9.58 -10.27
C LEU C 307 35.48 10.49 -10.95
N THR C 308 35.31 11.81 -10.81
CA THR C 308 36.30 12.77 -11.33
C THR C 308 37.54 12.64 -10.44
N PRO C 309 38.76 13.02 -10.87
CA PRO C 309 39.92 12.91 -9.97
C PRO C 309 39.63 13.48 -8.58
N ASP C 310 39.03 14.70 -8.51
CA ASP C 310 38.66 15.41 -7.29
C ASP C 310 37.72 14.60 -6.39
N GLU C 311 36.58 14.10 -6.98
CA GLU C 311 35.58 13.28 -6.28
C GLU C 311 36.23 11.99 -5.72
N GLU C 312 37.15 11.37 -6.51
CA GLU C 312 37.89 10.17 -6.12
C GLU C 312 38.85 10.45 -4.96
N ALA C 313 39.60 11.57 -5.04
CA ALA C 313 40.48 12.00 -3.95
C ALA C 313 39.64 12.23 -2.69
N ARG C 314 38.40 12.77 -2.86
CA ARG C 314 37.49 13.01 -1.73
C ARG C 314 37.06 11.70 -1.13
N LEU C 315 36.79 10.70 -2.00
CA LEU C 315 36.42 9.36 -1.56
C LEU C 315 37.57 8.67 -0.83
N LYS C 316 38.82 8.81 -1.35
CA LYS C 316 40.02 8.23 -0.78
C LYS C 316 40.35 8.84 0.61
N LYS C 317 40.05 10.17 0.79
CA LYS C 317 40.24 10.87 2.07
C LYS C 317 39.21 10.34 3.09
N SER C 318 37.97 10.10 2.64
CA SER C 318 36.90 9.51 3.48
C SER C 318 37.37 8.14 3.99
N ALA C 319 37.87 7.28 3.08
CA ALA C 319 38.45 5.98 3.39
C ALA C 319 39.62 6.09 4.39
N ASP C 320 40.56 7.03 4.17
CA ASP C 320 41.70 7.32 5.07
C ASP C 320 41.19 7.67 6.46
N THR C 321 40.21 8.60 6.53
CA THR C 321 39.60 9.05 7.81
C THR C 321 39.08 7.84 8.62
N LEU C 322 38.34 6.95 7.96
CA LEU C 322 37.74 5.76 8.58
C LEU C 322 38.80 4.73 9.03
N TRP C 323 39.79 4.44 8.18
CA TRP C 323 40.90 3.53 8.51
C TRP C 323 41.69 3.98 9.76
N GLY C 324 41.89 5.29 9.88
CA GLY C 324 42.54 5.93 11.01
C GLY C 324 41.93 5.48 12.33
N ILE C 325 40.56 5.46 12.38
CA ILE C 325 39.80 5.01 13.54
C ILE C 325 39.89 3.47 13.64
N GLN C 326 39.58 2.80 12.53
CA GLN C 326 39.53 1.34 12.38
C GLN C 326 40.80 0.58 12.76
N LYS C 327 41.99 1.09 12.33
CA LYS C 327 43.27 0.44 12.64
C LYS C 327 43.59 0.45 14.16
N GLU C 328 43.00 1.39 14.92
CA GLU C 328 43.21 1.47 16.37
C GLU C 328 42.22 0.61 17.20
N LEU C 329 41.40 -0.24 16.53
CA LEU C 329 40.42 -1.12 17.19
C LEU C 329 41.00 -2.43 17.68
N GLN C 330 40.48 -2.91 18.83
CA GLN C 330 40.84 -4.18 19.47
C GLN C 330 39.58 -5.00 19.77
N PHE C 331 39.48 -6.21 19.17
CA PHE C 331 38.35 -7.16 19.34
C PHE C 331 38.72 -8.54 18.81
C ALA D 1 20.90 31.07 -14.97
N ALA D 2 19.70 30.88 -14.38
CA ALA D 2 19.50 29.88 -13.33
C ALA D 2 19.51 28.47 -13.94
N LEU D 3 20.14 27.54 -13.20
CA LEU D 3 20.27 26.14 -13.58
C LEU D 3 18.87 25.52 -13.75
N LYS D 4 17.91 25.87 -12.84
CA LYS D 4 16.52 25.38 -12.93
C LYS D 4 15.90 25.66 -14.33
N ASP D 5 16.11 26.89 -14.86
CA ASP D 5 15.56 27.41 -16.11
C ASP D 5 16.29 26.93 -17.36
N GLN D 6 17.56 26.54 -17.21
CA GLN D 6 18.32 25.94 -18.31
C GLN D 6 17.82 24.50 -18.49
N LEU D 7 17.37 23.89 -17.37
CA LEU D 7 16.90 22.50 -17.34
C LEU D 7 15.42 22.38 -17.64
N ILE D 8 14.65 23.36 -17.18
CA ILE D 8 13.19 23.32 -17.25
C ILE D 8 12.55 24.55 -17.92
N VAL D 9 11.55 24.27 -18.75
CA VAL D 9 10.70 25.30 -19.32
C VAL D 9 9.32 25.20 -18.58
N ASN D 10 8.92 26.30 -17.92
CA ASN D 10 7.68 26.40 -17.16
C ASN D 10 6.57 26.83 -18.11
N LEU D 11 5.44 26.12 -18.08
CA LEU D 11 4.29 26.37 -18.98
C LEU D 11 3.26 27.23 -18.31
N LEU D 12 3.19 27.06 -16.99
CA LEU D 12 2.13 27.54 -16.15
C LEU D 12 2.70 27.93 -14.78
N LYS D 13 2.64 29.24 -14.46
CA LYS D 13 3.08 29.78 -13.17
C LYS D 13 1.81 29.95 -12.34
N GLU D 14 1.38 28.90 -11.61
CA GLU D 14 0.11 28.96 -10.89
C GLU D 14 0.04 28.77 -9.35
N GLU D 15 -1.19 28.95 -8.80
CA GLU D 15 -1.54 28.80 -7.39
C GLU D 15 -1.74 27.32 -7.08
N GLN D 16 -0.84 26.80 -6.25
CA GLN D 16 -0.77 25.40 -5.85
C GLN D 16 -1.62 25.07 -4.60
N VAL D 17 -2.95 25.37 -4.62
CA VAL D 17 -3.80 25.05 -3.46
C VAL D 17 -3.98 23.52 -3.36
N PRO D 18 -3.52 22.90 -2.24
CA PRO D 18 -3.63 21.44 -2.12
C PRO D 18 -5.08 20.98 -2.10
N GLN D 19 -5.29 19.78 -2.57
CA GLN D 19 -6.62 19.19 -2.67
C GLN D 19 -6.93 18.27 -1.51
N ASN D 20 -5.89 17.71 -0.88
CA ASN D 20 -6.04 16.73 0.19
C ASN D 20 -5.15 17.11 1.36
N LYS D 21 -5.32 18.34 1.87
CA LYS D 21 -4.46 18.80 2.92
C LYS D 21 -4.90 18.42 4.34
N ILE D 22 -3.90 17.96 5.12
CA ILE D 22 -4.07 17.59 6.51
C ILE D 22 -3.12 18.45 7.41
N THR D 23 -3.66 19.00 8.51
CA THR D 23 -2.86 19.71 9.50
C THR D 23 -2.83 18.87 10.76
N VAL D 24 -1.67 18.78 11.39
CA VAL D 24 -1.54 18.17 12.69
C VAL D 24 -1.09 19.33 13.61
N VAL D 25 -1.90 19.67 14.63
CA VAL D 25 -1.53 20.73 15.59
C VAL D 25 -0.93 20.01 16.79
N GLY D 26 0.31 20.32 17.13
CA GLY D 26 1.01 19.67 18.25
C GLY D 26 2.02 18.65 17.75
N VAL D 27 3.30 18.83 18.13
CA VAL D 27 4.38 17.95 17.66
C VAL D 27 5.03 17.12 18.78
N GLY D 28 4.23 16.83 19.82
CA GLY D 28 4.61 15.91 20.86
C GLY D 28 4.62 14.51 20.27
N ALA D 29 4.91 13.50 21.10
CA ALA D 29 4.98 12.08 20.66
C ALA D 29 3.72 11.66 19.87
N VAL D 30 2.53 12.09 20.33
CA VAL D 30 1.25 11.74 19.66
C VAL D 30 1.09 12.41 18.33
N GLY D 31 1.25 13.73 18.27
CA GLY D 31 1.16 14.44 17.01
C GLY D 31 2.09 13.90 15.93
N MET D 32 3.34 13.52 16.30
CA MET D 32 4.35 12.97 15.41
C MET D 32 4.01 11.53 14.99
N ALA D 33 3.38 10.73 15.89
CA ALA D 33 2.90 9.38 15.54
C ALA D 33 1.72 9.52 14.56
N CYS D 34 0.84 10.55 14.73
CA CYS D 34 -0.27 10.79 13.77
C CYS D 34 0.33 11.18 12.43
N ALA D 35 1.35 12.08 12.42
CA ALA D 35 2.02 12.54 11.20
C ALA D 35 2.65 11.40 10.44
N ILE D 36 3.49 10.57 11.09
CA ILE D 36 4.16 9.44 10.41
C ILE D 36 3.15 8.46 9.83
N SER D 37 2.13 8.07 10.62
CA SER D 37 1.07 7.15 10.21
C SER D 37 0.28 7.73 9.02
N ILE D 38 -0.08 9.02 9.05
CA ILE D 38 -0.77 9.63 7.89
C ILE D 38 0.12 9.62 6.62
N LEU D 39 1.41 9.97 6.78
CA LEU D 39 2.35 9.97 5.66
C LEU D 39 2.55 8.59 5.09
N MET D 40 2.64 7.56 5.95
N MET D 40 2.65 7.55 5.96
CA MET D 40 2.87 6.20 5.47
CA MET D 40 2.84 6.16 5.56
C MET D 40 1.62 5.56 4.83
C MET D 40 1.63 5.60 4.80
N LYS D 41 0.44 6.16 5.06
CA LYS D 41 -0.85 5.77 4.46
C LYS D 41 -1.22 6.57 3.23
N ASP D 42 -0.34 7.50 2.78
CA ASP D 42 -0.55 8.30 1.55
C ASP D 42 -1.89 9.02 1.53
N LEU D 43 -2.27 9.62 2.66
CA LEU D 43 -3.57 10.25 2.75
C LEU D 43 -3.64 11.71 2.31
N ALA D 44 -2.50 12.40 2.29
CA ALA D 44 -2.49 13.82 2.00
C ALA D 44 -1.51 14.25 0.91
N ASP D 45 -1.81 15.38 0.21
CA ASP D 45 -0.84 15.90 -0.77
C ASP D 45 0.00 16.99 -0.05
N GLU D 46 -0.49 17.44 1.12
CA GLU D 46 0.21 18.44 1.92
C GLU D 46 -0.01 18.20 3.41
N LEU D 47 1.08 18.14 4.14
CA LEU D 47 1.03 17.98 5.60
C LEU D 47 1.61 19.23 6.21
N ALA D 48 0.84 19.88 7.11
CA ALA D 48 1.30 21.07 7.82
C ALA D 48 1.31 20.77 9.36
N LEU D 49 2.43 21.12 10.02
CA LEU D 49 2.57 20.92 11.47
C LEU D 49 2.54 22.28 12.15
N VAL D 50 1.86 22.39 13.30
CA VAL D 50 1.80 23.64 14.09
C VAL D 50 2.16 23.33 15.53
N ASP D 51 2.97 24.18 16.16
CA ASP D 51 3.31 24.09 17.59
C ASP D 51 3.76 25.44 18.07
N VAL D 52 4.01 25.58 19.40
CA VAL D 52 4.43 26.83 20.06
C VAL D 52 5.94 26.86 20.34
N ILE D 53 6.59 25.67 20.39
CA ILE D 53 8.03 25.50 20.60
C ILE D 53 8.68 25.48 19.22
N GLU D 54 9.23 26.65 18.84
CA GLU D 54 9.74 26.86 17.49
C GLU D 54 10.84 25.93 16.99
N ASP D 55 11.84 25.65 17.86
N ASP D 55 11.83 25.64 17.85
CA ASP D 55 12.95 24.76 17.52
CA ASP D 55 12.93 24.74 17.48
C ASP D 55 12.48 23.31 17.32
C ASP D 55 12.45 23.30 17.29
N LYS D 56 11.68 22.77 18.27
CA LYS D 56 11.09 21.42 18.26
C LYS D 56 10.26 21.23 16.94
N LEU D 57 9.37 22.22 16.61
CA LEU D 57 8.56 22.21 15.38
C LEU D 57 9.42 22.11 14.09
N LYS D 58 10.45 22.98 13.98
CA LYS D 58 11.35 23.02 12.82
C LYS D 58 12.13 21.69 12.66
N GLY D 59 12.55 21.12 13.81
CA GLY D 59 13.31 19.88 13.85
C GLY D 59 12.51 18.70 13.37
N GLU D 60 11.29 18.59 13.90
CA GLU D 60 10.31 17.56 13.50
C GLU D 60 9.95 17.69 12.00
N MET D 61 9.63 18.91 11.52
CA MET D 61 9.32 19.16 10.12
C MET D 61 10.51 18.68 9.24
N MET D 62 11.74 19.09 9.59
CA MET D 62 12.93 18.73 8.82
C MET D 62 13.14 17.23 8.77
N ASP D 63 12.97 16.59 9.93
CA ASP D 63 13.22 15.15 10.03
C ASP D 63 12.25 14.38 9.07
N LEU D 64 11.00 14.82 8.98
CA LEU D 64 10.01 14.18 8.08
C LEU D 64 10.42 14.48 6.66
N GLN D 65 10.70 15.77 6.37
CA GLN D 65 11.09 16.28 5.02
C GLN D 65 12.22 15.48 4.44
N HIS D 66 13.16 15.09 5.30
CA HIS D 66 14.33 14.31 4.92
C HIS D 66 13.98 12.90 4.50
N GLY D 67 12.82 12.39 4.93
CA GLY D 67 12.34 11.09 4.46
C GLY D 67 11.47 11.14 3.20
N SER D 68 11.32 12.34 2.54
CA SER D 68 10.46 12.62 1.36
C SER D 68 10.56 11.65 0.20
N LEU D 69 11.79 11.24 -0.14
CA LEU D 69 12.12 10.25 -1.18
C LEU D 69 11.32 8.92 -0.99
N PHE D 70 11.11 8.52 0.27
CA PHE D 70 10.41 7.28 0.66
C PHE D 70 8.90 7.52 0.85
N LEU D 71 8.47 8.75 0.59
CA LEU D 71 7.06 9.12 0.75
C LEU D 71 6.37 9.52 -0.58
N LYS D 72 5.07 9.86 -0.52
CA LYS D 72 4.20 10.30 -1.63
C LYS D 72 3.35 11.52 -1.19
N THR D 73 3.92 12.36 -0.33
CA THR D 73 3.31 13.59 0.23
C THR D 73 4.35 14.65 -0.11
N PRO D 74 4.09 15.34 -1.23
CA PRO D 74 5.10 16.23 -1.82
C PRO D 74 5.44 17.53 -1.11
N LYS D 75 4.65 17.91 -0.11
CA LYS D 75 4.89 19.12 0.61
C LYS D 75 4.58 18.94 2.10
N ILE D 76 5.60 19.17 2.91
CA ILE D 76 5.53 19.13 4.36
C ILE D 76 5.99 20.48 4.83
N VAL D 77 5.15 21.15 5.63
CA VAL D 77 5.44 22.51 6.07
C VAL D 77 5.18 22.66 7.56
N SER D 78 5.72 23.73 8.12
CA SER D 78 5.42 24.00 9.52
C SER D 78 5.52 25.49 9.84
N SER D 79 4.79 25.90 10.89
CA SER D 79 4.77 27.26 11.45
C SER D 79 4.01 27.33 12.77
N LYS D 80 4.38 28.32 13.63
CA LYS D 80 3.60 28.61 14.83
C LYS D 80 2.39 29.46 14.38
N ASP D 81 2.47 30.01 13.15
CA ASP D 81 1.42 30.84 12.57
C ASP D 81 0.43 29.96 11.78
N TYR D 82 -0.85 30.04 12.14
CA TYR D 82 -1.96 29.27 11.53
C TYR D 82 -2.20 29.55 10.05
N SER D 83 -1.52 30.58 9.46
CA SER D 83 -1.61 30.81 7.99
C SER D 83 -1.14 29.57 7.25
N VAL D 84 -0.17 28.83 7.85
CA VAL D 84 0.37 27.58 7.28
C VAL D 84 -0.68 26.47 7.16
N THR D 85 -1.82 26.56 7.88
CA THR D 85 -2.85 25.52 7.91
C THR D 85 -3.95 25.76 6.87
N ALA D 86 -3.87 26.89 6.15
CA ALA D 86 -4.87 27.31 5.18
C ALA D 86 -5.29 26.18 4.25
N ASN D 87 -6.62 26.08 4.03
CA ASN D 87 -7.27 25.12 3.12
C ASN D 87 -7.05 23.65 3.51
N SER D 88 -7.02 23.37 4.81
CA SER D 88 -6.90 21.99 5.26
C SER D 88 -8.30 21.38 5.17
N LYS D 89 -8.37 20.11 4.74
CA LYS D 89 -9.58 19.29 4.66
C LYS D 89 -9.88 18.74 6.05
N LEU D 90 -8.79 18.40 6.79
CA LEU D 90 -8.79 17.82 8.12
C LEU D 90 -7.68 18.44 8.93
N VAL D 91 -8.07 18.84 10.13
CA VAL D 91 -7.19 19.45 11.11
C VAL D 91 -7.28 18.60 12.38
N ILE D 92 -6.14 18.01 12.75
CA ILE D 92 -5.97 17.10 13.88
C ILE D 92 -5.34 17.84 15.05
N ILE D 93 -6.06 17.88 16.17
CA ILE D 93 -5.64 18.66 17.35
C ILE D 93 -5.02 17.72 18.38
N THR D 94 -3.70 17.79 18.57
CA THR D 94 -2.99 16.92 19.54
C THR D 94 -2.20 17.79 20.56
N ALA D 95 -2.64 19.05 20.76
CA ALA D 95 -1.96 19.98 21.65
C ALA D 95 -2.52 19.91 23.09
N GLY D 96 -1.69 20.27 24.06
CA GLY D 96 -2.11 20.30 25.45
C GLY D 96 -1.34 19.43 26.41
N ALA D 97 -1.71 19.55 27.69
CA ALA D 97 -1.17 18.76 28.78
C ALA D 97 -1.55 17.34 28.58
N ARG D 98 -0.67 16.45 29.01
CA ARG D 98 -0.94 15.03 28.98
C ARG D 98 -0.85 14.49 30.42
N GLN D 99 -1.50 13.36 30.70
CA GLN D 99 -1.48 12.88 32.07
C GLN D 99 -0.20 12.21 32.52
N GLN D 100 0.16 12.47 33.79
CA GLN D 100 1.30 11.85 34.45
C GLN D 100 0.84 10.46 34.84
N GLU D 101 1.77 9.62 35.28
CA GLU D 101 1.48 8.29 35.80
C GLU D 101 0.43 8.43 36.93
N GLY D 102 -0.69 7.71 36.77
CA GLY D 102 -1.77 7.69 37.75
C GLY D 102 -2.61 8.96 37.88
N GLU D 103 -2.54 9.84 36.88
CA GLU D 103 -3.37 11.04 36.82
C GLU D 103 -4.47 10.77 35.82
N SER D 104 -5.68 11.21 36.14
CA SER D 104 -6.87 11.04 35.32
C SER D 104 -6.85 12.01 34.11
N ARG D 105 -7.39 11.57 32.95
CA ARG D 105 -7.48 12.44 31.75
C ARG D 105 -8.35 13.67 32.07
N LEU D 106 -9.39 13.45 32.88
CA LEU D 106 -10.32 14.50 33.29
C LEU D 106 -9.61 15.64 34.05
N ASN D 107 -8.43 15.36 34.66
CA ASN D 107 -7.63 16.35 35.42
C ASN D 107 -6.98 17.39 34.51
N LEU D 108 -6.83 17.08 33.22
CA LEU D 108 -6.23 17.98 32.21
C LEU D 108 -7.23 19.02 31.67
N VAL D 109 -8.51 18.89 32.04
CA VAL D 109 -9.61 19.67 31.45
C VAL D 109 -9.41 21.21 31.31
N GLN D 110 -9.13 21.95 32.41
CA GLN D 110 -8.96 23.39 32.37
C GLN D 110 -7.73 23.88 31.61
N ARG D 111 -6.59 23.17 31.72
CA ARG D 111 -5.37 23.49 30.97
C ARG D 111 -5.60 23.39 29.48
N ASN D 112 -6.27 22.29 29.02
CA ASN D 112 -6.51 22.12 27.61
C ASN D 112 -7.58 23.01 27.02
N VAL D 113 -8.65 23.30 27.81
CA VAL D 113 -9.74 24.23 27.41
C VAL D 113 -9.10 25.59 27.15
N ASN D 114 -8.25 26.10 28.09
CA ASN D 114 -7.50 27.36 27.90
C ASN D 114 -6.69 27.34 26.59
N ILE D 115 -6.04 26.23 26.28
CA ILE D 115 -5.27 26.09 25.03
C ILE D 115 -6.19 26.09 23.78
N PHE D 116 -7.36 25.43 23.89
CA PHE D 116 -8.36 25.34 22.81
C PHE D 116 -8.97 26.71 22.50
N LYS D 117 -9.06 27.61 23.51
CA LYS D 117 -9.55 28.99 23.34
C LYS D 117 -8.65 29.78 22.39
N PHE D 118 -7.35 29.40 22.30
CA PHE D 118 -6.42 30.03 21.35
C PHE D 118 -6.39 29.28 20.01
N ILE D 119 -6.28 27.93 20.03
CA ILE D 119 -6.16 27.14 18.82
C ILE D 119 -7.38 27.14 17.89
N ILE D 120 -8.55 26.75 18.43
CA ILE D 120 -9.78 26.57 17.64
C ILE D 120 -10.14 27.79 16.77
N PRO D 121 -10.16 29.04 17.29
CA PRO D 121 -10.52 30.19 16.43
C PRO D 121 -9.54 30.38 15.28
N ASN D 122 -8.24 30.07 15.50
CA ASN D 122 -7.20 30.18 14.47
C ASN D 122 -7.34 29.15 13.36
N VAL D 123 -7.64 27.89 13.74
CA VAL D 123 -7.84 26.80 12.79
C VAL D 123 -9.02 27.18 11.87
N VAL D 124 -10.13 27.61 12.49
CA VAL D 124 -11.38 27.99 11.83
C VAL D 124 -11.16 29.15 10.84
N LYS D 125 -10.37 30.16 11.25
CA LYS D 125 -10.00 31.32 10.45
C LYS D 125 -9.32 30.89 9.16
N TYR D 126 -8.42 29.89 9.21
CA TYR D 126 -7.73 29.46 7.99
C TYR D 126 -8.34 28.33 7.16
N SER D 127 -9.10 27.42 7.78
CA SER D 127 -9.81 26.33 7.11
C SER D 127 -11.27 26.33 7.61
N PRO D 128 -12.11 27.32 7.22
CA PRO D 128 -13.51 27.35 7.73
C PRO D 128 -14.38 26.16 7.32
N GLN D 129 -13.96 25.41 6.33
CA GLN D 129 -14.70 24.25 5.82
C GLN D 129 -14.10 22.92 6.24
N CYS D 130 -13.08 22.96 7.13
CA CYS D 130 -12.41 21.73 7.55
C CYS D 130 -13.28 20.84 8.44
N LYS D 131 -12.86 19.58 8.55
CA LYS D 131 -13.36 18.66 9.56
C LYS D 131 -12.32 18.84 10.67
N LEU D 132 -12.79 18.89 11.92
CA LEU D 132 -11.95 19.01 13.11
C LEU D 132 -11.88 17.64 13.78
N LEU D 133 -10.69 17.04 13.87
CA LEU D 133 -10.49 15.75 14.56
C LEU D 133 -9.73 16.04 15.86
N ILE D 134 -10.44 15.92 17.00
CA ILE D 134 -9.90 16.22 18.35
C ILE D 134 -9.30 14.99 18.95
N VAL D 135 -8.01 15.08 19.34
CA VAL D 135 -7.29 13.94 19.92
C VAL D 135 -6.92 14.18 21.41
N SER D 136 -6.52 15.42 21.74
CA SER D 136 -6.19 15.94 23.08
C SER D 136 -7.23 15.50 24.12
N ASN D 137 -6.81 15.27 25.37
CA ASN D 137 -7.72 14.78 26.39
C ASN D 137 -8.16 15.79 27.44
N PRO D 138 -9.34 15.59 28.08
CA PRO D 138 -10.34 14.53 27.87
C PRO D 138 -11.07 14.80 26.57
N VAL D 139 -10.78 13.91 25.61
CA VAL D 139 -11.24 14.01 24.23
C VAL D 139 -12.71 14.23 24.07
N ASP D 140 -13.53 13.54 24.87
CA ASP D 140 -14.99 13.67 24.74
C ASP D 140 -15.38 15.12 25.04
N ILE D 141 -14.84 15.67 26.16
CA ILE D 141 -15.10 17.03 26.58
C ILE D 141 -14.50 18.07 25.62
N LEU D 142 -13.22 17.89 25.22
CA LEU D 142 -12.57 18.79 24.28
C LEU D 142 -13.23 18.81 22.85
N THR D 143 -13.95 17.74 22.47
CA THR D 143 -14.70 17.71 21.19
C THR D 143 -15.90 18.65 21.35
N TYR D 144 -16.56 18.60 22.54
CA TYR D 144 -17.67 19.52 22.83
C TYR D 144 -17.14 20.97 22.85
N VAL D 145 -16.00 21.19 23.51
CA VAL D 145 -15.35 22.48 23.59
C VAL D 145 -15.02 22.99 22.19
N ALA D 146 -14.31 22.18 21.38
CA ALA D 146 -14.01 22.58 20.01
C ALA D 146 -15.27 22.93 19.19
N TRP D 147 -16.38 22.17 19.36
CA TRP D 147 -17.64 22.38 18.64
C TRP D 147 -18.25 23.74 19.02
N LYS D 148 -18.30 24.05 20.32
CA LYS D 148 -18.82 25.31 20.84
C LYS D 148 -17.99 26.51 20.38
N ILE D 149 -16.65 26.41 20.41
CA ILE D 149 -15.74 27.50 20.01
C ILE D 149 -15.79 27.75 18.48
N SER D 150 -15.65 26.68 17.70
CA SER D 150 -15.63 26.73 16.23
C SER D 150 -16.88 27.32 15.61
N GLY D 151 -18.04 26.95 16.18
CA GLY D 151 -19.36 27.25 15.65
C GLY D 151 -19.67 26.38 14.43
N PHE D 152 -18.84 25.31 14.21
CA PHE D 152 -18.96 24.35 13.09
C PHE D 152 -20.15 23.47 13.32
N PRO D 153 -20.81 22.90 12.26
CA PRO D 153 -21.93 21.99 12.54
C PRO D 153 -21.35 20.72 13.17
N LYS D 154 -22.15 20.02 13.99
CA LYS D 154 -21.72 18.81 14.73
C LYS D 154 -21.07 17.68 13.91
N ASN D 155 -21.48 17.53 12.62
CA ASN D 155 -20.89 16.48 11.77
C ASN D 155 -19.39 16.67 11.51
N ARG D 156 -18.90 17.92 11.56
CA ARG D 156 -17.50 18.26 11.27
C ARG D 156 -16.57 18.40 12.48
N VAL D 157 -17.05 18.02 13.68
CA VAL D 157 -16.26 18.10 14.90
C VAL D 157 -16.29 16.73 15.54
N ILE D 158 -15.19 16.01 15.35
CA ILE D 158 -15.05 14.60 15.73
C ILE D 158 -13.95 14.38 16.78
N GLY D 159 -14.22 13.50 17.74
CA GLY D 159 -13.25 13.11 18.74
C GLY D 159 -12.77 11.70 18.46
N SER D 160 -11.44 11.50 18.55
CA SER D 160 -10.79 10.19 18.33
C SER D 160 -11.46 9.14 19.22
N GLY D 161 -11.99 9.58 20.36
CA GLY D 161 -12.76 8.78 21.31
C GLY D 161 -12.32 7.35 21.58
N CYS D 162 -13.26 6.40 21.40
CA CYS D 162 -13.04 4.98 21.70
C CYS D 162 -12.54 4.12 20.54
N ASN D 163 -12.09 4.75 19.43
CA ASN D 163 -11.54 4.00 18.30
C ASN D 163 -10.33 3.14 18.80
N LEU D 164 -9.51 3.73 19.68
CA LEU D 164 -8.35 3.06 20.25
C LEU D 164 -8.80 2.02 21.28
N ASP D 165 -9.81 2.35 22.11
CA ASP D 165 -10.27 1.45 23.17
C ASP D 165 -10.79 0.21 22.53
N SER D 166 -11.54 0.37 21.43
CA SER D 166 -12.06 -0.74 20.66
C SER D 166 -10.96 -1.54 19.97
N ALA D 167 -9.90 -0.89 19.41
CA ALA D 167 -8.80 -1.64 18.78
C ALA D 167 -8.07 -2.49 19.83
N ARG D 168 -7.87 -1.93 21.07
CA ARG D 168 -7.25 -2.63 22.18
C ARG D 168 -8.07 -3.85 22.57
N PHE D 169 -9.39 -3.68 22.71
CA PHE D 169 -10.31 -4.75 23.08
C PHE D 169 -10.18 -5.92 22.07
N ARG D 170 -10.18 -5.56 20.79
CA ARG D 170 -10.06 -6.48 19.66
C ARG D 170 -8.69 -7.17 19.62
N TYR D 171 -7.60 -6.43 19.97
CA TYR D 171 -6.29 -7.06 20.05
C TYR D 171 -6.29 -8.12 21.15
N LEU D 172 -6.82 -7.77 22.33
CA LEU D 172 -6.83 -8.66 23.50
C LEU D 172 -7.69 -9.92 23.28
N MET D 173 -8.83 -9.75 22.58
CA MET D 173 -9.76 -10.82 22.26
C MET D 173 -9.08 -11.77 21.26
N GLY D 174 -8.40 -11.17 20.27
CA GLY D 174 -7.65 -11.87 19.23
C GLY D 174 -6.59 -12.75 19.84
N GLU D 175 -5.78 -12.17 20.74
CA GLU D 175 -4.72 -12.87 21.51
C GLU D 175 -5.31 -14.04 22.28
N ARG D 176 -6.51 -13.87 22.87
CA ARG D 176 -7.17 -14.94 23.63
C ARG D 176 -7.71 -16.05 22.71
N LEU D 177 -8.26 -15.69 21.57
CA LEU D 177 -8.86 -16.69 20.67
C LEU D 177 -7.94 -17.28 19.60
N GLY D 178 -6.73 -16.74 19.45
CA GLY D 178 -5.81 -17.12 18.37
C GLY D 178 -6.38 -16.75 17.00
N VAL D 179 -7.01 -15.56 16.92
CA VAL D 179 -7.64 -15.06 15.67
C VAL D 179 -7.09 -13.65 15.46
N HIS D 180 -6.89 -13.25 14.20
CA HIS D 180 -6.43 -11.90 13.89
C HIS D 180 -7.45 -10.86 14.46
N PRO D 181 -7.00 -9.70 15.04
CA PRO D 181 -7.97 -8.71 15.54
C PRO D 181 -9.01 -8.22 14.47
N LEU D 182 -8.68 -8.34 13.14
CA LEU D 182 -9.57 -7.97 12.05
C LEU D 182 -10.85 -8.83 12.06
N SER D 183 -10.76 -10.08 12.55
CA SER D 183 -11.87 -11.00 12.57
C SER D 183 -12.55 -11.14 13.94
N CYS D 184 -12.08 -10.37 14.95
CA CYS D 184 -12.63 -10.31 16.31
C CYS D 184 -13.39 -9.01 16.46
N HIS D 185 -14.69 -9.07 16.74
CA HIS D 185 -15.53 -7.89 16.83
C HIS D 185 -15.99 -7.62 18.26
N GLY D 186 -15.70 -6.42 18.73
CA GLY D 186 -16.10 -5.93 20.04
C GLY D 186 -16.12 -4.42 20.03
N TRP D 187 -17.13 -3.82 20.69
CA TRP D 187 -17.30 -2.36 20.77
C TRP D 187 -17.14 -1.82 22.20
N VAL D 188 -16.28 -0.79 22.37
CA VAL D 188 -16.09 -0.10 23.66
C VAL D 188 -16.65 1.31 23.43
N LEU D 189 -17.71 1.66 24.18
CA LEU D 189 -18.35 2.95 23.98
C LEU D 189 -18.24 3.86 25.21
N GLY D 190 -18.76 5.09 25.11
CA GLY D 190 -18.76 6.04 26.22
C GLY D 190 -17.51 6.86 26.26
N GLU D 191 -17.05 7.18 27.46
CA GLU D 191 -15.86 7.98 27.63
C GLU D 191 -14.61 7.22 27.21
N HIS D 192 -13.65 7.88 26.45
CA HIS D 192 -12.32 7.29 26.23
C HIS D 192 -11.55 7.48 27.60
N GLY D 193 -11.78 6.54 28.51
CA GLY D 193 -11.20 6.57 29.84
C GLY D 193 -11.81 5.56 30.77
N ASP D 194 -11.81 5.90 32.08
CA ASP D 194 -12.27 5.02 33.14
C ASP D 194 -13.71 4.61 33.09
N SER D 195 -14.61 5.48 32.60
CA SER D 195 -16.01 5.06 32.56
C SER D 195 -16.42 4.41 31.20
N SER D 196 -15.46 4.02 30.34
CA SER D 196 -15.79 3.35 29.04
C SER D 196 -16.65 2.10 29.28
N VAL D 197 -17.51 1.77 28.31
CA VAL D 197 -18.48 0.67 28.38
C VAL D 197 -18.23 -0.45 27.35
N PRO D 198 -17.90 -1.69 27.83
CA PRO D 198 -17.76 -2.83 26.88
C PRO D 198 -19.16 -3.35 26.48
N VAL D 199 -19.47 -3.43 25.19
CA VAL D 199 -20.80 -3.92 24.76
C VAL D 199 -20.72 -5.44 24.56
N TRP D 200 -20.79 -6.20 25.67
CA TRP D 200 -20.70 -7.66 25.66
C TRP D 200 -21.67 -8.37 24.71
N SER D 201 -22.86 -7.78 24.50
CA SER D 201 -23.92 -8.32 23.64
C SER D 201 -23.50 -8.32 22.16
N GLY D 202 -22.54 -7.46 21.82
CA GLY D 202 -22.06 -7.35 20.46
C GLY D 202 -20.76 -8.07 20.16
N VAL D 203 -20.11 -8.65 21.20
CA VAL D 203 -18.82 -9.35 21.05
C VAL D 203 -19.00 -10.66 20.26
N ASN D 204 -18.31 -10.80 19.12
CA ASN D 204 -18.46 -11.95 18.23
C ASN D 204 -17.30 -12.22 17.29
N VAL D 205 -17.22 -13.47 16.81
CA VAL D 205 -16.32 -13.93 15.78
C VAL D 205 -17.21 -14.57 14.73
N ALA D 206 -17.13 -14.07 13.50
CA ALA D 206 -17.89 -14.52 12.35
C ALA D 206 -19.41 -14.57 12.61
N GLY D 207 -19.93 -13.54 13.23
CA GLY D 207 -21.34 -13.44 13.62
C GLY D 207 -21.76 -14.35 14.77
N VAL D 208 -20.78 -15.06 15.41
CA VAL D 208 -21.07 -15.97 16.53
C VAL D 208 -20.89 -15.20 17.83
N SER D 209 -21.99 -14.94 18.53
CA SER D 209 -21.96 -14.19 19.78
C SER D 209 -21.24 -14.96 20.89
N LEU D 210 -20.23 -14.33 21.50
CA LEU D 210 -19.50 -14.93 22.61
C LEU D 210 -20.42 -15.11 23.84
N LYS D 211 -21.34 -14.13 24.06
CA LYS D 211 -22.32 -14.16 25.14
C LYS D 211 -23.33 -15.31 25.00
N SER D 212 -23.75 -15.66 23.76
CA SER D 212 -24.66 -16.79 23.56
C SER D 212 -23.94 -18.10 23.93
N LEU D 213 -22.61 -18.18 23.70
CA LEU D 213 -21.80 -19.35 24.06
C LEU D 213 -21.53 -19.33 25.57
N ASN D 214 -21.14 -18.16 26.10
CA ASN D 214 -20.86 -17.97 27.51
C ASN D 214 -21.85 -16.92 28.04
N PRO D 215 -23.00 -17.34 28.64
CA PRO D 215 -23.98 -16.35 29.13
C PRO D 215 -23.45 -15.40 30.20
N GLN D 216 -22.42 -15.81 30.97
CA GLN D 216 -21.79 -14.98 32.03
C GLN D 216 -20.66 -14.07 31.54
N LEU D 217 -20.39 -14.04 30.20
CA LEU D 217 -19.35 -13.21 29.58
C LEU D 217 -19.39 -11.76 30.10
N GLY D 218 -18.24 -11.30 30.58
CA GLY D 218 -18.06 -9.95 31.10
C GLY D 218 -18.66 -9.68 32.47
N THR D 219 -19.21 -10.71 33.12
CA THR D 219 -19.79 -10.59 34.47
C THR D 219 -18.80 -11.08 35.52
N ASP D 220 -19.13 -10.96 36.82
CA ASP D 220 -18.26 -11.45 37.89
C ASP D 220 -18.26 -13.00 37.91
N ALA D 221 -19.39 -13.60 37.51
CA ALA D 221 -19.61 -15.05 37.47
C ALA D 221 -18.82 -15.77 36.37
N ASP D 222 -18.43 -15.02 35.32
CA ASP D 222 -17.65 -15.50 34.18
C ASP D 222 -16.38 -16.21 34.69
N LYS D 223 -16.32 -17.53 34.45
CA LYS D 223 -15.24 -18.44 34.84
C LYS D 223 -13.91 -18.04 34.22
N GLU D 224 -13.95 -17.55 32.97
CA GLU D 224 -12.75 -17.12 32.23
C GLU D 224 -12.38 -15.65 32.42
N GLN D 225 -13.19 -14.91 33.21
CA GLN D 225 -13.00 -13.50 33.57
C GLN D 225 -12.75 -12.53 32.38
N TRP D 226 -13.66 -12.52 31.37
CA TRP D 226 -13.56 -11.62 30.22
C TRP D 226 -13.64 -10.15 30.58
N LYS D 227 -14.29 -9.83 31.74
CA LYS D 227 -14.33 -8.50 32.35
C LYS D 227 -12.88 -7.95 32.48
N ASP D 228 -11.89 -8.84 32.68
N ASP D 228 -11.85 -8.82 32.72
CA ASP D 228 -10.47 -8.50 32.77
CA ASP D 228 -10.47 -8.32 32.79
C ASP D 228 -9.93 -7.93 31.45
C ASP D 228 -9.96 -7.82 31.44
N VAL D 229 -10.56 -8.28 30.29
CA VAL D 229 -10.16 -7.76 28.97
C VAL D 229 -10.52 -6.26 28.96
N HIS D 230 -11.74 -5.92 29.37
CA HIS D 230 -12.16 -4.52 29.47
C HIS D 230 -11.34 -3.74 30.50
N LYS D 231 -11.00 -4.37 31.64
CA LYS D 231 -10.16 -3.72 32.65
C LYS D 231 -8.78 -3.34 32.07
N GLN D 232 -8.20 -4.22 31.24
CA GLN D 232 -6.93 -4.02 30.56
C GLN D 232 -7.01 -2.86 29.55
N VAL D 233 -8.17 -2.72 28.84
CA VAL D 233 -8.46 -1.65 27.86
C VAL D 233 -8.41 -0.34 28.66
N VAL D 234 -9.16 -0.29 29.77
CA VAL D 234 -9.22 0.88 30.66
C VAL D 234 -7.84 1.21 31.25
N ASP D 235 -7.07 0.18 31.66
CA ASP D 235 -5.75 0.37 32.27
C ASP D 235 -4.63 0.58 31.26
N SER D 236 -4.86 0.31 29.95
CA SER D 236 -3.85 0.42 28.89
C SER D 236 -2.93 1.64 28.92
N ALA D 237 -3.47 2.88 28.79
CA ALA D 237 -2.65 4.10 28.79
C ALA D 237 -1.80 4.17 30.10
N TYR D 238 -2.41 3.91 31.27
N TYR D 238 -2.39 3.85 31.27
CA TYR D 238 -1.70 3.94 32.56
CA TYR D 238 -1.67 3.80 32.55
C TYR D 238 -0.53 2.96 32.63
C TYR D 238 -0.49 2.83 32.50
N GLU D 239 -0.72 1.71 32.14
N GLU D 239 -0.75 1.58 32.05
CA GLU D 239 0.36 0.71 32.13
CA GLU D 239 0.29 0.52 31.98
C GLU D 239 1.47 1.08 31.13
C GLU D 239 1.45 0.93 31.07
N VAL D 240 1.11 1.56 29.91
CA VAL D 240 2.10 2.01 28.91
C VAL D 240 2.87 3.28 29.42
N ILE D 241 2.17 4.27 30.00
CA ILE D 241 2.79 5.46 30.60
C ILE D 241 3.77 5.00 31.71
N LYS D 242 3.36 4.05 32.58
CA LYS D 242 4.20 3.49 33.66
C LYS D 242 5.50 2.86 33.10
N LEU D 243 5.40 2.12 31.97
CA LEU D 243 6.53 1.46 31.28
C LEU D 243 7.44 2.40 30.43
N LYS D 244 6.86 3.17 29.48
CA LYS D 244 7.60 4.04 28.53
C LYS D 244 7.49 5.55 28.73
N GLY D 245 6.64 6.02 29.64
CA GLY D 245 6.50 7.44 29.94
C GLY D 245 5.35 8.14 29.25
N TYR D 246 4.74 7.50 28.22
CA TYR D 246 3.65 8.05 27.43
C TYR D 246 3.18 6.97 26.46
N THR D 247 2.16 7.30 25.68
CA THR D 247 1.67 6.42 24.62
C THR D 247 1.76 7.18 23.31
N SER D 248 1.97 6.46 22.19
CA SER D 248 2.09 7.15 20.92
C SER D 248 1.71 6.30 19.71
N TRP D 249 2.30 5.09 19.57
CA TRP D 249 2.08 4.23 18.39
C TRP D 249 0.66 3.88 18.09
N ALA D 250 -0.03 3.33 19.08
CA ALA D 250 -1.41 2.89 18.99
C ALA D 250 -2.41 4.03 18.69
N ILE D 251 -2.32 5.17 19.39
CA ILE D 251 -3.21 6.31 19.08
C ILE D 251 -2.92 6.89 17.69
N GLY D 252 -1.64 6.93 17.29
CA GLY D 252 -1.27 7.47 16.00
C GLY D 252 -1.91 6.69 14.87
N LEU D 253 -1.90 5.36 15.01
CA LEU D 253 -2.44 4.38 14.08
C LEU D 253 -3.96 4.48 14.12
N SER D 254 -4.56 4.70 15.33
CA SER D 254 -6.01 4.88 15.48
C SER D 254 -6.49 6.18 14.78
N VAL D 255 -5.76 7.27 15.02
CA VAL D 255 -6.01 8.56 14.39
C VAL D 255 -5.88 8.47 12.82
N ALA D 256 -4.82 7.83 12.28
CA ALA D 256 -4.64 7.63 10.82
C ALA D 256 -5.82 6.84 10.22
N ASP D 257 -6.40 5.90 11.00
CA ASP D 257 -7.53 5.05 10.60
C ASP D 257 -8.76 5.92 10.40
N LEU D 258 -8.98 6.87 11.31
CA LEU D 258 -10.06 7.84 11.25
C LEU D 258 -9.85 8.80 10.10
N ALA D 259 -8.61 9.32 9.97
CA ALA D 259 -8.21 10.18 8.84
C ALA D 259 -8.49 9.49 7.51
N GLU D 260 -8.24 8.16 7.41
CA GLU D 260 -8.50 7.37 6.19
C GLU D 260 -10.01 7.31 5.83
N SER D 261 -10.91 7.11 6.82
CA SER D 261 -12.33 7.13 6.51
C SER D 261 -12.77 8.50 5.99
N ILE D 262 -12.24 9.60 6.59
CA ILE D 262 -12.60 10.97 6.26
C ILE D 262 -12.13 11.35 4.86
N MET D 263 -10.82 11.18 4.60
CA MET D 263 -10.17 11.59 3.37
C MET D 263 -10.65 10.79 2.18
N LYS D 264 -10.83 9.49 2.37
CA LYS D 264 -11.29 8.62 1.29
C LYS D 264 -12.82 8.40 1.26
N ASN D 265 -13.61 9.21 2.03
CA ASN D 265 -15.08 9.10 2.11
C ASN D 265 -15.55 7.66 2.26
N LEU D 266 -14.94 6.92 3.21
CA LEU D 266 -15.20 5.49 3.32
C LEU D 266 -16.56 5.06 3.86
N ARG D 267 -17.13 5.84 4.79
CA ARG D 267 -18.41 5.47 5.41
C ARG D 267 -18.29 4.14 6.19
N ARG D 268 -17.11 3.99 6.80
CA ARG D 268 -16.85 2.94 7.77
C ARG D 268 -17.46 3.40 9.11
N VAL D 269 -17.75 2.42 9.98
CA VAL D 269 -18.36 2.64 11.30
C VAL D 269 -17.26 2.59 12.33
N HIS D 270 -17.08 3.68 13.09
CA HIS D 270 -16.03 3.80 14.11
C HIS D 270 -16.66 4.23 15.46
N PRO D 271 -16.17 3.75 16.61
CA PRO D 271 -16.75 4.23 17.90
C PRO D 271 -16.04 5.56 18.26
N ILE D 272 -16.65 6.73 17.94
CA ILE D 272 -16.01 8.05 18.03
C ILE D 272 -16.85 9.09 18.76
N SER D 273 -16.22 10.15 19.27
CA SER D 273 -16.90 11.17 20.06
C SER D 273 -17.80 12.03 19.21
N THR D 274 -19.10 12.02 19.56
CA THR D 274 -20.15 12.83 18.90
C THR D 274 -21.23 13.21 19.91
N MET D 275 -22.05 14.22 19.56
CA MET D 275 -23.15 14.66 20.41
C MET D 275 -24.22 13.57 20.43
N ILE D 276 -24.50 13.05 21.63
CA ILE D 276 -25.44 11.93 21.81
C ILE D 276 -26.82 12.32 22.35
N LYS D 277 -27.15 13.65 22.36
CA LYS D 277 -28.42 14.20 22.86
C LYS D 277 -29.58 13.57 22.06
N GLY D 278 -30.46 12.87 22.77
CA GLY D 278 -31.60 12.20 22.15
C GLY D 278 -31.57 10.68 22.24
N LEU D 279 -30.41 10.12 22.62
CA LEU D 279 -30.25 8.67 22.75
C LEU D 279 -30.06 8.24 24.20
N TYR D 280 -30.57 7.04 24.55
CA TYR D 280 -30.46 6.36 25.84
C TYR D 280 -30.91 7.22 27.04
N GLY D 281 -31.83 8.14 26.77
CA GLY D 281 -32.34 9.06 27.78
C GLY D 281 -31.35 10.16 28.14
N ILE D 282 -30.57 10.64 27.15
CA ILE D 282 -29.63 11.75 27.35
C ILE D 282 -30.27 13.00 26.76
N LYS D 283 -30.67 13.93 27.66
CA LYS D 283 -31.33 15.20 27.34
C LYS D 283 -30.37 16.40 27.15
N GLU D 284 -29.08 16.26 27.57
CA GLU D 284 -28.06 17.31 27.48
C GLU D 284 -27.04 17.13 26.33
N ASP D 285 -26.23 18.19 26.05
CA ASP D 285 -25.22 18.26 24.97
C ASP D 285 -23.93 17.47 25.27
N VAL D 286 -24.07 16.21 25.71
CA VAL D 286 -22.96 15.28 25.99
C VAL D 286 -22.33 14.76 24.68
N PHE D 287 -20.98 14.73 24.63
CA PHE D 287 -20.24 14.11 23.54
C PHE D 287 -19.60 12.89 24.15
N LEU D 288 -19.68 11.75 23.49
CA LEU D 288 -19.03 10.48 23.92
C LEU D 288 -19.03 9.52 22.75
N SER D 289 -18.34 8.37 22.87
CA SER D 289 -18.31 7.44 21.74
C SER D 289 -19.51 6.51 21.59
N VAL D 290 -20.06 6.51 20.37
CA VAL D 290 -21.10 5.63 19.89
C VAL D 290 -20.64 5.26 18.49
N PRO D 291 -21.11 4.14 17.87
CA PRO D 291 -20.67 3.83 16.50
C PRO D 291 -21.17 4.85 15.49
N CYS D 292 -20.27 5.46 14.67
CA CYS D 292 -20.61 6.54 13.72
C CYS D 292 -20.13 6.21 12.34
N ILE D 293 -20.95 6.51 11.35
CA ILE D 293 -20.59 6.37 9.93
C ILE D 293 -19.76 7.62 9.63
N LEU D 294 -18.51 7.41 9.24
CA LEU D 294 -17.51 8.45 9.02
C LEU D 294 -17.07 8.55 7.58
N GLY D 295 -17.21 9.74 7.01
CA GLY D 295 -16.83 10.02 5.64
C GLY D 295 -16.33 11.44 5.46
N GLN D 296 -16.41 11.92 4.20
CA GLN D 296 -15.91 13.24 3.78
C GLN D 296 -16.63 14.43 4.40
N ASN D 297 -17.82 14.23 4.94
CA ASN D 297 -18.57 15.29 5.65
C ASN D 297 -18.53 15.04 7.17
N GLY D 298 -17.59 14.20 7.59
CA GLY D 298 -17.43 13.76 8.97
C GLY D 298 -18.46 12.70 9.31
N ILE D 299 -19.16 12.90 10.46
CA ILE D 299 -20.18 11.99 11.00
C ILE D 299 -21.52 12.41 10.42
N SER D 300 -22.04 11.61 9.51
CA SER D 300 -23.31 11.85 8.83
C SER D 300 -24.44 11.06 9.50
N ASP D 301 -24.09 9.95 10.21
CA ASP D 301 -25.06 9.03 10.81
C ASP D 301 -24.51 8.33 12.04
N VAL D 302 -25.40 7.82 12.92
CA VAL D 302 -25.05 7.10 14.13
C VAL D 302 -25.78 5.76 14.17
N VAL D 303 -25.07 4.65 14.48
CA VAL D 303 -25.69 3.33 14.62
C VAL D 303 -26.33 3.29 16.01
N LYS D 304 -27.62 2.96 16.06
CA LYS D 304 -28.35 2.85 17.33
C LYS D 304 -28.03 1.47 17.92
N VAL D 305 -27.07 1.40 18.85
CA VAL D 305 -26.69 0.13 19.47
C VAL D 305 -27.77 -0.25 20.47
N THR D 306 -28.25 -1.50 20.38
CA THR D 306 -29.23 -2.03 21.32
C THR D 306 -28.49 -2.59 22.54
N LEU D 307 -28.40 -1.77 23.57
CA LEU D 307 -27.72 -2.08 24.82
C LEU D 307 -28.65 -2.82 25.79
N THR D 308 -28.08 -3.72 26.61
CA THR D 308 -28.80 -4.43 27.67
C THR D 308 -29.14 -3.39 28.75
N PRO D 309 -30.09 -3.63 29.67
CA PRO D 309 -30.35 -2.62 30.70
C PRO D 309 -29.10 -2.22 31.50
N ASP D 310 -28.14 -3.15 31.68
CA ASP D 310 -26.89 -2.85 32.40
C ASP D 310 -25.91 -2.04 31.57
N GLU D 311 -25.78 -2.38 30.28
CA GLU D 311 -24.87 -1.68 29.37
C GLU D 311 -25.35 -0.25 29.19
N GLU D 312 -26.68 -0.08 29.08
CA GLU D 312 -27.32 1.21 28.94
C GLU D 312 -27.07 2.07 30.18
N ALA D 313 -27.18 1.45 31.37
CA ALA D 313 -26.94 2.08 32.67
C ALA D 313 -25.48 2.56 32.78
N ARG D 314 -24.54 1.70 32.35
CA ARG D 314 -23.11 2.00 32.31
C ARG D 314 -22.83 3.18 31.39
N LEU D 315 -23.56 3.28 30.25
CA LEU D 315 -23.40 4.39 29.31
C LEU D 315 -23.99 5.69 29.86
N LYS D 316 -25.16 5.60 30.51
CA LYS D 316 -25.74 6.79 31.15
C LYS D 316 -24.77 7.31 32.24
N LYS D 317 -24.11 6.37 32.97
CA LYS D 317 -23.14 6.66 34.06
C LYS D 317 -21.96 7.46 33.50
N SER D 318 -21.43 7.00 32.34
CA SER D 318 -20.32 7.60 31.60
C SER D 318 -20.73 9.00 31.16
N ALA D 319 -21.98 9.16 30.61
CA ALA D 319 -22.53 10.44 30.19
C ALA D 319 -22.66 11.42 31.37
N ASP D 320 -23.17 10.93 32.52
CA ASP D 320 -23.29 11.72 33.76
C ASP D 320 -21.94 12.25 34.25
N THR D 321 -20.89 11.41 34.20
CA THR D 321 -19.50 11.74 34.58
C THR D 321 -18.98 12.91 33.71
N LEU D 322 -19.19 12.83 32.36
CA LEU D 322 -18.68 13.83 31.42
C LEU D 322 -19.45 15.15 31.49
N TRP D 323 -20.79 15.11 31.60
CA TRP D 323 -21.64 16.30 31.73
C TRP D 323 -21.38 17.10 33.04
N GLY D 324 -21.11 16.35 34.12
CA GLY D 324 -20.80 16.95 35.41
C GLY D 324 -19.61 17.87 35.28
N ILE D 325 -18.59 17.42 34.52
CA ILE D 325 -17.38 18.20 34.22
C ILE D 325 -17.62 19.19 33.08
N GLN D 326 -18.37 18.84 31.99
CA GLN D 326 -18.67 19.83 30.95
C GLN D 326 -19.27 21.10 31.57
N LYS D 327 -19.72 21.00 32.86
CA LYS D 327 -20.28 22.05 33.76
C LYS D 327 -19.16 22.73 34.62
N GLU D 328 -17.97 22.10 34.65
CA GLU D 328 -16.72 22.58 35.27
C GLU D 328 -16.04 23.59 34.28
N LEU D 329 -16.68 23.83 33.09
CA LEU D 329 -16.09 24.64 32.01
C LEU D 329 -16.44 26.09 31.83
N GLN D 330 -15.38 26.92 31.70
CA GLN D 330 -15.48 28.34 31.46
C GLN D 330 -14.66 28.72 30.23
N PHE D 331 -15.38 29.16 29.16
CA PHE D 331 -14.82 29.63 27.89
C PHE D 331 -15.86 30.48 27.16
#